data_8U4J
#
_entry.id   8U4J
#
loop_
_entity.id
_entity.type
_entity.pdbx_description
1 polymer 'Receptor tyrosine-protein kinase erbB-4'
2 polymer Betacellulin
3 branched beta-D-mannopyranose-(1-4)-2-acetamido-2-deoxy-beta-D-glucopyranose-(1-4)-2-acetamido-2-deoxy-beta-D-glucopyranose
4 branched alpha-D-mannopyranose-(1-3)-[alpha-D-mannopyranose-(1-6)]beta-D-mannopyranose-(1-4)-2-acetamido-2-deoxy-beta-D-glucopyranose-(1-4)-2-acetamido-2-deoxy-beta-D-glucopyranose
5 branched 2-acetamido-2-deoxy-beta-D-glucopyranose-(1-4)-2-acetamido-2-deoxy-beta-D-glucopyranose
6 non-polymer 2-acetamido-2-deoxy-beta-D-glucopyranose
#
loop_
_entity_poly.entity_id
_entity_poly.type
_entity_poly.pdbx_seq_one_letter_code
_entity_poly.pdbx_strand_id
1 'polypeptide(L)'
;QSVCAGTENKLSSLSDLEQQYRALRKYYENCEVVMGNLEITSIEHNRDLSFLRSVREVTGYVLVALNQFRYLPLENLRII
RGTKLYEDRYALAIFLNYRKDGNFGLQELGLKNLTEILNGGVYVDQNKFLCYADTIHWQDIVRNPWPSNLTLVSTNGSSG
CGRCHKSCTGRCWGPTENHCQTLTRTVCAEQCDGRCYGPYVSDCCHRECAGGCSGPKDTDCFACMNFNDSGACVTQCPQT
FVYNPTTFQLEHNFNAKYTYGAFCVKKCPHNFVVDSSSCVRACPSSKMEVEENGIKMCKPCTDICPKACDGIGTGSLMSA
QTVDSSNIDKFINCTKINGNLIFLVTGIHGDPYNAIEAIDPEKLNVFRTVREITGFLNIQSWPPNMTDFSVFSNLVTIGG
RVLYSGLSLLILKQQGITSLQFQSLKEISAGNIYITDNSNLCYYHTINWTTLFSTINQRIVIRDNRKAENCTAEGMVCNH
LCSSDGCWGPGPDQCLSCRRFSRGRICIESCNLYDGEFREFENGSICVECDPQCEKMEDGLLTCHGPGPDNCTKCSHFKD
GPNCVEKCPDGLQGANSFIFKYADPDRECHPCHPNCTQGCNGPTSHDCIY
;
A,B
2 'polypeptide(L)' GHFSRCPKQYKHYCIKGRCRFVVAEQTPSCVCDEGYIGARCERVDLFY C,D
#
loop_
_chem_comp.id
_chem_comp.type
_chem_comp.name
_chem_comp.formula
BMA D-saccharide, beta linking beta-D-mannopyranose 'C6 H12 O6'
MAN D-saccharide, alpha linking alpha-D-mannopyranose 'C6 H12 O6'
NAG D-saccharide, beta linking 2-acetamido-2-deoxy-beta-D-glucopyranose 'C8 H15 N O6'
#
# COMPACT_ATOMS: atom_id res chain seq x y z
N GLN A 1 21.13 -2.27 -23.57
CA GLN A 1 20.38 -3.21 -24.41
C GLN A 1 19.52 -2.45 -25.43
N SER A 2 19.60 -2.77 -26.72
CA SER A 2 18.89 -2.00 -27.76
C SER A 2 17.46 -2.45 -27.98
N VAL A 3 16.51 -1.53 -27.80
CA VAL A 3 15.07 -1.79 -27.80
C VAL A 3 14.36 -0.99 -28.89
N CYS A 4 13.45 -1.63 -29.62
CA CYS A 4 12.66 -1.03 -30.70
C CYS A 4 11.17 -1.37 -30.56
N ALA A 5 10.30 -0.51 -31.10
CA ALA A 5 8.86 -0.55 -30.81
C ALA A 5 8.01 -1.48 -31.71
N GLY A 6 8.43 -1.73 -32.95
CA GLY A 6 7.68 -2.56 -33.89
C GLY A 6 6.47 -1.87 -34.54
N THR A 7 5.61 -2.63 -35.21
CA THR A 7 4.49 -2.15 -36.04
C THR A 7 3.17 -2.87 -35.78
N GLU A 8 2.08 -2.35 -36.33
CA GLU A 8 0.72 -2.94 -36.26
C GLU A 8 0.03 -2.87 -37.63
N ASN A 9 0.65 -3.39 -38.67
CA ASN A 9 0.11 -3.37 -40.03
C ASN A 9 -0.64 -4.65 -40.40
N LYS A 10 -0.45 -5.75 -39.67
CA LYS A 10 -0.98 -7.07 -40.04
C LYS A 10 -0.51 -7.41 -41.47
N LEU A 11 -1.41 -7.64 -42.41
CA LEU A 11 -1.05 -7.92 -43.81
C LEU A 11 -1.09 -6.70 -44.76
N SER A 12 -1.33 -5.49 -44.28
CA SER A 12 -1.35 -4.27 -45.11
C SER A 12 0.06 -3.82 -45.49
N SER A 13 0.21 -3.00 -46.53
CA SER A 13 1.53 -2.53 -46.99
C SER A 13 1.53 -1.16 -47.65
N LEU A 14 2.73 -0.61 -47.82
CA LEU A 14 2.97 0.60 -48.59
C LEU A 14 2.84 0.33 -50.09
N SER A 15 2.63 1.41 -50.86
CA SER A 15 2.38 1.39 -52.30
C SER A 15 3.57 0.91 -53.15
N ASP A 16 4.78 0.82 -52.60
CA ASP A 16 5.96 0.39 -53.34
C ASP A 16 6.82 -0.57 -52.51
N LEU A 17 7.28 -1.67 -53.12
CA LEU A 17 8.02 -2.72 -52.42
C LEU A 17 9.38 -2.25 -51.91
N GLU A 18 10.00 -1.27 -52.58
CA GLU A 18 11.22 -0.63 -52.11
C GLU A 18 10.98 0.21 -50.85
N GLN A 19 9.86 0.92 -50.74
CA GLN A 19 9.52 1.65 -49.53
C GLN A 19 9.18 0.67 -48.40
N GLN A 20 8.54 -0.45 -48.70
CA GLN A 20 8.21 -1.46 -47.70
C GLN A 20 9.47 -2.09 -47.10
N TYR A 21 10.49 -2.41 -47.90
CA TYR A 21 11.77 -2.86 -47.39
C TYR A 21 12.49 -1.78 -46.57
N ARG A 22 12.56 -0.54 -47.05
CA ARG A 22 13.21 0.55 -46.29
C ARG A 22 12.55 0.77 -44.94
N ALA A 23 11.23 0.68 -44.85
CA ALA A 23 10.53 0.78 -43.58
C ALA A 23 10.95 -0.35 -42.62
N LEU A 24 11.00 -1.58 -43.12
CA LEU A 24 11.43 -2.71 -42.31
C LEU A 24 12.83 -2.47 -41.72
N ARG A 25 13.77 -1.91 -42.49
CA ARG A 25 15.09 -1.51 -41.96
C ARG A 25 14.96 -0.46 -40.87
N LYS A 26 14.19 0.62 -41.11
CA LYS A 26 14.05 1.72 -40.14
C LYS A 26 13.43 1.27 -38.82
N TYR A 27 12.51 0.32 -38.81
CA TYR A 27 11.89 -0.14 -37.55
C TYR A 27 12.75 -1.15 -36.79
N TYR A 28 13.39 -2.10 -37.48
CA TYR A 28 14.01 -3.27 -36.84
C TYR A 28 15.52 -3.39 -36.99
N GLU A 29 16.21 -2.49 -37.69
CA GLU A 29 17.68 -2.55 -37.78
C GLU A 29 18.35 -2.11 -36.45
N ASN A 30 19.40 -2.81 -36.04
CA ASN A 30 20.20 -2.54 -34.83
C ASN A 30 19.43 -2.60 -33.48
N CYS A 31 18.50 -3.54 -33.31
CA CYS A 31 17.84 -3.81 -32.01
C CYS A 31 17.72 -5.30 -31.68
N GLU A 32 17.59 -5.63 -30.39
CA GLU A 32 17.54 -7.01 -29.89
C GLU A 32 16.29 -7.39 -29.09
N VAL A 33 15.58 -6.45 -28.48
CA VAL A 33 14.29 -6.72 -27.82
C VAL A 33 13.20 -5.86 -28.44
N VAL A 34 12.11 -6.47 -28.89
CA VAL A 34 11.01 -5.77 -29.57
C VAL A 34 9.87 -5.54 -28.58
N MET A 35 9.45 -4.30 -28.40
CA MET A 35 8.34 -3.89 -27.50
C MET A 35 6.99 -3.90 -28.23
N GLY A 36 6.78 -4.89 -29.07
CA GLY A 36 5.60 -5.05 -29.91
C GLY A 36 5.77 -6.23 -30.83
N ASN A 37 5.17 -6.17 -32.02
CA ASN A 37 5.18 -7.26 -32.96
C ASN A 37 6.39 -7.20 -33.91
N LEU A 38 6.78 -8.33 -34.46
CA LEU A 38 7.68 -8.40 -35.60
C LEU A 38 6.86 -8.75 -36.82
N GLU A 39 6.68 -7.84 -37.77
CA GLU A 39 5.82 -8.07 -38.94
C GLU A 39 6.63 -7.97 -40.22
N ILE A 40 6.93 -9.11 -40.83
CA ILE A 40 7.73 -9.19 -42.05
C ILE A 40 6.81 -9.58 -43.20
N THR A 41 6.40 -8.63 -44.04
CA THR A 41 5.47 -8.92 -45.14
C THR A 41 5.89 -8.32 -46.48
N SER A 42 5.49 -9.01 -47.55
CA SER A 42 5.70 -8.61 -48.95
C SER A 42 7.15 -8.32 -49.36
N ILE A 43 8.15 -8.89 -48.71
CA ILE A 43 9.56 -8.68 -49.06
C ILE A 43 9.95 -9.53 -50.27
N GLU A 44 10.64 -8.92 -51.23
CA GLU A 44 11.01 -9.54 -52.51
C GLU A 44 12.02 -10.69 -52.40
N HIS A 45 12.20 -11.42 -53.50
CA HIS A 45 13.02 -12.64 -53.61
C HIS A 45 14.51 -12.42 -53.38
N ASN A 46 14.99 -11.19 -53.58
CA ASN A 46 16.41 -10.83 -53.48
C ASN A 46 16.57 -9.54 -52.67
N ARG A 47 16.65 -9.68 -51.35
CA ARG A 47 16.86 -8.61 -50.37
C ARG A 47 17.80 -9.06 -49.28
N ASP A 48 18.56 -8.13 -48.72
CA ASP A 48 19.41 -8.39 -47.57
C ASP A 48 18.58 -8.27 -46.28
N LEU A 49 18.27 -9.39 -45.63
CA LEU A 49 17.55 -9.42 -44.34
C LEU A 49 18.47 -9.76 -43.16
N SER A 50 19.78 -9.73 -43.33
CA SER A 50 20.74 -10.09 -42.28
C SER A 50 20.67 -9.17 -41.06
N PHE A 51 20.10 -7.97 -41.18
CA PHE A 51 19.88 -7.06 -40.06
C PHE A 51 18.93 -7.62 -38.99
N LEU A 52 18.08 -8.62 -39.31
CA LEU A 52 17.15 -9.23 -38.35
C LEU A 52 17.82 -10.24 -37.40
N ARG A 53 19.09 -10.60 -37.63
CA ARG A 53 19.82 -11.57 -36.78
C ARG A 53 20.06 -11.11 -35.35
N SER A 54 20.01 -9.80 -35.07
CA SER A 54 20.19 -9.31 -33.70
C SER A 54 18.98 -9.49 -32.80
N VAL A 55 17.80 -9.87 -33.30
CA VAL A 55 16.58 -10.00 -32.47
C VAL A 55 16.68 -11.24 -31.57
N ARG A 56 16.52 -11.07 -30.26
CA ARG A 56 16.60 -12.13 -29.25
C ARG A 56 15.27 -12.39 -28.55
N GLU A 57 14.44 -11.37 -28.39
CA GLU A 57 13.14 -11.51 -27.73
C GLU A 57 12.09 -10.64 -28.40
N VAL A 58 10.88 -11.19 -28.56
CA VAL A 58 9.72 -10.48 -29.10
C VAL A 58 8.59 -10.45 -28.08
N THR A 59 8.13 -9.25 -27.71
CA THR A 59 7.05 -9.07 -26.74
C THR A 59 5.68 -9.47 -27.29
N GLY A 60 5.36 -9.08 -28.51
CA GLY A 60 4.10 -9.43 -29.18
C GLY A 60 4.22 -10.66 -30.06
N TYR A 61 3.46 -10.71 -31.15
CA TYR A 61 3.50 -11.84 -32.08
C TYR A 61 4.56 -11.66 -33.18
N VAL A 62 4.99 -12.76 -33.77
CA VAL A 62 5.86 -12.80 -34.94
C VAL A 62 5.02 -13.23 -36.14
N LEU A 63 4.85 -12.36 -37.11
CA LEU A 63 4.07 -12.60 -38.33
C LEU A 63 5.00 -12.62 -39.52
N VAL A 64 5.02 -13.71 -40.30
CA VAL A 64 5.83 -13.82 -41.51
C VAL A 64 4.92 -14.22 -42.66
N ALA A 65 4.58 -13.32 -43.57
CA ALA A 65 3.57 -13.63 -44.58
C ALA A 65 3.73 -12.93 -45.93
N LEU A 66 3.31 -13.64 -46.99
CA LEU A 66 3.28 -13.19 -48.39
C LEU A 66 4.66 -12.79 -48.99
N ASN A 67 5.77 -13.28 -48.44
CA ASN A 67 7.11 -12.95 -48.92
C ASN A 67 7.60 -13.87 -50.03
N GLN A 68 8.79 -13.60 -50.56
CA GLN A 68 9.41 -14.40 -51.63
C GLN A 68 10.86 -14.81 -51.37
N PHE A 69 11.50 -14.39 -50.27
CA PHE A 69 12.90 -14.71 -49.96
C PHE A 69 13.12 -16.18 -49.52
N ARG A 70 14.30 -16.75 -49.80
CA ARG A 70 14.64 -18.18 -49.58
C ARG A 70 14.95 -18.57 -48.14
N TYR A 71 15.57 -17.70 -47.35
CA TYR A 71 16.02 -18.00 -46.00
C TYR A 71 15.60 -16.89 -45.04
N LEU A 72 15.05 -17.24 -43.88
CA LEU A 72 14.60 -16.31 -42.84
C LEU A 72 15.66 -16.17 -41.74
N PRO A 73 16.51 -15.14 -41.74
CA PRO A 73 17.67 -15.08 -40.86
C PRO A 73 17.35 -14.57 -39.44
N LEU A 74 16.44 -15.25 -38.74
CA LEU A 74 16.19 -15.04 -37.32
C LEU A 74 17.07 -15.99 -36.49
N GLU A 75 18.37 -15.68 -36.42
CA GLU A 75 19.42 -16.58 -35.94
C GLU A 75 19.69 -16.53 -34.44
N ASN A 76 19.16 -15.53 -33.71
CA ASN A 76 19.34 -15.42 -32.26
C ASN A 76 18.02 -15.28 -31.49
N LEU A 77 16.86 -15.56 -32.10
CA LEU A 77 15.56 -15.42 -31.44
C LEU A 77 15.29 -16.61 -30.50
N ARG A 78 15.28 -16.40 -29.17
CA ARG A 78 15.09 -17.49 -28.20
C ARG A 78 13.69 -17.63 -27.65
N ILE A 79 12.99 -16.52 -27.43
CA ILE A 79 11.70 -16.50 -26.73
C ILE A 79 10.69 -15.54 -27.38
N ILE A 80 9.44 -15.98 -27.48
CA ILE A 80 8.31 -15.13 -27.85
C ILE A 80 7.34 -15.06 -26.66
N ARG A 81 7.02 -13.86 -26.17
CA ARG A 81 6.18 -13.70 -24.95
C ARG A 81 4.67 -13.72 -25.21
N GLY A 82 4.23 -13.44 -26.42
CA GLY A 82 2.84 -13.56 -26.83
C GLY A 82 1.87 -12.65 -26.08
N THR A 83 2.28 -11.43 -25.69
CA THR A 83 1.41 -10.49 -24.95
C THR A 83 0.28 -9.93 -25.82
N LYS A 84 0.45 -9.97 -27.15
CA LYS A 84 -0.56 -9.74 -28.18
C LYS A 84 -0.38 -10.82 -29.24
N LEU A 85 -1.47 -11.40 -29.70
CA LEU A 85 -1.49 -12.51 -30.65
C LEU A 85 -2.08 -12.07 -32.00
N TYR A 86 -1.59 -12.64 -33.08
CA TYR A 86 -2.16 -12.46 -34.41
C TYR A 86 -3.58 -13.02 -34.44
N GLU A 87 -4.57 -12.23 -34.88
CA GLU A 87 -6.01 -12.54 -34.76
C GLU A 87 -6.50 -12.88 -33.34
N ASP A 88 -5.81 -12.42 -32.29
CA ASP A 88 -6.09 -12.82 -30.90
C ASP A 88 -5.93 -14.33 -30.64
N ARG A 89 -5.27 -15.08 -31.54
CA ARG A 89 -5.13 -16.54 -31.47
C ARG A 89 -3.69 -17.04 -31.53
N TYR A 90 -2.82 -16.49 -32.36
CA TYR A 90 -1.50 -17.08 -32.64
C TYR A 90 -0.31 -16.18 -32.28
N ALA A 91 0.70 -16.72 -31.62
CA ALA A 91 1.93 -16.01 -31.27
C ALA A 91 2.98 -16.06 -32.38
N LEU A 92 3.02 -17.14 -33.16
CA LEU A 92 3.86 -17.29 -34.33
C LEU A 92 2.97 -17.74 -35.49
N ALA A 93 2.94 -16.98 -36.58
CA ALA A 93 2.12 -17.31 -37.73
C ALA A 93 2.94 -17.12 -39.00
N ILE A 94 3.21 -18.20 -39.73
CA ILE A 94 4.03 -18.20 -40.94
C ILE A 94 3.20 -18.76 -42.09
N PHE A 95 2.86 -17.97 -43.10
CA PHE A 95 2.05 -18.47 -44.21
C PHE A 95 2.15 -17.74 -45.54
N LEU A 96 1.82 -18.45 -46.62
CA LEU A 96 1.77 -17.97 -48.00
C LEU A 96 3.10 -17.37 -48.52
N ASN A 97 4.26 -17.78 -47.98
CA ASN A 97 5.56 -17.20 -48.34
C ASN A 97 6.18 -17.82 -49.61
N TYR A 98 5.51 -17.67 -50.75
CA TYR A 98 5.97 -18.07 -52.08
C TYR A 98 5.32 -17.24 -53.19
N ARG A 99 5.93 -17.18 -54.38
CA ARG A 99 5.37 -16.54 -55.58
C ARG A 99 4.50 -17.53 -56.35
N LYS A 100 3.27 -17.16 -56.70
CA LYS A 100 2.26 -18.10 -57.24
C LYS A 100 2.55 -18.64 -58.64
N ASP A 101 3.00 -17.78 -59.56
CA ASP A 101 3.31 -18.18 -60.93
C ASP A 101 4.74 -18.77 -61.04
N GLY A 102 5.70 -18.12 -60.38
CA GLY A 102 7.12 -18.44 -60.43
C GLY A 102 7.57 -19.53 -59.45
N ASN A 103 8.89 -19.58 -59.21
CA ASN A 103 9.56 -20.60 -58.39
C ASN A 103 10.29 -20.04 -57.15
N PHE A 104 10.03 -18.80 -56.75
CA PHE A 104 10.56 -18.23 -55.52
C PHE A 104 9.65 -18.51 -54.32
N GLY A 105 10.26 -18.59 -53.15
CA GLY A 105 9.61 -18.72 -51.86
C GLY A 105 10.58 -19.07 -50.75
N LEU A 106 10.07 -19.14 -49.53
CA LEU A 106 10.87 -19.44 -48.34
C LEU A 106 11.12 -20.96 -48.25
N GLN A 107 12.39 -21.36 -48.20
CA GLN A 107 12.83 -22.76 -48.19
C GLN A 107 13.25 -23.24 -46.81
N GLU A 108 13.90 -22.39 -46.02
CA GLU A 108 14.36 -22.74 -44.66
C GLU A 108 14.07 -21.62 -43.66
N LEU A 109 13.46 -21.99 -42.53
CA LEU A 109 12.97 -21.08 -41.49
C LEU A 109 14.08 -20.43 -40.63
N GLY A 110 15.25 -21.02 -40.52
CA GLY A 110 16.31 -20.51 -39.65
C GLY A 110 16.01 -20.86 -38.20
N LEU A 111 15.54 -19.89 -37.41
CA LEU A 111 15.08 -20.07 -36.02
C LEU A 111 16.06 -20.83 -35.12
N LYS A 112 17.36 -20.49 -35.19
CA LYS A 112 18.41 -21.10 -34.36
C LYS A 112 18.13 -20.86 -32.86
N ASN A 113 18.07 -21.96 -32.13
CA ASN A 113 17.63 -22.01 -30.74
C ASN A 113 16.41 -21.16 -30.33
N LEU A 114 15.34 -21.16 -31.13
CA LEU A 114 14.02 -20.82 -30.59
C LEU A 114 13.59 -21.94 -29.65
N THR A 115 13.34 -21.65 -28.37
CA THR A 115 13.07 -22.68 -27.35
C THR A 115 11.78 -22.46 -26.55
N GLU A 116 11.24 -21.25 -26.50
CA GLU A 116 10.06 -20.96 -25.68
C GLU A 116 9.04 -20.06 -26.38
N ILE A 117 7.78 -20.43 -26.30
CA ILE A 117 6.65 -19.54 -26.59
C ILE A 117 5.75 -19.54 -25.35
N LEU A 118 5.61 -18.41 -24.66
CA LEU A 118 4.91 -18.34 -23.37
C LEU A 118 3.38 -18.23 -23.47
N ASN A 119 2.81 -17.94 -24.64
CA ASN A 119 1.36 -17.79 -24.83
C ASN A 119 0.98 -17.98 -26.31
N GLY A 120 -0.29 -18.27 -26.57
CA GLY A 120 -0.87 -18.32 -27.91
C GLY A 120 -0.59 -19.58 -28.72
N GLY A 121 -1.18 -19.66 -29.91
CA GLY A 121 -0.98 -20.73 -30.86
C GLY A 121 0.23 -20.54 -31.78
N VAL A 122 0.50 -21.57 -32.58
CA VAL A 122 1.53 -21.59 -33.62
C VAL A 122 0.89 -22.04 -34.91
N TYR A 123 0.99 -21.25 -35.97
CA TYR A 123 0.36 -21.55 -37.25
C TYR A 123 1.42 -21.51 -38.35
N VAL A 124 1.66 -22.63 -39.02
CA VAL A 124 2.61 -22.73 -40.13
C VAL A 124 1.89 -23.42 -41.30
N ASP A 125 1.55 -22.70 -42.36
CA ASP A 125 0.73 -23.25 -43.46
C ASP A 125 0.91 -22.55 -44.80
N GLN A 126 0.55 -23.22 -45.89
CA GLN A 126 0.56 -22.72 -47.27
C GLN A 126 1.94 -22.30 -47.82
N ASN A 127 3.03 -22.61 -47.14
CA ASN A 127 4.39 -22.20 -47.49
C ASN A 127 5.04 -23.20 -48.47
N LYS A 128 4.77 -23.02 -49.78
CA LYS A 128 4.96 -24.02 -50.83
C LYS A 128 6.34 -24.70 -50.86
N PHE A 129 7.41 -23.96 -50.58
CA PHE A 129 8.79 -24.43 -50.79
C PHE A 129 9.58 -24.77 -49.50
N LEU A 130 8.97 -24.79 -48.32
CA LEU A 130 9.68 -25.16 -47.08
C LEU A 130 10.04 -26.65 -47.09
N CYS A 131 11.25 -27.00 -46.66
CA CYS A 131 11.69 -28.40 -46.56
C CYS A 131 11.41 -29.03 -45.19
N TYR A 132 11.92 -28.43 -44.11
CA TYR A 132 11.95 -29.09 -42.79
C TYR A 132 10.82 -28.74 -41.81
N ALA A 133 10.05 -27.70 -42.06
CA ALA A 133 9.12 -27.14 -41.08
C ALA A 133 8.14 -28.14 -40.46
N ASP A 134 7.61 -29.07 -41.26
CA ASP A 134 6.61 -30.05 -40.80
C ASP A 134 7.22 -31.21 -39.97
N THR A 135 8.55 -31.30 -39.86
CA THR A 135 9.20 -32.32 -39.02
C THR A 135 9.44 -31.84 -37.59
N ILE A 136 9.22 -30.57 -37.29
CA ILE A 136 9.55 -29.93 -36.02
C ILE A 136 8.54 -30.28 -34.92
N HIS A 137 9.03 -30.68 -33.75
CA HIS A 137 8.20 -31.03 -32.59
C HIS A 137 7.85 -29.78 -31.77
N TRP A 138 6.92 -28.99 -32.27
CA TRP A 138 6.57 -27.68 -31.69
C TRP A 138 6.06 -27.74 -30.25
N GLN A 139 5.53 -28.87 -29.78
CA GLN A 139 5.07 -29.03 -28.40
C GLN A 139 6.18 -28.89 -27.34
N ASP A 140 7.47 -29.05 -27.69
CA ASP A 140 8.54 -28.76 -26.73
C ASP A 140 8.69 -27.24 -26.53
N ILE A 141 8.53 -26.43 -27.57
CA ILE A 141 8.66 -24.98 -27.51
C ILE A 141 7.45 -24.31 -26.81
N VAL A 142 6.24 -24.78 -27.11
CA VAL A 142 4.97 -24.15 -26.66
C VAL A 142 4.55 -24.61 -25.26
N ARG A 143 4.27 -23.66 -24.34
CA ARG A 143 3.61 -23.98 -23.03
C ARG A 143 2.10 -24.17 -23.19
N ASN A 144 1.49 -25.04 -22.37
CA ASN A 144 0.14 -25.59 -22.64
C ASN A 144 0.15 -26.25 -24.06
N PRO A 145 1.01 -27.26 -24.25
CA PRO A 145 1.32 -27.82 -25.58
C PRO A 145 0.19 -28.64 -26.21
N TRP A 146 -0.92 -28.84 -25.50
CA TRP A 146 -2.06 -29.68 -25.88
C TRP A 146 -2.46 -29.43 -27.34
N PRO A 147 -2.21 -30.38 -28.28
CA PRO A 147 -2.21 -30.09 -29.71
C PRO A 147 -3.55 -29.61 -30.28
N SER A 148 -4.67 -29.89 -29.60
CA SER A 148 -5.99 -29.42 -30.01
C SER A 148 -6.17 -27.90 -29.81
N ASN A 149 -5.31 -27.28 -29.00
CA ASN A 149 -5.36 -25.84 -28.73
C ASN A 149 -4.43 -25.05 -29.66
N LEU A 150 -5.02 -24.48 -30.72
CA LEU A 150 -4.41 -23.56 -31.69
C LEU A 150 -2.99 -23.92 -32.17
N THR A 151 -2.66 -25.19 -32.34
CA THR A 151 -1.32 -25.69 -32.71
C THR A 151 -1.38 -26.29 -34.13
N LEU A 152 -1.80 -25.47 -35.09
CA LEU A 152 -2.20 -25.87 -36.46
C LEU A 152 -1.03 -26.00 -37.47
N VAL A 153 -0.10 -26.93 -37.20
CA VAL A 153 1.09 -27.21 -38.04
C VAL A 153 0.73 -28.04 -39.27
N SER A 154 1.00 -27.51 -40.47
CA SER A 154 0.63 -28.11 -41.76
C SER A 154 1.65 -29.12 -42.30
N GLY A 157 2.52 -29.36 -45.58
CA GLY A 157 2.42 -28.17 -46.40
C GLY A 157 3.26 -28.20 -47.69
N SER A 158 4.12 -29.20 -47.85
CA SER A 158 5.05 -29.39 -48.98
C SER A 158 5.42 -30.87 -49.17
N SER A 159 6.14 -31.20 -50.24
CA SER A 159 6.61 -32.57 -50.53
C SER A 159 7.93 -32.58 -51.32
N GLY A 160 8.58 -33.75 -51.38
CA GLY A 160 9.84 -33.95 -52.12
C GLY A 160 11.12 -33.59 -51.34
N CYS A 161 10.99 -33.32 -50.04
CA CYS A 161 12.07 -32.91 -49.14
C CYS A 161 11.73 -33.25 -47.68
N GLY A 162 12.61 -32.90 -46.74
CA GLY A 162 12.39 -33.09 -45.30
C GLY A 162 13.19 -34.22 -44.67
N ARG A 163 14.06 -34.90 -45.44
CA ARG A 163 14.96 -35.96 -44.93
C ARG A 163 16.12 -35.34 -44.15
N CYS A 164 16.36 -35.82 -42.94
CA CYS A 164 17.38 -35.28 -42.03
C CYS A 164 18.80 -35.76 -42.36
N HIS A 165 19.79 -34.92 -42.03
CA HIS A 165 21.20 -35.31 -41.97
C HIS A 165 21.45 -36.38 -40.90
N LYS A 166 22.34 -37.33 -41.18
CA LYS A 166 22.64 -38.48 -40.32
C LYS A 166 23.07 -38.12 -38.89
N SER A 167 23.52 -36.89 -38.64
CA SER A 167 23.94 -36.39 -37.33
C SER A 167 22.80 -35.85 -36.45
N CYS A 168 21.56 -35.80 -36.95
CA CYS A 168 20.38 -35.34 -36.22
C CYS A 168 19.21 -36.35 -36.36
N THR A 169 18.70 -36.88 -35.25
CA THR A 169 17.73 -37.99 -35.22
C THR A 169 16.29 -37.51 -35.47
N GLY A 170 16.01 -36.96 -36.65
CA GLY A 170 14.70 -36.34 -36.93
C GLY A 170 14.60 -34.92 -36.37
N ARG A 171 13.45 -34.25 -36.57
CA ARG A 171 13.19 -32.88 -36.07
C ARG A 171 14.26 -31.83 -36.47
N CYS A 172 14.73 -31.83 -37.71
CA CYS A 172 15.80 -30.93 -38.14
C CYS A 172 15.22 -29.54 -38.49
N TRP A 173 15.94 -28.44 -38.24
CA TRP A 173 15.62 -27.14 -38.88
C TRP A 173 16.18 -27.05 -40.30
N GLY A 174 17.31 -27.70 -40.58
CA GLY A 174 18.01 -27.63 -41.86
C GLY A 174 18.68 -28.95 -42.29
N PRO A 175 19.32 -28.98 -43.47
CA PRO A 175 19.83 -30.20 -44.11
C PRO A 175 21.29 -30.58 -43.74
N THR A 176 21.82 -30.13 -42.61
CA THR A 176 23.25 -30.30 -42.26
C THR A 176 23.45 -30.78 -40.80
N GLU A 177 24.69 -30.86 -40.33
CA GLU A 177 25.01 -31.27 -38.96
C GLU A 177 24.50 -30.27 -37.90
N ASN A 178 24.58 -28.97 -38.19
CA ASN A 178 23.90 -27.93 -37.42
C ASN A 178 22.43 -27.80 -37.87
N HIS A 179 21.68 -26.87 -37.27
CA HIS A 179 20.25 -26.69 -37.57
C HIS A 179 19.40 -27.92 -37.21
N CYS A 180 19.62 -28.48 -36.02
CA CYS A 180 18.87 -29.60 -35.44
C CYS A 180 18.01 -29.11 -34.25
N GLN A 181 16.72 -29.44 -34.16
CA GLN A 181 15.92 -29.02 -33.00
C GLN A 181 16.45 -29.70 -31.73
N THR A 182 16.67 -28.93 -30.66
CA THR A 182 17.02 -29.46 -29.34
C THR A 182 15.78 -29.48 -28.45
N LEU A 183 15.44 -30.62 -27.87
CA LEU A 183 14.31 -30.74 -26.94
C LEU A 183 14.72 -30.30 -25.52
N THR A 184 13.92 -29.46 -24.89
CA THR A 184 14.25 -28.82 -23.59
C THR A 184 13.29 -29.19 -22.45
N ARG A 185 12.10 -29.73 -22.78
CA ARG A 185 11.03 -30.11 -21.85
C ARG A 185 10.66 -31.59 -21.98
N THR A 186 10.44 -32.09 -23.20
CA THR A 186 9.94 -33.47 -23.42
C THR A 186 10.97 -34.56 -23.10
N VAL A 187 12.24 -34.20 -22.88
CA VAL A 187 13.31 -35.14 -22.50
C VAL A 187 13.67 -35.10 -21.01
N CYS A 188 13.02 -34.24 -20.21
CA CYS A 188 13.34 -34.07 -18.80
C CYS A 188 12.79 -35.19 -17.88
N ALA A 189 13.41 -35.39 -16.72
CA ALA A 189 12.95 -36.34 -15.69
C ALA A 189 11.53 -36.01 -15.18
N GLU A 190 10.74 -37.00 -14.79
CA GLU A 190 9.38 -36.78 -14.27
C GLU A 190 9.35 -36.04 -12.92
N GLN A 191 10.50 -35.97 -12.23
CA GLN A 191 10.72 -35.17 -11.03
C GLN A 191 11.06 -33.69 -11.33
N CYS A 192 11.27 -33.33 -12.60
CA CYS A 192 11.81 -32.03 -13.01
C CYS A 192 10.77 -30.91 -13.02
N ASP A 193 11.16 -29.73 -12.54
CA ASP A 193 10.37 -28.49 -12.65
C ASP A 193 10.79 -27.72 -13.90
N GLY A 194 9.84 -27.26 -14.72
CA GLY A 194 10.13 -26.44 -15.90
C GLY A 194 10.94 -27.18 -16.98
N ARG A 195 12.06 -26.59 -17.39
CA ARG A 195 12.96 -27.11 -18.45
C ARG A 195 14.32 -27.55 -17.92
N CYS A 196 15.01 -28.40 -18.69
CA CYS A 196 16.31 -28.96 -18.34
C CYS A 196 17.35 -28.80 -19.46
N TYR A 197 18.63 -28.93 -19.11
CA TYR A 197 19.77 -28.98 -20.03
C TYR A 197 20.29 -30.42 -20.28
N GLY A 198 19.51 -31.43 -19.94
CA GLY A 198 19.85 -32.86 -20.08
C GLY A 198 18.77 -33.79 -19.52
N PRO A 199 18.89 -35.12 -19.71
CA PRO A 199 17.85 -36.08 -19.33
C PRO A 199 17.73 -36.36 -17.82
N TYR A 200 18.66 -35.90 -16.97
CA TYR A 200 18.67 -36.23 -15.54
C TYR A 200 18.02 -35.16 -14.66
N VAL A 201 17.61 -35.53 -13.44
CA VAL A 201 17.10 -34.55 -12.46
C VAL A 201 18.14 -33.47 -12.13
N SER A 202 19.43 -33.82 -12.06
CA SER A 202 20.54 -32.87 -11.88
C SER A 202 20.71 -31.89 -13.05
N ASP A 203 20.05 -32.14 -14.19
CA ASP A 203 20.04 -31.27 -15.36
C ASP A 203 18.89 -30.26 -15.37
N CYS A 204 18.00 -30.28 -14.37
CA CYS A 204 16.86 -29.38 -14.30
C CYS A 204 17.25 -27.97 -13.86
N CYS A 205 16.67 -26.95 -14.50
CA CYS A 205 16.98 -25.55 -14.25
C CYS A 205 15.95 -24.85 -13.35
N HIS A 206 16.34 -23.75 -12.69
CA HIS A 206 15.51 -22.92 -11.80
C HIS A 206 14.13 -22.55 -12.38
N ARG A 207 13.12 -22.47 -11.50
CA ARG A 207 11.70 -22.27 -11.85
C ARG A 207 11.40 -20.97 -12.61
N GLU A 208 12.20 -19.91 -12.46
CA GLU A 208 11.95 -18.59 -13.10
C GLU A 208 12.76 -18.35 -14.38
N CYS A 209 13.54 -19.33 -14.83
CA CYS A 209 14.11 -19.32 -16.18
C CYS A 209 13.12 -19.86 -17.21
N ALA A 210 13.26 -19.40 -18.45
CA ALA A 210 12.48 -19.83 -19.61
C ALA A 210 13.42 -20.19 -20.78
N GLY A 211 12.98 -21.13 -21.61
CA GLY A 211 13.71 -21.55 -22.81
C GLY A 211 14.96 -22.39 -22.59
N GLY A 212 15.23 -22.88 -21.38
CA GLY A 212 16.46 -23.64 -21.08
C GLY A 212 17.61 -22.77 -20.58
N CYS A 213 18.72 -23.42 -20.21
CA CYS A 213 19.72 -22.81 -19.33
C CYS A 213 21.17 -23.26 -19.61
N SER A 214 22.14 -22.49 -19.13
CA SER A 214 23.56 -22.89 -19.13
C SER A 214 23.91 -23.73 -17.90
N GLY A 215 23.18 -23.54 -16.80
CA GLY A 215 23.31 -24.26 -15.54
C GLY A 215 22.01 -24.23 -14.74
N PRO A 216 21.98 -24.73 -13.50
CA PRO A 216 20.75 -24.80 -12.72
C PRO A 216 20.28 -23.46 -12.12
N LYS A 217 21.14 -22.43 -12.06
CA LYS A 217 20.90 -21.18 -11.28
C LYS A 217 19.98 -20.18 -11.98
N ASP A 218 19.26 -19.38 -11.20
CA ASP A 218 18.49 -18.22 -11.69
C ASP A 218 19.36 -17.10 -12.30
N THR A 219 20.67 -17.16 -12.15
CA THR A 219 21.65 -16.25 -12.76
C THR A 219 22.28 -16.77 -14.06
N ASP A 220 21.95 -17.98 -14.52
CA ASP A 220 22.70 -18.73 -15.53
C ASP A 220 21.82 -19.32 -16.65
N CYS A 221 20.91 -18.53 -17.22
CA CYS A 221 19.88 -19.04 -18.14
C CYS A 221 19.48 -18.13 -19.31
N PHE A 222 18.80 -18.71 -20.31
CA PHE A 222 18.66 -18.14 -21.65
C PHE A 222 17.59 -17.03 -21.78
N ALA A 223 16.56 -17.04 -20.93
CA ALA A 223 15.62 -15.95 -20.78
C ALA A 223 15.00 -15.96 -19.38
N CYS A 224 14.74 -14.79 -18.79
CA CYS A 224 13.90 -14.74 -17.59
C CYS A 224 12.40 -14.78 -17.96
N MET A 225 11.59 -15.16 -16.99
CA MET A 225 10.16 -14.87 -16.95
C MET A 225 9.79 -14.34 -15.57
N ASN A 226 8.62 -13.73 -15.42
CA ASN A 226 8.36 -12.74 -14.39
C ASN A 226 9.37 -11.58 -14.48
N PHE A 227 10.30 -11.40 -13.53
CA PHE A 227 11.17 -10.21 -13.49
C PHE A 227 12.66 -10.56 -13.51
N ASN A 228 13.47 -9.68 -14.11
CA ASN A 228 14.94 -9.76 -14.04
C ASN A 228 15.45 -8.80 -12.96
N ASP A 229 15.66 -9.34 -11.77
CA ASP A 229 16.31 -8.66 -10.65
C ASP A 229 17.83 -8.60 -10.86
N SER A 230 18.28 -7.60 -11.63
CA SER A 230 19.70 -7.20 -11.73
C SER A 230 20.67 -8.36 -12.04
N GLY A 231 20.27 -9.29 -12.90
CA GLY A 231 21.06 -10.48 -13.26
C GLY A 231 20.55 -11.81 -12.68
N ALA A 232 19.43 -11.81 -11.94
CA ALA A 232 18.76 -13.02 -11.47
C ALA A 232 17.27 -13.00 -11.83
N CYS A 233 16.71 -14.11 -12.34
CA CYS A 233 15.29 -14.20 -12.62
C CYS A 233 14.46 -14.47 -11.35
N VAL A 234 13.39 -13.72 -11.10
CA VAL A 234 12.59 -13.81 -9.86
C VAL A 234 11.10 -13.61 -10.11
N THR A 235 10.28 -14.15 -9.20
CA THR A 235 8.81 -14.01 -9.21
C THR A 235 8.35 -12.59 -8.85
N GLN A 236 9.09 -11.89 -7.99
CA GLN A 236 8.88 -10.51 -7.57
C GLN A 236 10.18 -9.96 -6.95
N CYS A 237 10.31 -8.64 -6.84
CA CYS A 237 11.49 -8.01 -6.26
C CYS A 237 11.29 -7.57 -4.79
N PRO A 238 12.37 -7.40 -4.00
CA PRO A 238 12.29 -6.99 -2.60
C PRO A 238 11.60 -5.65 -2.40
N GLN A 239 10.66 -5.56 -1.47
CA GLN A 239 9.79 -4.39 -1.29
C GLN A 239 10.25 -3.44 -0.19
N THR A 240 9.61 -2.27 -0.10
CA THR A 240 9.93 -1.21 0.88
C THR A 240 9.74 -1.68 2.34
N PHE A 241 8.70 -2.48 2.60
CA PHE A 241 8.41 -3.04 3.92
C PHE A 241 8.26 -4.56 3.86
N VAL A 242 8.59 -5.24 4.96
CA VAL A 242 8.38 -6.68 5.12
C VAL A 242 7.59 -6.95 6.40
N TYR A 243 6.83 -8.04 6.43
CA TYR A 243 6.08 -8.42 7.61
C TYR A 243 6.98 -9.22 8.55
N ASN A 244 7.09 -8.82 9.82
CA ASN A 244 7.87 -9.57 10.79
C ASN A 244 6.92 -10.55 11.51
N PRO A 245 7.01 -11.88 11.27
CA PRO A 245 6.03 -12.82 11.78
C PRO A 245 6.04 -12.95 13.30
N THR A 246 7.05 -12.43 14.00
CA THR A 246 7.14 -12.58 15.46
C THR A 246 6.58 -11.36 16.20
N THR A 247 6.43 -10.22 15.53
CA THR A 247 5.95 -8.96 16.12
C THR A 247 4.58 -8.54 15.58
N PHE A 248 4.09 -9.14 14.48
CA PHE A 248 2.80 -8.83 13.86
C PHE A 248 2.70 -7.36 13.39
N GLN A 249 3.76 -6.84 12.79
CA GLN A 249 3.77 -5.51 12.18
C GLN A 249 4.68 -5.45 10.94
N LEU A 250 4.45 -4.44 10.11
CA LEU A 250 5.28 -4.14 8.94
C LEU A 250 6.52 -3.37 9.37
N GLU A 251 7.70 -3.79 8.91
CA GLU A 251 8.99 -3.19 9.26
C GLU A 251 9.77 -2.84 7.97
N HIS A 252 10.51 -1.73 7.98
CA HIS A 252 11.18 -1.21 6.80
C HIS A 252 12.29 -2.15 6.33
N ASN A 253 12.36 -2.41 5.02
CA ASN A 253 13.35 -3.26 4.41
C ASN A 253 14.68 -2.52 4.18
N PHE A 254 15.78 -3.26 3.99
CA PHE A 254 17.13 -2.72 3.79
C PHE A 254 17.61 -2.75 2.33
N ASN A 255 17.02 -3.61 1.48
CA ASN A 255 17.42 -3.81 0.08
C ASN A 255 16.27 -3.63 -0.92
N ALA A 256 15.29 -2.79 -0.60
CA ALA A 256 14.10 -2.59 -1.41
C ALA A 256 14.41 -2.05 -2.81
N LYS A 257 13.68 -2.53 -3.83
CA LYS A 257 13.73 -2.07 -5.23
C LYS A 257 12.33 -1.78 -5.77
N TYR A 258 12.20 -0.79 -6.63
CA TYR A 258 10.92 -0.47 -7.28
C TYR A 258 10.74 -1.34 -8.52
N THR A 259 9.58 -1.98 -8.65
CA THR A 259 9.29 -2.79 -9.85
C THR A 259 9.00 -1.88 -11.04
N TYR A 260 9.60 -2.14 -12.20
CA TYR A 260 9.57 -1.27 -13.37
C TYR A 260 9.67 -2.07 -14.68
N GLY A 261 8.57 -2.17 -15.42
CA GLY A 261 8.49 -3.05 -16.58
C GLY A 261 8.81 -4.50 -16.19
N ALA A 262 9.62 -5.19 -16.98
CA ALA A 262 10.15 -6.52 -16.63
C ALA A 262 11.38 -6.48 -15.70
N PHE A 263 11.81 -5.30 -15.26
CA PHE A 263 13.02 -5.10 -14.44
C PHE A 263 12.68 -4.56 -13.05
N CYS A 264 13.71 -4.40 -12.23
CA CYS A 264 13.62 -3.75 -10.93
C CYS A 264 14.75 -2.74 -10.77
N VAL A 265 14.43 -1.55 -10.26
CA VAL A 265 15.31 -0.39 -10.21
C VAL A 265 15.41 0.17 -8.79
N LYS A 266 16.51 0.88 -8.49
CA LYS A 266 16.68 1.58 -7.20
C LYS A 266 15.83 2.85 -7.09
N LYS A 267 15.56 3.54 -8.21
CA LYS A 267 14.68 4.71 -8.31
C LYS A 267 13.81 4.66 -9.56
N CYS A 268 12.58 5.17 -9.48
CA CYS A 268 11.71 5.34 -10.64
C CYS A 268 12.14 6.54 -11.51
N PRO A 269 12.00 6.50 -12.85
CA PRO A 269 12.23 7.69 -13.67
C PRO A 269 11.32 8.86 -13.29
N HIS A 270 11.77 10.08 -13.53
CA HIS A 270 11.10 11.34 -13.15
C HIS A 270 9.70 11.58 -13.74
N ASN A 271 9.29 10.82 -14.75
CA ASN A 271 7.94 10.86 -15.34
C ASN A 271 6.99 9.78 -14.77
N PHE A 272 7.46 8.88 -13.91
CA PHE A 272 6.64 7.84 -13.29
C PHE A 272 6.26 8.22 -11.85
N VAL A 273 5.13 7.69 -11.37
CA VAL A 273 4.62 7.90 -10.00
C VAL A 273 5.01 6.71 -9.14
N VAL A 274 5.55 6.94 -7.95
CA VAL A 274 5.90 5.88 -7.01
C VAL A 274 4.66 5.44 -6.23
N ASP A 275 4.34 4.15 -6.24
CA ASP A 275 3.20 3.59 -5.50
C ASP A 275 3.48 2.14 -5.08
N SER A 276 3.44 1.83 -3.78
CA SER A 276 3.55 0.48 -3.23
C SER A 276 4.76 -0.32 -3.75
N SER A 277 5.94 0.31 -3.73
CA SER A 277 7.21 -0.25 -4.22
C SER A 277 7.21 -0.61 -5.71
N SER A 278 6.51 0.19 -6.53
CA SER A 278 6.46 0.04 -7.99
C SER A 278 6.41 1.39 -8.69
N CYS A 279 6.83 1.42 -9.96
CA CYS A 279 6.79 2.59 -10.81
C CYS A 279 5.61 2.46 -11.77
N VAL A 280 4.62 3.35 -11.70
CA VAL A 280 3.42 3.30 -12.55
C VAL A 280 3.24 4.56 -13.38
N ARG A 281 2.63 4.42 -14.56
CA ARG A 281 2.41 5.53 -15.50
C ARG A 281 1.35 6.51 -15.01
N ALA A 282 0.36 6.03 -14.27
CA ALA A 282 -0.71 6.84 -13.71
C ALA A 282 -1.11 6.33 -12.32
N CYS A 283 -1.43 7.23 -11.40
CA CYS A 283 -2.00 6.86 -10.11
C CYS A 283 -3.53 6.59 -10.22
N PRO A 284 -4.09 5.59 -9.52
CA PRO A 284 -5.54 5.38 -9.43
C PRO A 284 -6.33 6.60 -8.93
N SER A 285 -7.55 6.77 -9.44
CA SER A 285 -8.41 7.95 -9.21
C SER A 285 -8.81 8.22 -7.75
N SER A 286 -8.68 7.23 -6.86
CA SER A 286 -8.97 7.36 -5.43
C SER A 286 -7.92 8.17 -4.67
N LYS A 287 -6.73 8.38 -5.24
CA LYS A 287 -5.58 9.04 -4.61
C LYS A 287 -5.13 10.24 -5.43
N MET A 288 -4.57 11.25 -4.76
CA MET A 288 -4.02 12.45 -5.39
C MET A 288 -2.53 12.26 -5.68
N GLU A 289 -2.07 12.64 -6.86
CA GLU A 289 -0.63 12.67 -7.15
C GLU A 289 -0.01 13.92 -6.52
N VAL A 290 1.05 13.74 -5.74
CA VAL A 290 1.77 14.76 -4.98
C VAL A 290 3.26 14.62 -5.21
N GLU A 291 4.03 15.67 -4.93
CA GLU A 291 5.49 15.62 -4.93
C GLU A 291 6.05 15.82 -3.52
N GLU A 292 6.84 14.88 -3.02
CA GLU A 292 7.49 14.95 -1.71
C GLU A 292 8.99 14.73 -1.87
N ASN A 293 9.82 15.69 -1.43
CA ASN A 293 11.29 15.66 -1.60
C ASN A 293 11.75 15.44 -3.07
N GLY A 294 11.03 15.99 -4.04
CA GLY A 294 11.29 15.84 -5.47
C GLY A 294 10.81 14.53 -6.11
N ILE A 295 10.14 13.65 -5.35
CA ILE A 295 9.66 12.34 -5.81
C ILE A 295 8.15 12.40 -6.05
N LYS A 296 7.68 11.96 -7.23
CA LYS A 296 6.24 11.84 -7.51
C LYS A 296 5.70 10.56 -6.86
N MET A 297 4.59 10.68 -6.16
CA MET A 297 3.90 9.59 -5.46
C MET A 297 2.43 9.95 -5.26
N CYS A 298 1.59 9.05 -4.75
CA CYS A 298 0.20 9.41 -4.48
C CYS A 298 -0.41 8.81 -3.20
N LYS A 299 -1.32 9.58 -2.59
CA LYS A 299 -2.03 9.31 -1.32
C LYS A 299 -3.52 9.72 -1.41
N PRO A 300 -4.43 9.15 -0.62
CA PRO A 300 -5.87 9.46 -0.69
C PRO A 300 -6.21 10.96 -0.71
N CYS A 301 -7.11 11.37 -1.60
CA CYS A 301 -7.47 12.78 -1.76
C CYS A 301 -8.49 13.29 -0.71
N THR A 302 -8.60 14.62 -0.58
CA THR A 302 -9.61 15.27 0.27
C THR A 302 -11.02 15.17 -0.33
N ASP A 303 -12.07 15.54 0.42
CA ASP A 303 -13.47 15.37 0.00
C ASP A 303 -13.82 15.93 -1.40
N ILE A 304 -13.24 17.07 -1.79
CA ILE A 304 -13.31 17.59 -3.16
C ILE A 304 -11.90 17.60 -3.76
N CYS A 305 -11.69 16.93 -4.89
CA CYS A 305 -10.40 16.84 -5.56
C CYS A 305 -10.52 16.84 -7.11
N PRO A 306 -9.43 17.08 -7.85
CA PRO A 306 -9.46 17.24 -9.32
C PRO A 306 -10.09 16.07 -10.07
N LYS A 307 -10.86 16.37 -11.12
CA LYS A 307 -11.48 15.38 -12.00
C LYS A 307 -10.61 15.08 -13.21
N ALA A 308 -10.10 13.86 -13.30
CA ALA A 308 -9.23 13.41 -14.37
C ALA A 308 -9.94 12.36 -15.25
N CYS A 309 -9.90 12.55 -16.57
CA CYS A 309 -10.46 11.63 -17.56
C CYS A 309 -9.45 10.58 -18.02
N ASP A 310 -9.94 9.45 -18.52
CA ASP A 310 -9.14 8.51 -19.29
C ASP A 310 -8.82 9.10 -20.68
N GLY A 311 -7.57 8.99 -21.13
CA GLY A 311 -7.17 9.33 -22.49
C GLY A 311 -7.39 8.20 -23.49
N ILE A 312 -7.01 8.42 -24.74
CA ILE A 312 -7.11 7.42 -25.80
C ILE A 312 -6.01 6.37 -25.62
N GLY A 313 -6.39 5.09 -25.53
CA GLY A 313 -5.45 3.98 -25.31
C GLY A 313 -5.18 3.65 -23.85
N THR A 314 -5.94 4.18 -22.88
CA THR A 314 -5.81 3.82 -21.46
C THR A 314 -7.17 3.75 -20.74
N GLY A 315 -7.23 3.03 -19.61
CA GLY A 315 -8.42 2.95 -18.76
C GLY A 315 -9.64 2.42 -19.52
N SER A 316 -10.78 3.09 -19.38
CA SER A 316 -12.03 2.74 -20.04
C SER A 316 -12.01 2.93 -21.58
N LEU A 317 -11.02 3.64 -22.12
CA LEU A 317 -10.82 3.88 -23.55
C LEU A 317 -9.62 3.09 -24.13
N MET A 318 -9.23 2.00 -23.47
CA MET A 318 -8.10 1.12 -23.88
C MET A 318 -8.15 0.68 -25.35
N SER A 319 -9.34 0.43 -25.89
CA SER A 319 -9.56 0.02 -27.28
C SER A 319 -9.74 1.18 -28.27
N ALA A 320 -9.83 2.44 -27.82
CA ALA A 320 -10.05 3.58 -28.71
C ALA A 320 -8.77 3.96 -29.49
N GLN A 321 -8.91 4.35 -30.76
CA GLN A 321 -7.80 4.88 -31.57
C GLN A 321 -7.77 6.41 -31.66
N THR A 322 -8.90 7.06 -31.40
CA THR A 322 -9.10 8.51 -31.60
C THR A 322 -10.25 9.00 -30.74
N VAL A 323 -10.28 10.28 -30.40
CA VAL A 323 -11.54 10.91 -29.99
C VAL A 323 -12.52 10.90 -31.19
N ASP A 324 -13.78 10.52 -30.98
CA ASP A 324 -14.84 10.44 -31.98
C ASP A 324 -16.20 10.90 -31.41
N SER A 325 -17.24 10.86 -32.24
CA SER A 325 -18.61 11.25 -31.86
C SER A 325 -19.26 10.37 -30.77
N SER A 326 -18.73 9.19 -30.46
CA SER A 326 -19.27 8.30 -29.44
C SER A 326 -18.60 8.49 -28.08
N ASN A 327 -17.29 8.78 -28.03
CA ASN A 327 -16.54 8.87 -26.76
C ASN A 327 -16.22 10.30 -26.29
N ILE A 328 -16.39 11.31 -27.14
CA ILE A 328 -16.08 12.71 -26.83
C ILE A 328 -16.88 13.29 -25.64
N ASP A 329 -18.10 12.80 -25.41
CA ASP A 329 -18.94 13.25 -24.28
C ASP A 329 -18.35 12.93 -22.90
N LYS A 330 -17.31 12.10 -22.80
CA LYS A 330 -16.71 11.72 -21.51
C LYS A 330 -15.84 12.82 -20.88
N PHE A 331 -15.52 13.88 -21.63
CA PHE A 331 -14.56 14.93 -21.21
C PHE A 331 -15.19 16.24 -20.66
N ILE A 332 -16.50 16.27 -20.37
CA ILE A 332 -17.27 17.52 -20.06
C ILE A 332 -16.74 18.41 -18.92
N ASN A 333 -16.33 17.85 -17.79
CA ASN A 333 -15.82 18.62 -16.64
C ASN A 333 -14.39 18.21 -16.22
N CYS A 334 -13.61 17.60 -17.09
CA CYS A 334 -12.25 17.20 -16.75
C CYS A 334 -11.26 18.37 -16.84
N THR A 335 -10.36 18.47 -15.87
CA THR A 335 -9.23 19.41 -15.90
C THR A 335 -7.91 18.71 -16.24
N LYS A 336 -7.86 17.39 -16.13
CA LYS A 336 -6.68 16.56 -16.44
C LYS A 336 -7.09 15.33 -17.24
N ILE A 337 -6.29 14.96 -18.23
CA ILE A 337 -6.46 13.71 -18.99
C ILE A 337 -5.26 12.79 -18.72
N ASN A 338 -5.54 11.56 -18.28
CA ASN A 338 -4.54 10.51 -18.09
C ASN A 338 -4.30 9.79 -19.42
N GLY A 339 -3.05 9.76 -19.92
CA GLY A 339 -2.76 9.19 -21.23
C GLY A 339 -2.88 10.21 -22.37
N ASN A 340 -3.25 9.72 -23.54
CA ASN A 340 -3.11 10.49 -24.78
C ASN A 340 -4.40 11.20 -25.19
N LEU A 341 -4.28 12.26 -25.97
CA LEU A 341 -5.39 12.90 -26.66
C LEU A 341 -5.11 12.89 -28.16
N ILE A 342 -5.90 12.13 -28.93
CA ILE A 342 -5.60 11.83 -30.34
C ILE A 342 -6.80 12.14 -31.23
N PHE A 343 -6.59 12.79 -32.38
CA PHE A 343 -7.65 13.10 -33.36
C PHE A 343 -7.28 12.58 -34.75
N LEU A 344 -7.76 11.39 -35.11
CA LEU A 344 -7.51 10.80 -36.44
C LEU A 344 -8.66 11.10 -37.40
N VAL A 345 -8.46 10.87 -38.70
CA VAL A 345 -9.53 11.08 -39.69
C VAL A 345 -10.80 10.30 -39.39
N THR A 346 -10.72 9.12 -38.78
CA THR A 346 -11.91 8.32 -38.39
C THR A 346 -12.71 8.93 -37.25
N GLY A 347 -12.08 9.77 -36.44
CA GLY A 347 -12.73 10.45 -35.31
C GLY A 347 -13.44 11.72 -35.75
N ILE A 348 -12.77 12.54 -36.56
CA ILE A 348 -13.27 13.84 -36.96
C ILE A 348 -14.35 13.71 -38.04
N HIS A 349 -14.09 12.93 -39.10
CA HIS A 349 -14.96 12.82 -40.27
C HIS A 349 -15.78 11.52 -40.31
N GLY A 350 -15.77 10.76 -39.22
CA GLY A 350 -16.54 9.53 -39.09
C GLY A 350 -15.87 8.29 -39.72
N ASP A 351 -16.53 7.14 -39.60
CA ASP A 351 -16.00 5.86 -40.04
C ASP A 351 -17.13 4.98 -40.62
N PRO A 352 -17.40 5.07 -41.94
CA PRO A 352 -18.49 4.35 -42.61
C PRO A 352 -18.45 2.82 -42.52
N TYR A 353 -17.28 2.22 -42.28
CA TYR A 353 -17.18 0.77 -42.07
C TYR A 353 -17.78 0.33 -40.74
N ASN A 354 -17.46 1.04 -39.65
CA ASN A 354 -17.99 0.77 -38.29
C ASN A 354 -19.26 1.57 -37.94
N ALA A 355 -19.75 2.39 -38.87
CA ALA A 355 -20.90 3.30 -38.73
C ALA A 355 -20.77 4.35 -37.60
N ILE A 356 -19.56 4.87 -37.36
CA ILE A 356 -19.34 5.93 -36.35
C ILE A 356 -19.51 7.30 -37.03
N GLU A 357 -20.32 8.17 -36.43
CA GLU A 357 -20.60 9.50 -36.98
C GLU A 357 -19.45 10.50 -36.81
N ALA A 358 -19.41 11.51 -37.68
CA ALA A 358 -18.44 12.61 -37.58
C ALA A 358 -18.70 13.46 -36.33
N ILE A 359 -17.69 14.14 -35.80
CA ILE A 359 -17.87 15.03 -34.65
C ILE A 359 -18.47 16.37 -35.12
N ASP A 360 -19.55 16.82 -34.48
CA ASP A 360 -20.08 18.18 -34.67
C ASP A 360 -19.04 19.19 -34.16
N PRO A 361 -18.52 20.12 -34.98
CA PRO A 361 -17.46 21.03 -34.54
C PRO A 361 -17.71 21.69 -33.18
N GLU A 362 -18.97 21.88 -32.79
CA GLU A 362 -19.30 22.49 -31.50
C GLU A 362 -19.02 21.59 -30.29
N LYS A 363 -19.01 20.25 -30.46
CA LYS A 363 -18.68 19.30 -29.38
C LYS A 363 -17.24 19.50 -28.90
N LEU A 364 -16.33 19.90 -29.79
CA LEU A 364 -14.90 20.09 -29.49
C LEU A 364 -14.62 21.24 -28.51
N ASN A 365 -15.58 22.12 -28.24
CA ASN A 365 -15.48 23.09 -27.15
C ASN A 365 -15.46 22.43 -25.76
N VAL A 366 -15.79 21.15 -25.67
CA VAL A 366 -15.76 20.36 -24.43
C VAL A 366 -14.36 20.29 -23.79
N PHE A 367 -13.29 20.49 -24.58
CA PHE A 367 -11.93 20.41 -24.07
C PHE A 367 -11.39 21.72 -23.48
N ARG A 368 -12.16 22.81 -23.47
CA ARG A 368 -11.73 24.12 -22.94
C ARG A 368 -11.46 24.12 -21.43
N THR A 369 -11.90 23.11 -20.70
CA THR A 369 -11.63 22.94 -19.25
C THR A 369 -10.32 22.23 -18.94
N VAL A 370 -9.66 21.57 -19.90
CA VAL A 370 -8.46 20.76 -19.65
C VAL A 370 -7.19 21.60 -19.58
N ARG A 371 -6.44 21.48 -18.48
CA ARG A 371 -5.15 22.15 -18.24
C ARG A 371 -3.96 21.20 -18.42
N GLU A 372 -4.13 19.91 -18.23
CA GLU A 372 -3.02 18.95 -18.35
C GLU A 372 -3.39 17.69 -19.13
N ILE A 373 -2.50 17.26 -20.03
CA ILE A 373 -2.54 15.95 -20.71
C ILE A 373 -1.31 15.18 -20.26
N THR A 374 -1.42 13.97 -19.71
CA THR A 374 -0.22 13.26 -19.21
C THR A 374 0.59 12.54 -20.28
N GLY A 375 0.00 12.20 -21.44
CA GLY A 375 0.70 11.58 -22.56
C GLY A 375 1.08 12.59 -23.64
N PHE A 376 0.81 12.27 -24.90
CA PHE A 376 1.08 13.13 -26.06
C PHE A 376 -0.20 13.62 -26.74
N LEU A 377 -0.09 14.74 -27.48
CA LEU A 377 -1.15 15.32 -28.29
C LEU A 377 -0.88 15.04 -29.78
N ASN A 378 -1.81 14.38 -30.45
CA ASN A 378 -1.64 13.87 -31.80
C ASN A 378 -2.81 14.29 -32.69
N ILE A 379 -2.62 15.31 -33.52
CA ILE A 379 -3.66 15.91 -34.35
C ILE A 379 -3.33 15.65 -35.81
N GLN A 380 -4.09 14.78 -36.48
CA GLN A 380 -3.90 14.44 -37.89
C GLN A 380 -5.09 14.84 -38.76
N SER A 381 -6.20 15.23 -38.12
CA SER A 381 -7.43 15.71 -38.73
C SER A 381 -8.08 16.75 -37.80
N TRP A 382 -8.71 17.78 -38.36
CA TRP A 382 -9.37 18.87 -37.64
C TRP A 382 -10.47 19.49 -38.53
N PRO A 383 -11.68 19.80 -38.04
CA PRO A 383 -12.76 20.26 -38.92
C PRO A 383 -12.33 21.42 -39.83
N PRO A 384 -12.71 21.43 -41.14
CA PRO A 384 -12.21 22.47 -42.07
C PRO A 384 -12.55 23.91 -41.69
N ASN A 385 -13.64 24.14 -40.97
CA ASN A 385 -14.09 25.48 -40.62
C ASN A 385 -13.52 26.03 -39.28
N MET A 386 -12.67 25.26 -38.59
CA MET A 386 -12.04 25.69 -37.33
C MET A 386 -10.58 26.08 -37.57
N THR A 387 -10.34 27.35 -37.88
CA THR A 387 -9.05 27.93 -38.33
C THR A 387 -7.95 28.07 -37.28
N ASP A 388 -8.21 27.67 -36.04
CA ASP A 388 -7.26 27.73 -34.93
C ASP A 388 -7.57 26.63 -33.91
N PHE A 389 -6.77 26.56 -32.85
CA PHE A 389 -6.95 25.64 -31.73
C PHE A 389 -7.43 26.32 -30.45
N SER A 390 -8.23 27.39 -30.56
CA SER A 390 -8.72 28.10 -29.38
C SER A 390 -9.50 27.23 -28.38
N VAL A 391 -10.09 26.09 -28.80
CA VAL A 391 -10.72 25.13 -27.85
C VAL A 391 -9.72 24.51 -26.86
N PHE A 392 -8.42 24.60 -27.11
CA PHE A 392 -7.35 24.17 -26.20
C PHE A 392 -6.61 25.35 -25.57
N SER A 393 -7.11 26.58 -25.62
CA SER A 393 -6.35 27.77 -25.18
C SER A 393 -5.90 27.71 -23.71
N ASN A 394 -6.64 27.02 -22.85
CA ASN A 394 -6.33 26.86 -21.42
C ASN A 394 -5.33 25.74 -21.07
N LEU A 395 -4.90 24.93 -22.05
CA LEU A 395 -3.92 23.87 -21.82
C LEU A 395 -2.60 24.49 -21.33
N VAL A 396 -2.06 23.98 -20.23
CA VAL A 396 -0.84 24.48 -19.59
C VAL A 396 0.36 23.59 -19.89
N THR A 397 0.20 22.28 -19.70
CA THR A 397 1.29 21.32 -19.76
C THR A 397 0.95 20.08 -20.58
N ILE A 398 1.87 19.66 -21.44
CA ILE A 398 1.87 18.34 -22.08
C ILE A 398 2.85 17.45 -21.28
N GLY A 399 2.34 16.44 -20.58
CA GLY A 399 3.10 15.65 -19.62
C GLY A 399 4.17 14.74 -20.20
N GLY A 400 3.96 14.15 -21.38
CA GLY A 400 4.97 13.34 -22.06
C GLY A 400 5.39 12.05 -21.34
N ARG A 401 4.51 11.41 -20.54
CA ARG A 401 4.82 10.15 -19.83
C ARG A 401 4.90 8.95 -20.78
N VAL A 402 4.20 9.04 -21.90
CA VAL A 402 4.26 8.13 -23.05
C VAL A 402 4.44 8.99 -24.30
N LEU A 403 5.19 8.52 -25.30
CA LEU A 403 5.46 9.25 -26.54
C LEU A 403 5.01 8.45 -27.76
N TYR A 404 4.63 9.14 -28.84
CA TYR A 404 4.31 8.51 -30.12
C TYR A 404 5.54 8.49 -31.00
N SER A 405 6.25 7.35 -31.08
CA SER A 405 7.54 7.24 -31.78
C SER A 405 8.54 8.35 -31.41
N GLY A 406 8.60 8.70 -30.12
CA GLY A 406 9.46 9.75 -29.57
C GLY A 406 8.89 11.18 -29.59
N LEU A 407 7.69 11.38 -30.12
CA LEU A 407 7.05 12.70 -30.24
C LEU A 407 5.99 12.91 -29.15
N SER A 408 5.89 14.13 -28.63
CA SER A 408 4.91 14.53 -27.62
C SER A 408 3.90 15.54 -28.09
N LEU A 409 4.22 16.34 -29.11
CA LEU A 409 3.31 17.26 -29.79
C LEU A 409 3.44 17.06 -31.29
N LEU A 410 2.37 16.64 -31.93
CA LEU A 410 2.44 16.16 -33.30
C LEU A 410 1.26 16.71 -34.09
N ILE A 411 1.53 17.50 -35.12
CA ILE A 411 0.51 18.03 -36.05
C ILE A 411 0.98 17.79 -37.48
N LEU A 412 0.14 17.19 -38.31
CA LEU A 412 0.45 16.91 -39.71
C LEU A 412 -0.67 17.36 -40.63
N LYS A 413 -0.35 17.97 -41.77
CA LYS A 413 -1.26 18.13 -42.94
C LYS A 413 -2.59 18.86 -42.66
N GLN A 414 -2.64 19.91 -41.85
CA GLN A 414 -3.88 20.66 -41.65
C GLN A 414 -3.94 21.90 -42.55
N GLN A 415 -4.68 21.79 -43.65
CA GLN A 415 -4.80 22.87 -44.64
C GLN A 415 -5.73 23.99 -44.14
N GLY A 416 -6.80 23.66 -43.42
CA GLY A 416 -7.83 24.60 -42.96
C GLY A 416 -7.51 25.35 -41.67
N ILE A 417 -6.26 25.80 -41.49
CA ILE A 417 -5.76 26.49 -40.30
C ILE A 417 -4.95 27.73 -40.70
N THR A 418 -5.05 28.82 -39.94
CA THR A 418 -4.28 30.05 -40.14
C THR A 418 -3.42 30.45 -38.94
N SER A 419 -3.85 30.08 -37.73
CA SER A 419 -3.22 30.47 -36.47
C SER A 419 -3.41 29.39 -35.43
N LEU A 420 -2.61 29.38 -34.36
CA LEU A 420 -2.72 28.35 -33.32
C LEU A 420 -3.54 28.85 -32.12
N GLN A 421 -3.25 30.05 -31.63
CA GLN A 421 -3.97 30.73 -30.55
C GLN A 421 -4.01 30.00 -29.19
N PHE A 422 -2.99 29.22 -28.82
CA PHE A 422 -2.85 28.76 -27.43
C PHE A 422 -2.57 29.97 -26.53
N GLN A 423 -2.96 29.95 -25.25
CA GLN A 423 -2.70 31.09 -24.34
C GLN A 423 -2.03 30.68 -23.03
N SER A 424 -2.46 29.58 -22.41
CA SER A 424 -1.94 29.12 -21.12
C SER A 424 -0.75 28.15 -21.24
N LEU A 425 -0.39 27.70 -22.44
CA LEU A 425 0.62 26.67 -22.65
C LEU A 425 2.02 27.20 -22.33
N LYS A 426 2.70 26.57 -21.38
CA LYS A 426 4.02 26.96 -20.87
C LYS A 426 5.03 25.82 -20.81
N GLU A 427 4.58 24.56 -20.78
CA GLU A 427 5.48 23.41 -20.66
C GLU A 427 5.14 22.27 -21.61
N ILE A 428 6.16 21.76 -22.30
CA ILE A 428 6.16 20.53 -23.08
C ILE A 428 7.26 19.63 -22.49
N SER A 429 6.90 18.74 -21.56
CA SER A 429 7.82 18.20 -20.56
C SER A 429 8.80 17.13 -21.05
N ALA A 430 8.47 16.43 -22.12
CA ALA A 430 9.29 15.35 -22.68
C ALA A 430 8.95 15.17 -24.17
N GLY A 431 9.86 14.56 -24.94
CA GLY A 431 9.63 14.24 -26.35
C GLY A 431 9.86 15.41 -27.31
N ASN A 432 9.79 15.11 -28.61
CA ASN A 432 9.98 16.10 -29.66
C ASN A 432 8.66 16.68 -30.19
N ILE A 433 8.76 17.84 -30.84
CA ILE A 433 7.67 18.54 -31.53
C ILE A 433 7.81 18.31 -33.02
N TYR A 434 6.74 17.93 -33.71
CA TYR A 434 6.77 17.61 -35.14
C TYR A 434 5.61 18.30 -35.85
N ILE A 435 5.87 19.35 -36.64
CA ILE A 435 4.83 20.16 -37.28
C ILE A 435 5.13 20.29 -38.77
N THR A 436 4.36 19.64 -39.63
CA THR A 436 4.64 19.62 -41.07
C THR A 436 3.40 19.69 -41.95
N ASP A 437 3.60 20.10 -43.21
CA ASP A 437 2.58 20.12 -44.26
C ASP A 437 1.41 21.11 -44.02
N ASN A 438 1.53 22.05 -43.08
CA ASN A 438 0.49 23.00 -42.75
C ASN A 438 0.53 24.22 -43.69
N SER A 439 0.04 24.04 -44.92
CA SER A 439 0.21 24.97 -46.05
C SER A 439 -0.43 26.36 -45.91
N ASN A 440 -1.37 26.58 -44.99
CA ASN A 440 -1.97 27.88 -44.72
C ASN A 440 -1.65 28.47 -43.33
N LEU A 441 -0.86 27.78 -42.50
CA LEU A 441 -0.53 28.22 -41.15
C LEU A 441 0.56 29.29 -41.17
N CYS A 442 0.42 30.44 -40.48
CA CYS A 442 1.43 31.52 -40.49
C CYS A 442 2.28 31.71 -39.22
N TYR A 443 1.69 32.00 -38.07
CA TYR A 443 2.40 32.57 -36.91
C TYR A 443 3.42 31.63 -36.24
N TYR A 444 3.35 30.33 -36.55
CA TYR A 444 4.23 29.27 -36.06
C TYR A 444 5.73 29.60 -36.16
N HIS A 445 6.15 30.34 -37.20
CA HIS A 445 7.55 30.62 -37.48
C HIS A 445 8.19 31.60 -36.49
N THR A 446 7.38 32.26 -35.66
CA THR A 446 7.87 33.25 -34.68
C THR A 446 8.27 32.63 -33.34
N ILE A 447 7.87 31.38 -33.07
CA ILE A 447 7.93 30.79 -31.74
C ILE A 447 9.36 30.45 -31.28
N ASN A 448 9.71 30.87 -30.06
CA ASN A 448 10.95 30.50 -29.37
C ASN A 448 10.80 29.22 -28.53
N TRP A 449 10.93 28.06 -29.17
CA TRP A 449 10.58 26.74 -28.61
C TRP A 449 11.40 26.30 -27.39
N THR A 450 12.60 26.86 -27.19
CA THR A 450 13.40 26.61 -25.98
C THR A 450 12.78 27.19 -24.71
N THR A 451 11.75 28.04 -24.81
CA THR A 451 10.97 28.49 -23.65
C THR A 451 9.91 27.48 -23.22
N LEU A 452 9.57 26.50 -24.06
CA LEU A 452 8.59 25.44 -23.76
C LEU A 452 9.24 24.11 -23.41
N PHE A 453 10.42 23.84 -23.96
CA PHE A 453 11.18 22.62 -23.69
C PHE A 453 11.66 22.56 -22.23
N SER A 454 11.66 21.37 -21.64
CA SER A 454 12.10 21.13 -20.26
C SER A 454 13.57 20.68 -20.14
N THR A 455 14.20 20.24 -21.23
CA THR A 455 15.61 19.87 -21.24
C THR A 455 16.25 20.21 -22.59
N ILE A 456 17.57 20.46 -22.62
CA ILE A 456 18.30 20.74 -23.86
C ILE A 456 18.32 19.56 -24.85
N ASN A 457 17.95 18.35 -24.41
CA ASN A 457 17.89 17.15 -25.25
C ASN A 457 16.67 17.12 -26.19
N GLN A 458 15.71 18.03 -26.06
CA GLN A 458 14.54 18.10 -26.94
C GLN A 458 14.81 18.85 -28.26
N ARG A 459 14.14 18.43 -29.33
CA ARG A 459 14.26 18.96 -30.69
C ARG A 459 12.88 19.20 -31.31
N ILE A 460 12.80 20.10 -32.27
CA ILE A 460 11.60 20.31 -33.11
C ILE A 460 11.93 20.12 -34.58
N VAL A 461 11.02 19.48 -35.31
CA VAL A 461 11.08 19.31 -36.77
C VAL A 461 10.00 20.17 -37.41
N ILE A 462 10.39 21.09 -38.28
CA ILE A 462 9.49 21.93 -39.08
C ILE A 462 9.85 21.76 -40.56
N ARG A 463 8.87 21.44 -41.40
CA ARG A 463 9.02 21.37 -42.86
C ARG A 463 7.69 21.41 -43.61
N ASP A 464 7.73 21.99 -44.80
CA ASP A 464 6.64 22.10 -45.78
C ASP A 464 5.35 22.81 -45.30
N ASN A 465 5.49 23.74 -44.36
CA ASN A 465 4.38 24.60 -43.94
C ASN A 465 4.36 25.87 -44.82
N ARG A 466 3.40 26.79 -44.64
CA ARG A 466 3.38 28.05 -45.41
C ARG A 466 4.66 28.86 -45.15
N LYS A 467 5.24 29.44 -46.21
CA LYS A 467 6.46 30.24 -46.14
C LYS A 467 6.26 31.49 -45.27
N ALA A 468 7.18 31.76 -44.35
CA ALA A 468 7.12 32.92 -43.47
C ALA A 468 7.17 34.26 -44.25
N GLU A 469 7.92 34.31 -45.36
CA GLU A 469 8.05 35.50 -46.20
C GLU A 469 6.72 35.88 -46.85
N ASN A 470 5.94 34.89 -47.30
CA ASN A 470 4.60 35.12 -47.85
C ASN A 470 3.61 35.57 -46.77
N CYS A 471 3.67 35.01 -45.57
CA CYS A 471 2.83 35.44 -44.45
C CYS A 471 3.12 36.89 -44.03
N THR A 472 4.39 37.28 -43.97
CA THR A 472 4.79 38.66 -43.68
C THR A 472 4.28 39.63 -44.75
N ALA A 473 4.41 39.27 -46.03
CA ALA A 473 3.94 40.08 -47.16
C ALA A 473 2.43 40.38 -47.07
N GLU A 474 1.65 39.43 -46.55
CA GLU A 474 0.20 39.55 -46.33
C GLU A 474 -0.18 40.26 -45.01
N GLY A 475 0.80 40.66 -44.17
CA GLY A 475 0.54 41.38 -42.92
C GLY A 475 0.14 40.49 -41.73
N MET A 476 0.50 39.21 -41.79
CA MET A 476 0.20 38.18 -40.78
C MET A 476 1.13 38.33 -39.57
N VAL A 477 0.98 39.42 -38.82
CA VAL A 477 1.84 39.80 -37.67
C VAL A 477 1.02 40.04 -36.39
N CYS A 478 1.67 39.91 -35.24
CA CYS A 478 1.06 40.05 -33.92
C CYS A 478 1.16 41.49 -33.35
N ASN A 479 0.52 41.72 -32.20
CA ASN A 479 0.48 43.02 -31.53
C ASN A 479 1.87 43.65 -31.32
N HIS A 480 1.99 44.97 -31.49
CA HIS A 480 3.26 45.70 -31.38
C HIS A 480 4.00 45.49 -30.05
N LEU A 481 3.32 45.14 -28.96
CA LEU A 481 3.94 44.85 -27.65
C LEU A 481 4.66 43.48 -27.59
N CYS A 482 4.41 42.58 -28.53
CA CYS A 482 4.91 41.20 -28.49
C CYS A 482 6.44 41.14 -28.61
N SER A 483 7.07 40.37 -27.72
CA SER A 483 8.53 40.24 -27.60
C SER A 483 9.14 39.30 -28.65
N SER A 484 10.47 39.19 -28.65
CA SER A 484 11.22 38.27 -29.51
C SER A 484 10.89 36.78 -29.29
N ASP A 485 10.15 36.39 -28.24
CA ASP A 485 9.71 34.99 -28.04
C ASP A 485 8.65 34.53 -29.04
N GLY A 486 7.98 35.45 -29.74
CA GLY A 486 6.96 35.15 -30.74
C GLY A 486 5.54 35.03 -30.17
N CYS A 487 4.63 34.56 -31.03
CA CYS A 487 3.20 34.54 -30.73
C CYS A 487 2.46 33.33 -31.30
N TRP A 488 1.33 33.01 -30.69
CA TRP A 488 0.40 31.97 -31.11
C TRP A 488 -0.62 32.47 -32.13
N GLY A 489 -0.91 33.76 -32.15
CA GLY A 489 -1.93 34.36 -33.01
C GLY A 489 -1.98 35.89 -32.91
N PRO A 490 -2.84 36.54 -33.70
CA PRO A 490 -2.87 38.00 -33.84
C PRO A 490 -3.36 38.78 -32.61
N GLY A 491 -4.04 38.14 -31.67
CA GLY A 491 -4.66 38.83 -30.54
C GLY A 491 -3.64 39.44 -29.56
N PRO A 492 -3.99 40.54 -28.86
CA PRO A 492 -3.13 41.18 -27.86
C PRO A 492 -2.85 40.30 -26.62
N ASP A 493 -3.62 39.23 -26.44
CA ASP A 493 -3.51 38.23 -25.38
C ASP A 493 -2.96 36.87 -25.87
N GLN A 494 -2.47 36.77 -27.12
CA GLN A 494 -2.01 35.52 -27.74
C GLN A 494 -0.49 35.47 -28.00
N CYS A 495 0.29 36.39 -27.44
CA CYS A 495 1.76 36.39 -27.51
C CYS A 495 2.43 35.67 -26.34
N LEU A 496 3.56 34.98 -26.56
CA LEU A 496 4.24 34.20 -25.50
C LEU A 496 4.73 35.11 -24.36
N SER A 497 5.28 36.27 -24.68
CA SER A 497 5.65 37.31 -23.71
C SER A 497 5.68 38.68 -24.40
N CYS A 498 5.51 39.75 -23.61
CA CYS A 498 5.46 41.12 -24.12
C CYS A 498 6.15 42.09 -23.16
N ARG A 499 6.51 43.28 -23.69
CA ARG A 499 7.12 44.37 -22.93
C ARG A 499 6.05 45.27 -22.30
N ARG A 500 6.47 46.32 -21.59
CA ARG A 500 5.60 47.24 -20.82
C ARG A 500 4.83 46.48 -19.74
N PHE A 501 3.51 46.40 -19.81
CA PHE A 501 2.65 45.81 -18.79
C PHE A 501 1.60 44.86 -19.40
N SER A 502 1.07 43.96 -18.58
CA SER A 502 -0.09 43.13 -18.92
C SER A 502 -1.18 43.25 -17.85
N ARG A 503 -2.42 42.97 -18.24
CA ARG A 503 -3.61 43.00 -17.38
C ARG A 503 -4.38 41.69 -17.54
N GLY A 504 -3.99 40.66 -16.80
CA GLY A 504 -4.39 39.28 -17.11
C GLY A 504 -3.68 38.79 -18.37
N ARG A 505 -4.38 38.07 -19.26
CA ARG A 505 -3.79 37.55 -20.51
C ARG A 505 -3.42 38.66 -21.51
N ILE A 506 -4.12 39.78 -21.51
CA ILE A 506 -3.92 40.89 -22.45
C ILE A 506 -2.71 41.77 -22.08
N CYS A 507 -1.82 41.98 -23.05
CA CYS A 507 -0.71 42.93 -22.99
C CYS A 507 -1.20 44.37 -23.26
N ILE A 508 -0.77 45.34 -22.46
CA ILE A 508 -1.22 46.74 -22.51
C ILE A 508 -0.02 47.70 -22.53
N GLU A 509 -0.24 48.90 -23.08
CA GLU A 509 0.80 49.93 -23.19
C GLU A 509 1.04 50.70 -21.88
N SER A 510 0.00 50.93 -21.07
CA SER A 510 0.10 51.69 -19.82
C SER A 510 -1.00 51.30 -18.81
N CYS A 511 -0.80 51.67 -17.55
CA CYS A 511 -1.67 51.31 -16.43
C CYS A 511 -2.35 52.53 -15.80
N ASN A 512 -3.49 52.33 -15.16
CA ASN A 512 -4.36 53.36 -14.60
C ASN A 512 -3.87 53.89 -13.25
N LEU A 513 -2.73 54.59 -13.21
CA LEU A 513 -2.12 55.10 -11.97
C LEU A 513 -2.64 56.50 -11.59
N TYR A 514 -2.93 57.32 -12.60
CA TYR A 514 -3.29 58.75 -12.50
C TYR A 514 -4.37 59.16 -13.52
N ASP A 515 -4.97 58.20 -14.22
CA ASP A 515 -5.95 58.43 -15.29
C ASP A 515 -6.97 57.29 -15.43
N GLY A 516 -8.09 57.55 -16.11
CA GLY A 516 -9.16 56.60 -16.43
C GLY A 516 -10.25 56.44 -15.37
N GLU A 517 -11.00 55.33 -15.45
CA GLU A 517 -12.21 55.08 -14.66
C GLU A 517 -11.96 54.62 -13.21
N PHE A 518 -10.82 53.99 -12.96
CA PHE A 518 -10.40 53.44 -11.66
C PHE A 518 -8.91 53.72 -11.42
N ARG A 519 -8.35 53.37 -10.25
CA ARG A 519 -6.91 53.51 -9.98
C ARG A 519 -6.23 52.26 -9.44
N GLU A 520 -5.01 52.03 -9.90
CA GLU A 520 -4.18 50.86 -9.62
C GLU A 520 -2.70 51.24 -9.41
N PHE A 521 -1.87 50.27 -9.05
CA PHE A 521 -0.41 50.42 -8.93
C PHE A 521 0.31 49.34 -9.74
N GLU A 522 1.55 49.63 -10.18
CA GLU A 522 2.34 48.82 -11.12
C GLU A 522 3.64 48.27 -10.51
N ASN A 523 4.03 47.02 -10.83
CA ASN A 523 5.42 46.54 -10.72
C ASN A 523 5.65 45.29 -11.61
N GLY A 524 6.87 45.08 -12.11
CA GLY A 524 7.30 43.88 -12.87
C GLY A 524 6.37 43.51 -14.05
N SER A 525 5.93 44.52 -14.80
CA SER A 525 5.00 44.40 -15.94
C SER A 525 3.60 43.89 -15.58
N ILE A 526 3.22 43.98 -14.31
CA ILE A 526 1.91 43.60 -13.76
C ILE A 526 1.28 44.83 -13.11
N CYS A 527 -0.03 45.02 -13.30
CA CYS A 527 -0.77 46.07 -12.61
C CYS A 527 -2.09 45.55 -12.03
N VAL A 528 -2.36 45.90 -10.77
CA VAL A 528 -3.59 45.52 -10.06
C VAL A 528 -4.14 46.68 -9.23
N GLU A 529 -5.44 46.67 -9.01
CA GLU A 529 -6.15 47.72 -8.29
C GLU A 529 -5.72 47.82 -6.82
N CYS A 530 -5.66 49.04 -6.29
CA CYS A 530 -5.58 49.30 -4.86
C CYS A 530 -6.99 49.33 -4.24
N ASP A 531 -7.11 49.32 -2.90
CA ASP A 531 -8.43 49.26 -2.26
C ASP A 531 -9.34 50.43 -2.70
N PRO A 532 -10.61 50.20 -3.07
CA PRO A 532 -11.51 51.26 -3.55
C PRO A 532 -11.81 52.38 -2.54
N GLN A 533 -11.42 52.26 -1.27
CA GLN A 533 -11.49 53.36 -0.30
C GLN A 533 -10.62 54.56 -0.69
N CYS A 534 -9.49 54.34 -1.37
CA CYS A 534 -8.58 55.39 -1.80
C CYS A 534 -9.26 56.29 -2.84
N GLU A 535 -9.24 57.60 -2.60
CA GLU A 535 -9.84 58.58 -3.52
C GLU A 535 -9.04 58.71 -4.80
N LYS A 536 -9.70 58.72 -5.97
CA LYS A 536 -9.05 58.81 -7.29
C LYS A 536 -8.39 60.19 -7.49
N MET A 537 -7.09 60.22 -7.78
CA MET A 537 -6.37 61.47 -8.07
C MET A 537 -6.39 61.75 -9.58
N GLU A 538 -6.37 63.03 -9.95
CA GLU A 538 -6.61 63.49 -11.32
C GLU A 538 -5.45 64.32 -11.89
N ASP A 539 -5.48 64.58 -13.19
CA ASP A 539 -4.55 65.50 -13.89
C ASP A 539 -3.05 65.14 -13.69
N GLY A 540 -2.75 63.84 -13.73
CA GLY A 540 -1.39 63.31 -13.64
C GLY A 540 -0.90 62.97 -12.22
N LEU A 541 -1.65 63.32 -11.16
CA LEU A 541 -1.26 62.99 -9.79
C LEU A 541 -1.49 61.50 -9.49
N LEU A 542 -0.48 60.80 -8.96
CA LEU A 542 -0.54 59.38 -8.63
C LEU A 542 -1.47 59.11 -7.45
N THR A 543 -2.37 58.13 -7.59
CA THR A 543 -3.30 57.76 -6.51
C THR A 543 -2.73 56.68 -5.59
N CYS A 544 -2.28 55.57 -6.17
CA CYS A 544 -1.82 54.40 -5.41
C CYS A 544 -0.44 53.92 -5.86
N HIS A 545 0.36 53.42 -4.91
CA HIS A 545 1.71 52.88 -5.11
C HIS A 545 1.95 51.56 -4.34
N GLY A 546 0.87 50.83 -4.06
CA GLY A 546 0.88 49.54 -3.35
C GLY A 546 -0.54 49.04 -3.07
N PRO A 547 -0.67 47.81 -2.54
CA PRO A 547 -1.96 47.20 -2.26
C PRO A 547 -2.63 47.75 -0.99
N GLY A 548 -3.91 47.41 -0.82
CA GLY A 548 -4.72 47.68 0.36
C GLY A 548 -5.27 49.12 0.45
N PRO A 549 -5.92 49.47 1.59
CA PRO A 549 -6.31 50.84 1.93
C PRO A 549 -5.09 51.73 2.27
N ASP A 550 -3.95 51.08 2.47
CA ASP A 550 -2.63 51.71 2.59
C ASP A 550 -2.09 52.12 1.20
N ASN A 551 -0.91 52.72 1.16
CA ASN A 551 -0.17 53.01 -0.08
C ASN A 551 -0.90 53.92 -1.08
N CYS A 552 -1.61 54.94 -0.60
CA CYS A 552 -2.29 55.89 -1.46
C CYS A 552 -2.34 57.30 -0.88
N THR A 553 -2.65 58.28 -1.73
CA THR A 553 -2.65 59.71 -1.38
C THR A 553 -3.64 60.04 -0.25
N LYS A 554 -4.88 59.52 -0.33
CA LYS A 554 -5.91 59.62 0.72
C LYS A 554 -7.12 58.75 0.40
N CYS A 555 -7.98 58.48 1.39
CA CYS A 555 -9.24 57.77 1.22
C CYS A 555 -10.45 58.70 1.38
N SER A 556 -11.57 58.39 0.71
CA SER A 556 -12.85 59.09 0.90
C SER A 556 -13.58 58.67 2.18
N HIS A 557 -13.18 57.54 2.77
CA HIS A 557 -13.62 57.03 4.06
C HIS A 557 -12.92 57.71 5.25
N PHE A 558 -13.28 57.33 6.47
CA PHE A 558 -12.64 57.83 7.69
C PHE A 558 -11.32 57.11 7.96
N LYS A 559 -10.22 57.83 8.18
CA LYS A 559 -8.89 57.25 8.39
C LYS A 559 -8.78 56.61 9.77
N ASP A 560 -8.25 55.39 9.86
CA ASP A 560 -8.02 54.69 11.13
C ASP A 560 -6.74 53.82 11.06
N GLY A 561 -5.59 54.42 11.37
CA GLY A 561 -4.29 53.80 11.15
C GLY A 561 -4.05 53.51 9.66
N PRO A 562 -3.59 52.30 9.28
CA PRO A 562 -3.36 51.94 7.88
C PRO A 562 -4.66 51.72 7.09
N ASN A 563 -5.81 51.62 7.77
CA ASN A 563 -7.12 51.36 7.19
C ASN A 563 -7.99 52.62 7.13
N CYS A 564 -9.17 52.49 6.54
CA CYS A 564 -10.23 53.49 6.64
C CYS A 564 -11.59 52.79 6.87
N VAL A 565 -12.58 53.48 7.42
CA VAL A 565 -13.90 52.92 7.76
C VAL A 565 -15.03 53.82 7.26
N GLU A 566 -16.22 53.23 7.10
CA GLU A 566 -17.43 53.90 6.59
C GLU A 566 -17.95 54.97 7.55
N LYS A 567 -17.90 54.68 8.86
CA LYS A 567 -18.22 55.54 10.00
C LYS A 567 -17.11 55.40 11.03
N CYS A 568 -16.55 56.50 11.53
CA CYS A 568 -15.48 56.44 12.53
C CYS A 568 -15.84 55.67 13.84
N PRO A 569 -17.00 55.86 14.48
CA PRO A 569 -17.38 55.14 15.71
C PRO A 569 -17.86 53.68 15.51
N ASP A 570 -17.87 53.14 14.29
CA ASP A 570 -18.31 51.76 14.04
C ASP A 570 -17.41 50.70 14.70
N GLY A 571 -17.99 49.73 15.43
CA GLY A 571 -17.23 48.68 16.12
C GLY A 571 -16.48 49.19 17.37
N LEU A 572 -15.15 49.05 17.37
CA LEU A 572 -14.22 49.54 18.40
C LEU A 572 -14.58 49.10 19.83
N ILE A 579 -11.89 50.50 23.72
CA ILE A 579 -11.57 51.63 22.85
C ILE A 579 -12.81 52.18 22.14
N PHE A 580 -12.83 53.50 21.90
CA PHE A 580 -13.83 54.19 21.08
C PHE A 580 -13.20 55.44 20.44
N LYS A 581 -13.79 55.98 19.36
CA LYS A 581 -13.20 57.07 18.56
C LYS A 581 -14.26 58.06 18.02
N TYR A 582 -13.81 59.25 17.66
CA TYR A 582 -14.55 60.29 16.94
C TYR A 582 -13.69 60.80 15.78
N ALA A 583 -14.28 61.44 14.77
CA ALA A 583 -13.54 62.00 13.63
C ALA A 583 -13.53 63.53 13.56
N ASP A 584 -12.42 64.07 13.06
CA ASP A 584 -12.20 65.50 12.77
C ASP A 584 -12.75 65.92 11.37
N PRO A 585 -12.72 67.22 11.01
CA PRO A 585 -13.26 67.70 9.73
C PRO A 585 -12.59 67.13 8.46
N ASP A 586 -11.41 66.51 8.57
CA ASP A 586 -10.70 65.86 7.46
C ASP A 586 -10.95 64.33 7.44
N ARG A 587 -11.91 63.86 8.23
CA ARG A 587 -12.30 62.45 8.43
C ARG A 587 -11.21 61.58 9.07
N GLU A 588 -10.28 62.11 9.85
CA GLU A 588 -9.36 61.26 10.61
C GLU A 588 -9.89 60.96 12.02
N CYS A 589 -9.85 59.68 12.40
CA CYS A 589 -10.30 59.22 13.70
C CYS A 589 -9.28 59.49 14.83
N HIS A 590 -9.80 59.92 15.98
CA HIS A 590 -9.07 60.22 17.22
C HIS A 590 -9.81 59.59 18.42
N PRO A 591 -9.15 59.31 19.55
CA PRO A 591 -9.76 58.63 20.69
C PRO A 591 -10.97 59.38 21.28
N CYS A 592 -11.93 58.62 21.80
CA CYS A 592 -13.08 59.08 22.60
C CYS A 592 -13.23 58.19 23.85
N HIS A 593 -13.96 58.67 24.86
CA HIS A 593 -14.32 57.89 26.04
C HIS A 593 -15.04 56.57 25.64
N PRO A 594 -14.78 55.44 26.34
CA PRO A 594 -15.43 54.15 26.08
C PRO A 594 -16.95 54.18 26.27
N ASN A 595 -17.62 53.08 25.89
CA ASN A 595 -19.08 53.03 25.66
C ASN A 595 -19.47 54.02 24.54
N CYS A 596 -20.46 54.90 24.75
CA CYS A 596 -20.86 55.94 23.79
C CYS A 596 -21.27 55.44 22.39
N THR A 597 -21.71 54.18 22.26
CA THR A 597 -21.94 53.50 20.96
C THR A 597 -23.01 54.14 20.08
N GLN A 598 -23.84 55.03 20.62
CA GLN A 598 -24.77 55.87 19.85
C GLN A 598 -24.06 56.91 18.95
N GLY A 599 -22.82 57.30 19.29
CA GLY A 599 -22.00 58.28 18.59
C GLY A 599 -21.23 59.20 19.54
N CYS A 600 -20.08 59.71 19.07
CA CYS A 600 -19.21 60.62 19.81
C CYS A 600 -18.59 61.70 18.90
N ASN A 601 -18.33 62.88 19.48
CA ASN A 601 -17.92 64.10 18.76
C ASN A 601 -16.60 64.71 19.27
N GLY A 602 -15.87 64.03 20.16
CA GLY A 602 -14.68 64.58 20.81
C GLY A 602 -14.02 63.62 21.81
N PRO A 603 -12.96 64.06 22.51
CA PRO A 603 -12.12 63.21 23.33
C PRO A 603 -12.74 62.65 24.63
N THR A 604 -13.90 63.13 25.10
CA THR A 604 -14.45 62.76 26.42
C THR A 604 -15.96 62.48 26.42
N SER A 605 -16.49 61.89 27.51
CA SER A 605 -17.89 61.45 27.61
C SER A 605 -18.90 62.59 27.39
N HIS A 606 -18.52 63.84 27.71
CA HIS A 606 -19.32 65.04 27.43
C HIS A 606 -19.54 65.30 25.93
N ASP A 607 -18.74 64.68 25.07
CA ASP A 607 -18.86 64.76 23.61
C ASP A 607 -19.70 63.64 22.98
N CYS A 608 -20.19 62.68 23.77
CA CYS A 608 -21.08 61.62 23.31
C CYS A 608 -22.52 62.13 23.13
N ILE A 609 -23.26 61.60 22.15
CA ILE A 609 -24.64 62.03 21.81
C ILE A 609 -25.61 61.74 22.97
N GLN B 1 -2.80 -27.38 14.00
CA GLN B 1 -1.88 -27.79 15.05
C GLN B 1 -2.29 -27.31 16.45
N SER B 2 -1.95 -28.07 17.49
CA SER B 2 -2.16 -27.66 18.90
C SER B 2 -1.05 -26.73 19.40
N VAL B 3 -1.39 -25.48 19.69
CA VAL B 3 -0.46 -24.39 20.04
C VAL B 3 -0.55 -24.07 21.52
N CYS B 4 0.58 -23.96 22.21
CA CYS B 4 0.65 -23.57 23.62
C CYS B 4 1.74 -22.54 23.87
N ALA B 5 1.57 -21.67 24.85
CA ALA B 5 2.60 -20.73 25.26
C ALA B 5 3.64 -21.40 26.16
N GLY B 6 4.89 -20.97 26.11
CA GLY B 6 5.96 -21.46 26.97
C GLY B 6 6.18 -20.58 28.18
N THR B 7 6.89 -21.07 29.19
CA THR B 7 7.27 -20.27 30.37
C THR B 7 8.57 -19.50 30.13
N GLU B 8 8.87 -18.50 30.97
CA GLU B 8 10.13 -17.72 30.91
C GLU B 8 10.76 -17.59 32.31
N ASN B 9 10.97 -18.71 32.98
CA ASN B 9 11.51 -18.76 34.35
C ASN B 9 13.04 -18.90 34.40
N LYS B 10 13.73 -19.26 33.31
CA LYS B 10 15.17 -19.56 33.34
C LYS B 10 15.46 -20.65 34.38
N LEU B 11 16.36 -20.41 35.34
CA LEU B 11 16.70 -21.38 36.38
C LEU B 11 15.87 -21.24 37.69
N SER B 12 14.90 -20.33 37.76
CA SER B 12 14.05 -20.16 38.95
C SER B 12 12.94 -21.20 39.03
N SER B 13 12.48 -21.55 40.24
CA SER B 13 11.54 -22.66 40.48
C SER B 13 10.55 -22.40 41.61
N LEU B 14 9.55 -23.28 41.71
CA LEU B 14 8.61 -23.29 42.84
C LEU B 14 9.22 -24.01 44.04
N SER B 15 8.70 -23.72 45.24
CA SER B 15 9.19 -24.25 46.53
C SER B 15 8.88 -25.72 46.79
N ASP B 16 7.98 -26.30 46.01
CA ASP B 16 7.45 -27.65 46.15
C ASP B 16 7.65 -28.40 44.84
N LEU B 17 8.43 -29.48 44.84
CA LEU B 17 8.75 -30.22 43.62
C LEU B 17 7.52 -30.92 43.00
N GLU B 18 6.48 -31.23 43.78
CA GLU B 18 5.24 -31.72 43.21
C GLU B 18 4.50 -30.65 42.41
N GLN B 19 4.47 -29.40 42.88
CA GLN B 19 3.88 -28.32 42.11
C GLN B 19 4.73 -27.99 40.88
N GLN B 20 6.06 -28.09 40.98
CA GLN B 20 6.95 -27.89 39.84
C GLN B 20 6.61 -28.87 38.72
N TYR B 21 6.41 -30.15 39.05
CA TYR B 21 5.98 -31.14 38.06
C TYR B 21 4.58 -30.88 37.52
N ARG B 22 3.61 -30.58 38.38
CA ARG B 22 2.24 -30.32 37.91
C ARG B 22 2.15 -29.08 37.03
N ALA B 23 2.90 -28.03 37.33
CA ALA B 23 2.96 -26.84 36.50
C ALA B 23 3.50 -27.20 35.10
N LEU B 24 4.58 -27.99 35.04
CA LEU B 24 5.16 -28.45 33.78
C LEU B 24 4.15 -29.23 32.92
N ARG B 25 3.34 -30.13 33.50
CA ARG B 25 2.27 -30.79 32.75
C ARG B 25 1.29 -29.77 32.19
N LYS B 26 0.83 -28.82 32.98
CA LYS B 26 -0.21 -27.87 32.53
C LYS B 26 0.22 -26.96 31.39
N TYR B 27 1.49 -26.58 31.25
CA TYR B 27 1.91 -25.72 30.15
C TYR B 27 2.15 -26.50 28.84
N TYR B 28 2.75 -27.68 28.91
CA TYR B 28 3.33 -28.37 27.75
C TYR B 28 2.58 -29.65 27.33
N GLU B 29 1.63 -30.14 28.10
CA GLU B 29 0.88 -31.34 27.77
C GLU B 29 -0.09 -31.15 26.59
N ASN B 30 -0.11 -32.07 25.62
CA ASN B 30 -0.98 -32.07 24.44
C ASN B 30 -0.86 -30.83 23.52
N CYS B 31 0.36 -30.32 23.35
CA CYS B 31 0.66 -29.28 22.37
C CYS B 31 1.95 -29.58 21.59
N GLU B 32 2.02 -29.10 20.36
CA GLU B 32 3.11 -29.41 19.43
C GLU B 32 3.92 -28.18 18.99
N VAL B 33 3.36 -26.97 19.05
CA VAL B 33 4.10 -25.74 18.78
C VAL B 33 4.15 -24.93 20.05
N VAL B 34 5.34 -24.66 20.57
CA VAL B 34 5.53 -23.86 21.78
C VAL B 34 5.82 -22.44 21.36
N MET B 35 4.91 -21.54 21.67
CA MET B 35 4.98 -20.12 21.37
C MET B 35 5.72 -19.34 22.48
N GLY B 36 6.95 -19.74 22.73
CA GLY B 36 7.84 -19.21 23.75
C GLY B 36 8.95 -20.22 24.01
N ASN B 37 9.54 -20.22 25.19
CA ASN B 37 10.64 -21.14 25.47
C ASN B 37 10.13 -22.47 26.03
N LEU B 38 10.88 -23.54 25.84
CA LEU B 38 10.64 -24.80 26.54
C LEU B 38 11.66 -24.89 27.65
N GLU B 39 11.25 -24.80 28.90
CA GLU B 39 12.17 -24.82 30.03
C GLU B 39 11.79 -25.89 31.04
N ILE B 40 12.67 -26.88 31.17
CA ILE B 40 12.49 -28.05 32.02
C ILE B 40 13.59 -28.01 33.08
N THR B 41 13.23 -27.70 34.32
CA THR B 41 14.22 -27.54 35.41
C THR B 41 13.79 -28.29 36.66
N SER B 42 14.76 -28.79 37.42
CA SER B 42 14.61 -29.43 38.74
C SER B 42 13.64 -30.61 38.85
N ILE B 43 13.39 -31.38 37.78
CA ILE B 43 12.48 -32.53 37.81
C ILE B 43 13.13 -33.78 38.42
N GLU B 44 12.40 -34.45 39.32
CA GLU B 44 12.81 -35.64 40.05
C GLU B 44 12.96 -36.87 39.15
N HIS B 45 13.83 -37.82 39.51
CA HIS B 45 14.13 -38.99 38.67
C HIS B 45 12.99 -40.00 38.52
N ASN B 46 11.98 -39.94 39.38
CA ASN B 46 10.83 -40.86 39.35
C ASN B 46 9.63 -40.35 38.53
N ARG B 47 9.73 -39.22 37.82
CA ARG B 47 8.57 -38.61 37.14
C ARG B 47 8.37 -39.03 35.69
N ASP B 48 7.10 -39.11 35.29
CA ASP B 48 6.63 -39.40 33.93
C ASP B 48 6.71 -38.17 33.00
N LEU B 49 7.61 -38.19 32.00
CA LEU B 49 7.79 -37.11 31.02
C LEU B 49 7.28 -37.47 29.61
N SER B 50 6.48 -38.53 29.47
CA SER B 50 5.94 -38.96 28.18
C SER B 50 5.03 -37.94 27.49
N PHE B 51 4.42 -37.00 28.24
CA PHE B 51 3.61 -35.93 27.65
C PHE B 51 4.42 -34.98 26.75
N LEU B 52 5.75 -34.90 26.91
CA LEU B 52 6.61 -34.07 26.05
C LEU B 52 6.78 -34.61 24.63
N ARG B 53 6.38 -35.86 24.35
CA ARG B 53 6.46 -36.44 23.00
C ARG B 53 5.58 -35.72 21.98
N SER B 54 4.63 -34.86 22.38
CA SER B 54 3.84 -34.11 21.40
C SER B 54 4.58 -32.89 20.82
N VAL B 55 5.71 -32.46 21.38
CA VAL B 55 6.40 -31.23 20.95
C VAL B 55 7.18 -31.47 19.66
N ARG B 56 6.95 -30.63 18.64
CA ARG B 56 7.64 -30.69 17.33
C ARG B 56 8.38 -29.42 16.98
N GLU B 57 7.91 -28.26 17.43
CA GLU B 57 8.50 -26.95 17.14
C GLU B 57 8.57 -26.08 18.39
N VAL B 58 9.70 -25.41 18.61
CA VAL B 58 9.88 -24.39 19.66
C VAL B 58 10.27 -23.08 19.00
N THR B 59 9.55 -21.99 19.25
CA THR B 59 9.88 -20.70 18.60
C THR B 59 11.01 -19.94 19.29
N GLY B 60 11.26 -20.18 20.57
CA GLY B 60 12.34 -19.58 21.33
C GLY B 60 13.52 -20.53 21.50
N TYR B 61 14.06 -20.64 22.71
CA TYR B 61 15.13 -21.58 23.03
C TYR B 61 14.63 -22.72 23.91
N VAL B 62 15.41 -23.79 23.99
CA VAL B 62 15.16 -24.95 24.85
C VAL B 62 16.18 -24.97 25.97
N LEU B 63 15.73 -25.05 27.22
CA LEU B 63 16.59 -25.06 28.40
C LEU B 63 16.32 -26.32 29.21
N VAL B 64 17.34 -27.14 29.45
CA VAL B 64 17.23 -28.34 30.27
C VAL B 64 18.34 -28.30 31.31
N ALA B 65 18.00 -28.01 32.57
CA ALA B 65 19.01 -27.77 33.58
C ALA B 65 18.62 -28.27 34.95
N LEU B 66 19.61 -28.71 35.73
CA LEU B 66 19.48 -29.13 37.12
C LEU B 66 18.54 -30.33 37.37
N ASN B 67 18.22 -31.16 36.38
CA ASN B 67 17.27 -32.27 36.49
C ASN B 67 17.88 -33.61 36.91
N GLN B 68 17.04 -34.51 37.43
CA GLN B 68 17.45 -35.83 37.90
C GLN B 68 17.13 -36.99 36.96
N PHE B 69 16.20 -36.82 36.01
CA PHE B 69 15.68 -37.91 35.16
C PHE B 69 16.66 -38.42 34.10
N ARG B 70 16.52 -39.70 33.73
CA ARG B 70 17.47 -40.43 32.86
C ARG B 70 17.36 -40.16 31.36
N TYR B 71 16.17 -40.01 30.80
CA TYR B 71 15.95 -39.88 29.36
C TYR B 71 15.02 -38.71 29.07
N LEU B 72 15.36 -37.86 28.11
CA LEU B 72 14.57 -36.70 27.69
C LEU B 72 13.74 -37.02 26.44
N PRO B 73 12.44 -37.37 26.54
CA PRO B 73 11.68 -37.91 25.42
C PRO B 73 11.17 -36.82 24.45
N LEU B 74 12.08 -36.14 23.77
CA LEU B 74 11.79 -35.18 22.68
C LEU B 74 12.14 -35.74 21.30
N GLU B 75 11.84 -37.02 21.06
CA GLU B 75 12.27 -37.76 19.87
C GLU B 75 11.81 -37.15 18.55
N ASN B 76 10.62 -36.57 18.52
CA ASN B 76 10.01 -35.93 17.37
C ASN B 76 10.09 -34.40 17.36
N LEU B 77 10.93 -33.79 18.20
CA LEU B 77 11.28 -32.38 18.06
C LEU B 77 12.05 -32.20 16.75
N ARG B 78 11.66 -31.26 15.88
CA ARG B 78 12.27 -31.08 14.54
C ARG B 78 13.10 -29.82 14.41
N ILE B 79 12.59 -28.68 14.87
CA ILE B 79 13.19 -27.36 14.65
C ILE B 79 13.12 -26.47 15.88
N ILE B 80 14.18 -25.72 16.16
CA ILE B 80 14.22 -24.65 17.16
C ILE B 80 14.43 -23.33 16.44
N ARG B 81 13.52 -22.36 16.54
CA ARG B 81 13.63 -21.12 15.74
C ARG B 81 14.58 -20.07 16.32
N GLY B 82 14.84 -20.04 17.62
CA GLY B 82 15.81 -19.11 18.21
C GLY B 82 15.34 -17.64 18.25
N THR B 83 14.03 -17.38 18.40
CA THR B 83 13.47 -16.02 18.45
C THR B 83 14.05 -15.20 19.60
N LYS B 84 14.11 -15.79 20.80
CA LYS B 84 14.89 -15.33 21.95
C LYS B 84 15.99 -16.36 22.23
N LEU B 85 17.10 -15.97 22.82
CA LEU B 85 18.16 -16.90 23.19
C LEU B 85 18.44 -16.89 24.68
N TYR B 86 18.83 -18.04 25.23
CA TYR B 86 19.24 -18.14 26.63
C TYR B 86 20.52 -17.34 26.86
N GLU B 87 20.50 -16.42 27.83
CA GLU B 87 21.58 -15.43 28.07
C GLU B 87 21.96 -14.64 26.80
N ASP B 88 21.01 -14.46 25.88
CA ASP B 88 21.18 -13.80 24.58
C ASP B 88 22.18 -14.49 23.62
N ARG B 89 22.53 -15.76 23.84
CA ARG B 89 23.59 -16.45 23.10
C ARG B 89 23.18 -17.83 22.58
N TYR B 90 22.40 -18.61 23.33
CA TYR B 90 22.16 -20.02 23.04
C TYR B 90 20.70 -20.35 22.72
N ALA B 91 20.49 -21.20 21.71
CA ALA B 91 19.17 -21.72 21.36
C ALA B 91 18.89 -23.08 22.00
N LEU B 92 19.89 -23.74 22.56
CA LEU B 92 19.76 -25.03 23.23
C LEU B 92 20.82 -25.12 24.32
N ALA B 93 20.42 -25.11 25.59
CA ALA B 93 21.32 -25.11 26.72
C ALA B 93 21.03 -26.30 27.63
N ILE B 94 21.94 -27.27 27.73
CA ILE B 94 21.74 -28.47 28.57
C ILE B 94 22.90 -28.61 29.54
N PHE B 95 22.66 -28.43 30.84
CA PHE B 95 23.75 -28.37 31.81
C PHE B 95 23.39 -28.83 33.22
N LEU B 96 24.39 -29.30 33.96
CA LEU B 96 24.28 -29.70 35.36
C LEU B 96 23.15 -30.71 35.68
N ASN B 97 22.74 -31.58 34.77
CA ASN B 97 21.60 -32.49 35.00
C ASN B 97 21.99 -33.79 35.73
N TYR B 98 22.51 -33.68 36.94
CA TYR B 98 22.89 -34.78 37.81
C TYR B 98 22.96 -34.34 39.28
N ARG B 99 22.93 -35.30 40.22
CA ARG B 99 23.22 -35.10 41.65
C ARG B 99 24.61 -35.64 42.01
N LYS B 100 25.53 -34.79 42.45
CA LYS B 100 26.95 -35.17 42.56
C LYS B 100 27.31 -36.08 43.75
N ASP B 101 26.55 -36.08 44.84
CA ASP B 101 26.82 -36.99 45.97
C ASP B 101 26.21 -38.39 45.74
N GLY B 102 25.16 -38.48 44.93
CA GLY B 102 24.45 -39.72 44.60
C GLY B 102 24.84 -40.24 43.20
N ASN B 103 23.89 -40.89 42.53
CA ASN B 103 24.12 -41.49 41.20
C ASN B 103 23.03 -41.20 40.16
N PHE B 104 22.17 -40.20 40.34
CA PHE B 104 21.10 -39.88 39.37
C PHE B 104 21.51 -38.77 38.41
N GLY B 105 21.00 -38.83 37.18
CA GLY B 105 21.17 -37.79 36.15
C GLY B 105 20.76 -38.23 34.75
N LEU B 106 20.84 -37.30 33.80
CA LEU B 106 20.46 -37.48 32.39
C LEU B 106 21.49 -38.37 31.66
N GLN B 107 21.06 -39.40 30.92
CA GLN B 107 21.92 -40.38 30.23
C GLN B 107 21.88 -40.32 28.70
N GLU B 108 20.70 -40.22 28.10
CA GLU B 108 20.51 -40.36 26.66
C GLU B 108 19.57 -39.26 26.17
N LEU B 109 19.92 -38.57 25.09
CA LEU B 109 19.28 -37.30 24.78
C LEU B 109 17.92 -37.39 24.12
N GLY B 110 17.49 -38.53 23.58
CA GLY B 110 16.33 -38.52 22.69
C GLY B 110 16.65 -37.66 21.46
N LEU B 111 15.80 -36.70 21.10
CA LEU B 111 16.09 -35.67 20.08
C LEU B 111 16.29 -36.18 18.64
N LYS B 112 15.93 -37.44 18.32
CA LYS B 112 16.26 -38.08 17.03
C LYS B 112 15.94 -37.21 15.80
N ASN B 113 14.79 -36.53 15.80
CA ASN B 113 14.35 -35.74 14.66
C ASN B 113 14.88 -34.30 14.67
N LEU B 114 15.66 -33.84 15.67
CA LEU B 114 16.13 -32.46 15.68
C LEU B 114 17.03 -32.22 14.48
N THR B 115 16.64 -31.30 13.60
CA THR B 115 17.28 -31.11 12.30
C THR B 115 17.80 -29.70 12.06
N GLU B 116 17.11 -28.67 12.51
CA GLU B 116 17.49 -27.28 12.23
C GLU B 116 17.40 -26.43 13.48
N ILE B 117 18.45 -25.66 13.74
CA ILE B 117 18.45 -24.57 14.73
C ILE B 117 18.76 -23.29 13.95
N LEU B 118 17.77 -22.42 13.77
CA LEU B 118 17.86 -21.28 12.87
C LEU B 118 18.73 -20.12 13.38
N ASN B 119 18.91 -19.97 14.68
CA ASN B 119 19.68 -18.87 15.27
C ASN B 119 20.32 -19.30 16.60
N GLY B 120 21.38 -18.64 17.03
CA GLY B 120 22.02 -18.90 18.31
C GLY B 120 22.99 -20.09 18.31
N GLY B 121 23.62 -20.31 19.46
CA GLY B 121 24.57 -21.40 19.70
C GLY B 121 23.97 -22.65 20.35
N VAL B 122 24.83 -23.61 20.69
CA VAL B 122 24.49 -24.86 21.37
C VAL B 122 25.41 -25.06 22.57
N TYR B 123 24.85 -25.38 23.73
CA TYR B 123 25.60 -25.42 24.97
C TYR B 123 25.29 -26.64 25.82
N VAL B 124 26.18 -27.64 25.78
CA VAL B 124 26.09 -28.88 26.56
C VAL B 124 27.26 -28.96 27.53
N ASP B 125 27.01 -28.94 28.84
CA ASP B 125 28.06 -28.66 29.81
C ASP B 125 27.83 -29.26 31.20
N GLN B 126 28.88 -29.90 31.73
CA GLN B 126 28.96 -30.39 33.11
C GLN B 126 27.82 -31.32 33.50
N ASN B 127 27.42 -32.20 32.58
CA ASN B 127 26.55 -33.30 32.97
C ASN B 127 27.45 -34.43 33.50
N LYS B 128 26.91 -35.54 33.98
CA LYS B 128 27.74 -36.65 34.50
C LYS B 128 27.39 -37.99 33.89
N PHE B 129 26.12 -38.22 33.65
CA PHE B 129 25.63 -39.51 33.17
C PHE B 129 25.38 -39.53 31.65
N LEU B 130 25.51 -38.38 30.97
CA LEU B 130 25.28 -38.25 29.53
C LEU B 130 26.56 -38.53 28.76
N CYS B 131 26.63 -39.68 28.08
CA CYS B 131 27.85 -40.20 27.45
C CYS B 131 27.90 -40.07 25.92
N TYR B 132 26.75 -40.11 25.24
CA TYR B 132 26.67 -40.17 23.78
C TYR B 132 26.81 -38.82 23.05
N ALA B 133 26.45 -37.71 23.69
CA ALA B 133 26.37 -36.41 23.01
C ALA B 133 27.73 -35.89 22.49
N ASP B 134 28.88 -36.34 23.04
CA ASP B 134 30.21 -36.00 22.50
C ASP B 134 30.40 -36.45 21.04
N THR B 135 29.64 -37.44 20.58
CA THR B 135 29.79 -38.03 19.24
C THR B 135 29.06 -37.23 18.17
N ILE B 136 28.02 -36.47 18.53
CA ILE B 136 27.13 -35.77 17.60
C ILE B 136 27.82 -34.57 16.97
N HIS B 137 27.56 -34.33 15.68
CA HIS B 137 28.16 -33.23 14.92
C HIS B 137 27.13 -32.10 14.74
N TRP B 138 27.19 -31.09 15.60
CA TRP B 138 26.18 -30.02 15.64
C TRP B 138 26.15 -29.10 14.43
N GLN B 139 27.26 -28.94 13.71
CA GLN B 139 27.36 -28.01 12.59
C GLN B 139 26.42 -28.36 11.42
N ASP B 140 25.92 -29.59 11.34
CA ASP B 140 24.88 -29.95 10.36
C ASP B 140 23.51 -29.37 10.75
N ILE B 141 23.24 -29.34 12.05
CA ILE B 141 21.97 -28.93 12.63
C ILE B 141 21.91 -27.41 12.78
N VAL B 142 23.01 -26.79 13.22
CA VAL B 142 23.08 -25.36 13.47
C VAL B 142 23.16 -24.57 12.16
N ARG B 143 22.30 -23.58 11.95
CA ARG B 143 22.27 -22.78 10.71
C ARG B 143 23.51 -21.89 10.53
N ASN B 144 24.13 -21.49 11.63
CA ASN B 144 25.34 -20.66 11.66
C ASN B 144 26.54 -21.46 12.25
N PRO B 145 27.11 -22.45 11.53
CA PRO B 145 28.05 -23.42 12.12
C PRO B 145 29.48 -22.91 12.34
N TRP B 146 29.81 -21.74 11.82
CA TRP B 146 31.20 -21.24 11.77
C TRP B 146 31.80 -21.01 13.16
N PRO B 147 33.13 -21.05 13.33
CA PRO B 147 33.78 -20.94 14.65
C PRO B 147 33.40 -19.71 15.47
N SER B 148 32.93 -18.63 14.83
CA SER B 148 32.48 -17.39 15.46
C SER B 148 31.17 -17.56 16.24
N ASN B 149 30.40 -18.62 16.01
CA ASN B 149 29.22 -18.99 16.77
C ASN B 149 29.59 -19.97 17.89
N LEU B 150 28.89 -19.91 19.02
CA LEU B 150 29.18 -20.69 20.22
C LEU B 150 28.52 -22.07 20.17
N THR B 151 29.03 -22.96 19.33
CA THR B 151 28.57 -24.35 19.20
C THR B 151 29.57 -25.27 19.90
N LEU B 152 29.23 -25.79 21.09
CA LEU B 152 30.18 -26.56 21.91
C LEU B 152 29.55 -27.66 22.77
N VAL B 153 30.27 -28.77 22.92
CA VAL B 153 29.98 -29.86 23.86
C VAL B 153 31.19 -30.11 24.74
N SER B 154 31.04 -30.03 26.06
CA SER B 154 32.14 -30.21 27.02
C SER B 154 32.40 -31.69 27.34
N GLY B 157 31.58 -34.44 30.12
CA GLY B 157 32.57 -35.50 30.20
C GLY B 157 32.15 -36.71 31.06
N SER B 158 32.44 -37.92 30.58
CA SER B 158 32.11 -39.19 31.22
C SER B 158 33.09 -40.30 30.80
N SER B 159 32.98 -41.49 31.40
CA SER B 159 33.78 -42.66 31.00
C SER B 159 33.45 -43.21 29.60
N GLY B 160 32.28 -42.92 29.01
CA GLY B 160 31.91 -43.39 27.67
C GLY B 160 30.98 -44.62 27.61
N CYS B 161 30.36 -44.82 26.45
CA CYS B 161 29.37 -45.87 26.17
C CYS B 161 29.56 -46.55 24.79
N GLY B 162 30.81 -46.67 24.32
CA GLY B 162 31.14 -47.36 23.07
C GLY B 162 30.66 -46.63 21.80
N ARG B 163 30.21 -47.39 20.81
CA ARG B 163 29.58 -46.91 19.57
C ARG B 163 28.19 -47.56 19.42
N CYS B 164 27.23 -46.83 18.86
CA CYS B 164 25.82 -47.19 19.02
C CYS B 164 25.40 -48.48 18.30
N HIS B 165 25.87 -48.68 17.06
CA HIS B 165 25.66 -49.87 16.25
C HIS B 165 26.70 -49.90 15.10
N LYS B 166 27.01 -51.08 14.55
CA LYS B 166 28.00 -51.22 13.47
C LYS B 166 27.63 -50.47 12.18
N SER B 167 26.34 -50.25 11.94
CA SER B 167 25.82 -49.47 10.81
C SER B 167 25.88 -47.95 11.02
N CYS B 168 26.24 -47.49 12.21
CA CYS B 168 26.36 -46.07 12.55
C CYS B 168 27.83 -45.67 12.66
N THR B 169 28.27 -44.73 11.81
CA THR B 169 29.68 -44.30 11.72
C THR B 169 29.99 -43.17 12.70
N GLY B 170 29.92 -43.47 14.00
CA GLY B 170 29.87 -42.45 15.05
C GLY B 170 28.56 -41.65 15.01
N ARG B 171 28.58 -40.41 15.53
CA ARG B 171 27.46 -39.45 15.44
C ARG B 171 26.11 -40.06 15.84
N CYS B 172 25.94 -40.43 17.10
CA CYS B 172 24.75 -41.18 17.53
C CYS B 172 24.33 -40.92 18.99
N TRP B 173 23.04 -41.03 19.29
CA TRP B 173 22.46 -40.66 20.58
C TRP B 173 22.29 -41.82 21.57
N GLY B 174 22.23 -43.07 21.11
CA GLY B 174 21.97 -44.23 21.97
C GLY B 174 22.16 -45.56 21.22
N PRO B 175 22.31 -46.69 21.93
CA PRO B 175 22.87 -47.93 21.39
C PRO B 175 21.92 -48.73 20.48
N THR B 176 21.59 -48.20 19.31
CA THR B 176 20.91 -48.92 18.23
C THR B 176 21.15 -48.25 16.88
N GLU B 177 21.03 -49.01 15.80
CA GLU B 177 20.90 -48.55 14.42
C GLU B 177 19.75 -47.54 14.23
N ASN B 178 18.76 -47.55 15.12
CA ASN B 178 17.68 -46.57 15.11
C ASN B 178 18.11 -45.18 15.59
N HIS B 179 19.22 -45.05 16.33
CA HIS B 179 19.57 -43.87 17.12
C HIS B 179 20.87 -43.21 16.65
N CYS B 180 21.10 -43.11 15.34
CA CYS B 180 22.24 -42.36 14.79
C CYS B 180 21.86 -41.25 13.79
N GLN B 181 22.68 -40.21 13.80
CA GLN B 181 22.35 -38.88 13.27
C GLN B 181 22.11 -38.90 11.77
N THR B 182 21.01 -38.29 11.31
CA THR B 182 20.78 -38.02 9.89
C THR B 182 21.48 -36.71 9.53
N LEU B 183 22.59 -36.75 8.78
CA LEU B 183 23.21 -35.53 8.25
C LEU B 183 22.40 -34.98 7.07
N THR B 184 22.18 -33.67 7.02
CA THR B 184 21.27 -33.04 6.05
C THR B 184 21.90 -31.89 5.27
N ARG B 185 23.04 -31.36 5.69
CA ARG B 185 23.76 -30.24 5.09
C ARG B 185 25.17 -30.65 4.69
N THR B 186 25.95 -31.26 5.58
CA THR B 186 27.38 -31.50 5.34
C THR B 186 27.64 -32.60 4.29
N VAL B 187 26.61 -33.36 3.91
CA VAL B 187 26.69 -34.45 2.92
C VAL B 187 26.11 -34.08 1.55
N CYS B 188 25.60 -32.86 1.38
CA CYS B 188 24.89 -32.46 0.17
C CYS B 188 25.82 -32.14 -1.00
N ALA B 189 25.38 -32.41 -2.24
CA ALA B 189 26.10 -32.06 -3.46
C ALA B 189 26.29 -30.53 -3.58
N GLU B 190 27.45 -30.09 -4.05
CA GLU B 190 27.81 -28.67 -4.17
C GLU B 190 26.93 -27.85 -5.13
N GLN B 191 26.12 -28.52 -5.95
CA GLN B 191 25.16 -27.90 -6.88
C GLN B 191 23.93 -27.33 -6.14
N CYS B 192 23.63 -27.83 -4.94
CA CYS B 192 22.42 -27.57 -4.17
C CYS B 192 22.69 -26.52 -3.08
N ASP B 193 21.77 -25.57 -2.91
CA ASP B 193 21.73 -24.71 -1.73
C ASP B 193 20.77 -25.28 -0.67
N GLY B 194 20.87 -24.85 0.59
CA GLY B 194 20.05 -25.33 1.70
C GLY B 194 20.41 -26.76 2.15
N ARG B 195 19.41 -27.64 2.24
CA ARG B 195 19.56 -29.02 2.75
C ARG B 195 19.07 -30.07 1.74
N CYS B 196 19.49 -31.31 1.97
CA CYS B 196 19.18 -32.47 1.15
C CYS B 196 18.67 -33.64 1.99
N TYR B 197 18.00 -34.59 1.34
CA TYR B 197 17.57 -35.87 1.91
C TYR B 197 18.45 -37.05 1.48
N GLY B 198 19.61 -36.79 0.86
CA GLY B 198 20.58 -37.76 0.38
C GLY B 198 21.81 -37.07 -0.25
N PRO B 199 22.91 -37.80 -0.56
CA PRO B 199 24.15 -37.19 -1.06
C PRO B 199 24.08 -36.67 -2.51
N TYR B 200 23.06 -37.05 -3.27
CA TYR B 200 22.95 -36.70 -4.70
C TYR B 200 22.16 -35.40 -4.95
N VAL B 201 22.42 -34.76 -6.09
CA VAL B 201 21.68 -33.55 -6.54
C VAL B 201 20.18 -33.81 -6.67
N SER B 202 19.81 -35.00 -7.18
CA SER B 202 18.41 -35.48 -7.24
C SER B 202 17.77 -35.73 -5.88
N ASP B 203 18.57 -35.77 -4.81
CA ASP B 203 18.13 -35.94 -3.42
C ASP B 203 18.08 -34.62 -2.63
N CYS B 204 18.18 -33.47 -3.28
CA CYS B 204 18.13 -32.17 -2.59
C CYS B 204 16.70 -31.71 -2.34
N CYS B 205 16.48 -30.99 -1.23
CA CYS B 205 15.19 -30.39 -0.89
C CYS B 205 14.91 -29.12 -1.70
N HIS B 206 13.66 -28.67 -1.71
CA HIS B 206 13.36 -27.31 -2.14
C HIS B 206 14.08 -26.30 -1.24
N ARG B 207 14.55 -25.18 -1.79
CA ARG B 207 15.36 -24.19 -1.05
C ARG B 207 14.63 -23.57 0.14
N GLU B 208 13.32 -23.40 0.08
CA GLU B 208 12.52 -22.71 1.10
C GLU B 208 11.96 -23.68 2.14
N CYS B 209 12.79 -24.63 2.60
CA CYS B 209 12.51 -25.61 3.64
C CYS B 209 13.68 -25.78 4.62
N ALA B 210 13.36 -26.08 5.88
CA ALA B 210 14.30 -26.18 7.01
C ALA B 210 14.57 -27.62 7.49
N GLY B 211 13.56 -28.49 7.48
CA GLY B 211 13.76 -29.90 7.86
C GLY B 211 14.15 -30.80 6.69
N GLY B 212 14.04 -32.11 6.88
CA GLY B 212 14.19 -33.09 5.79
C GLY B 212 13.00 -33.07 4.83
N CYS B 213 13.08 -33.86 3.75
CA CYS B 213 12.10 -33.85 2.67
C CYS B 213 11.84 -35.24 2.10
N SER B 214 10.70 -35.41 1.43
CA SER B 214 10.43 -36.57 0.57
C SER B 214 10.71 -36.29 -0.92
N GLY B 215 10.97 -35.03 -1.29
CA GLY B 215 11.21 -34.62 -2.67
C GLY B 215 11.53 -33.12 -2.79
N PRO B 216 11.99 -32.68 -3.97
CA PRO B 216 12.42 -31.29 -4.22
C PRO B 216 11.22 -30.35 -4.46
N LYS B 217 10.27 -30.28 -3.51
CA LYS B 217 9.04 -29.49 -3.62
C LYS B 217 8.79 -28.66 -2.35
N ASP B 218 8.24 -27.46 -2.54
CA ASP B 218 7.83 -26.52 -1.49
C ASP B 218 6.65 -27.01 -0.63
N THR B 219 5.92 -28.02 -1.10
CA THR B 219 4.79 -28.65 -0.41
C THR B 219 5.11 -30.05 0.13
N ASP B 220 6.36 -30.53 0.04
CA ASP B 220 6.74 -31.91 0.35
C ASP B 220 7.99 -32.03 1.24
N CYS B 221 8.19 -31.04 2.12
CA CYS B 221 9.26 -30.96 3.11
C CYS B 221 8.68 -30.87 4.54
N PHE B 222 9.45 -31.27 5.56
CA PHE B 222 8.89 -31.47 6.91
C PHE B 222 8.60 -30.17 7.67
N ALA B 223 9.43 -29.14 7.51
CA ALA B 223 9.34 -27.86 8.20
C ALA B 223 10.09 -26.77 7.41
N CYS B 224 9.76 -25.49 7.61
CA CYS B 224 10.40 -24.38 6.90
C CYS B 224 10.55 -23.09 7.72
N MET B 225 11.46 -22.21 7.28
CA MET B 225 11.85 -20.96 7.95
C MET B 225 11.04 -19.72 7.57
N ASN B 226 10.10 -19.84 6.63
CA ASN B 226 9.29 -18.72 6.16
C ASN B 226 7.79 -19.02 6.30
N PHE B 227 6.96 -18.34 5.53
CA PHE B 227 5.52 -18.37 5.63
C PHE B 227 4.91 -19.65 5.04
N ASN B 228 3.79 -20.11 5.63
CA ASN B 228 3.07 -21.32 5.19
C ASN B 228 1.84 -20.92 4.36
N ASP B 229 1.96 -20.87 3.05
CA ASP B 229 0.92 -20.54 2.07
C ASP B 229 0.12 -21.80 1.70
N SER B 230 -0.88 -22.12 2.53
CA SER B 230 -1.80 -23.27 2.36
C SER B 230 -1.12 -24.61 2.04
N GLY B 231 -0.04 -24.94 2.75
CA GLY B 231 0.74 -26.17 2.57
C GLY B 231 2.10 -25.95 1.89
N ALA B 232 2.30 -24.83 1.18
CA ALA B 232 3.56 -24.47 0.55
C ALA B 232 4.40 -23.52 1.42
N CYS B 233 5.69 -23.78 1.58
CA CYS B 233 6.62 -22.89 2.26
C CYS B 233 7.21 -21.83 1.32
N VAL B 234 6.93 -20.54 1.55
CA VAL B 234 7.31 -19.45 0.64
C VAL B 234 7.84 -18.20 1.35
N THR B 235 8.77 -17.50 0.70
CA THR B 235 9.36 -16.23 1.17
C THR B 235 8.35 -15.08 1.29
N GLN B 236 7.43 -14.97 0.33
CA GLN B 236 6.30 -14.05 0.30
C GLN B 236 5.10 -14.78 -0.30
N CYS B 237 3.87 -14.38 0.04
CA CYS B 237 2.66 -14.93 -0.57
C CYS B 237 1.85 -13.88 -1.35
N PRO B 238 0.95 -14.31 -2.27
CA PRO B 238 0.27 -13.40 -3.19
C PRO B 238 -0.43 -12.22 -2.50
N GLN B 239 -0.15 -11.01 -2.99
CA GLN B 239 -0.70 -9.78 -2.42
C GLN B 239 -1.96 -9.28 -3.15
N THR B 240 -2.58 -8.23 -2.64
CA THR B 240 -3.82 -7.65 -3.20
C THR B 240 -3.69 -7.20 -4.66
N PHE B 241 -2.52 -6.68 -5.06
CA PHE B 241 -2.26 -6.27 -6.44
C PHE B 241 -0.99 -6.91 -6.99
N VAL B 242 -0.98 -7.18 -8.28
CA VAL B 242 0.19 -7.64 -9.03
C VAL B 242 0.58 -6.59 -10.05
N TYR B 243 1.88 -6.34 -10.18
CA TYR B 243 2.38 -5.33 -11.12
C TYR B 243 2.40 -5.90 -12.52
N ASN B 244 1.69 -5.26 -13.44
CA ASN B 244 1.64 -5.69 -14.83
C ASN B 244 2.81 -5.08 -15.62
N PRO B 245 3.76 -5.90 -16.11
CA PRO B 245 4.99 -5.40 -16.69
C PRO B 245 4.83 -4.79 -18.09
N THR B 246 3.69 -4.96 -18.77
CA THR B 246 3.48 -4.35 -20.10
C THR B 246 2.61 -3.10 -20.04
N THR B 247 1.76 -2.94 -19.02
CA THR B 247 0.95 -1.73 -18.84
C THR B 247 1.56 -0.76 -17.84
N PHE B 248 2.55 -1.20 -17.03
CA PHE B 248 3.17 -0.39 -15.98
C PHE B 248 2.14 0.13 -14.97
N GLN B 249 1.19 -0.71 -14.58
CA GLN B 249 0.18 -0.40 -13.56
C GLN B 249 0.03 -1.56 -12.56
N LEU B 250 -0.44 -1.25 -11.36
CA LEU B 250 -0.85 -2.22 -10.36
C LEU B 250 -2.29 -2.68 -10.63
N GLU B 251 -2.51 -3.98 -10.75
CA GLU B 251 -3.81 -4.57 -11.13
C GLU B 251 -4.27 -5.60 -10.08
N HIS B 252 -5.58 -5.68 -9.80
CA HIS B 252 -6.12 -6.51 -8.72
C HIS B 252 -5.84 -8.00 -8.89
N ASN B 253 -5.49 -8.67 -7.80
CA ASN B 253 -5.15 -10.09 -7.76
C ASN B 253 -6.26 -10.93 -7.10
N PHE B 254 -6.96 -11.74 -7.89
CA PHE B 254 -7.99 -12.66 -7.40
C PHE B 254 -7.44 -13.80 -6.50
N ASN B 255 -6.13 -14.04 -6.50
CA ASN B 255 -5.46 -15.02 -5.63
C ASN B 255 -4.88 -14.41 -4.34
N ALA B 256 -5.14 -13.14 -4.03
CA ALA B 256 -4.54 -12.46 -2.88
C ALA B 256 -4.85 -13.10 -1.52
N LYS B 257 -3.86 -13.10 -0.63
CA LYS B 257 -3.97 -13.55 0.77
C LYS B 257 -3.31 -12.54 1.71
N TYR B 258 -3.86 -12.39 2.92
CA TYR B 258 -3.28 -11.53 3.94
C TYR B 258 -2.16 -12.25 4.69
N THR B 259 -1.05 -11.59 4.96
CA THR B 259 -0.03 -12.15 5.85
C THR B 259 -0.45 -11.97 7.31
N TYR B 260 -0.44 -13.03 8.12
CA TYR B 260 -0.82 -13.01 9.53
C TYR B 260 0.07 -13.93 10.38
N GLY B 261 0.96 -13.36 11.18
CA GLY B 261 1.98 -14.15 11.87
C GLY B 261 2.85 -14.90 10.85
N ALA B 262 2.96 -16.22 10.97
CA ALA B 262 3.73 -17.05 10.03
C ALA B 262 2.88 -17.72 8.93
N PHE B 263 1.62 -17.33 8.76
CA PHE B 263 0.68 -17.96 7.82
C PHE B 263 0.04 -16.94 6.87
N CYS B 264 -0.40 -17.41 5.71
CA CYS B 264 -1.15 -16.61 4.74
C CYS B 264 -2.63 -17.00 4.79
N VAL B 265 -3.51 -16.03 5.03
CA VAL B 265 -4.94 -16.27 5.32
C VAL B 265 -5.86 -15.41 4.44
N LYS B 266 -7.12 -15.82 4.30
CA LYS B 266 -8.11 -15.09 3.50
C LYS B 266 -8.83 -13.96 4.25
N LYS B 267 -8.93 -14.07 5.57
CA LYS B 267 -9.62 -13.10 6.46
C LYS B 267 -8.72 -12.71 7.63
N CYS B 268 -8.76 -11.44 8.01
CA CYS B 268 -8.06 -10.90 9.18
C CYS B 268 -9.06 -10.81 10.36
N PRO B 269 -8.76 -11.35 11.56
CA PRO B 269 -9.68 -11.33 12.70
C PRO B 269 -10.19 -9.94 13.05
N HIS B 270 -11.40 -9.83 13.60
CA HIS B 270 -12.08 -8.53 13.79
C HIS B 270 -11.32 -7.52 14.67
N ASN B 271 -10.49 -7.97 15.61
CA ASN B 271 -9.70 -7.11 16.49
C ASN B 271 -8.37 -6.63 15.89
N PHE B 272 -7.91 -7.19 14.78
CA PHE B 272 -6.70 -6.74 14.07
C PHE B 272 -7.05 -5.69 13.00
N VAL B 273 -6.06 -4.89 12.59
CA VAL B 273 -6.22 -3.85 11.56
C VAL B 273 -5.46 -4.22 10.30
N VAL B 274 -6.10 -4.08 9.14
CA VAL B 274 -5.59 -4.49 7.83
C VAL B 274 -4.81 -3.35 7.16
N ASP B 275 -3.60 -3.63 6.69
CA ASP B 275 -2.76 -2.65 6.00
C ASP B 275 -1.82 -3.34 4.99
N SER B 276 -1.84 -2.89 3.73
CA SER B 276 -0.90 -3.33 2.68
C SER B 276 -0.83 -4.87 2.50
N SER B 277 -1.99 -5.51 2.35
CA SER B 277 -2.11 -6.97 2.18
C SER B 277 -1.57 -7.78 3.37
N SER B 278 -1.64 -7.22 4.58
CA SER B 278 -1.24 -7.88 5.82
C SER B 278 -2.14 -7.49 6.99
N CYS B 279 -2.18 -8.35 7.99
CA CYS B 279 -3.01 -8.22 9.18
C CYS B 279 -2.08 -7.95 10.38
N VAL B 280 -2.13 -6.75 10.97
CA VAL B 280 -1.14 -6.28 11.99
C VAL B 280 -1.77 -5.78 13.28
N ARG B 281 -0.98 -5.69 14.36
CA ARG B 281 -1.44 -5.21 15.68
C ARG B 281 -1.64 -3.70 15.76
N ALA B 282 -0.82 -2.91 15.08
CA ALA B 282 -0.88 -1.45 15.12
C ALA B 282 -0.25 -0.79 13.88
N CYS B 283 -0.66 0.44 13.59
CA CYS B 283 -0.17 1.21 12.45
C CYS B 283 0.91 2.25 12.82
N PRO B 284 1.72 2.71 11.85
CA PRO B 284 2.69 3.80 12.04
C PRO B 284 2.03 5.10 12.52
N SER B 285 2.79 5.94 13.22
CA SER B 285 2.31 7.20 13.80
C SER B 285 1.77 8.22 12.78
N SER B 286 2.13 8.08 11.51
CA SER B 286 1.64 8.92 10.40
C SER B 286 0.23 8.54 9.89
N LYS B 287 -0.34 7.41 10.33
CA LYS B 287 -1.64 6.91 9.89
C LYS B 287 -2.62 6.69 11.05
N MET B 288 -3.90 6.85 10.76
CA MET B 288 -5.02 6.69 11.69
C MET B 288 -5.79 5.41 11.36
N GLU B 289 -6.27 4.72 12.40
CA GLU B 289 -7.18 3.60 12.22
C GLU B 289 -8.60 4.11 11.94
N VAL B 290 -9.24 3.59 10.90
CA VAL B 290 -10.62 3.90 10.49
C VAL B 290 -11.37 2.60 10.28
N GLU B 291 -12.70 2.63 10.35
CA GLU B 291 -13.53 1.47 10.03
C GLU B 291 -14.43 1.77 8.84
N GLU B 292 -14.32 0.95 7.80
CA GLU B 292 -15.11 1.06 6.56
C GLU B 292 -15.66 -0.32 6.21
N ASN B 293 -16.96 -0.43 5.94
CA ASN B 293 -17.64 -1.70 5.64
C ASN B 293 -17.47 -2.79 6.73
N GLY B 294 -17.31 -2.38 8.00
CA GLY B 294 -17.07 -3.28 9.14
C GLY B 294 -15.62 -3.75 9.32
N ILE B 295 -14.69 -3.29 8.47
CA ILE B 295 -13.27 -3.69 8.49
C ILE B 295 -12.43 -2.51 8.99
N LYS B 296 -11.58 -2.74 9.99
CA LYS B 296 -10.60 -1.75 10.44
C LYS B 296 -9.34 -1.77 9.55
N MET B 297 -8.91 -0.61 9.11
CA MET B 297 -7.77 -0.38 8.22
C MET B 297 -7.13 0.97 8.53
N CYS B 298 -5.93 1.23 7.99
CA CYS B 298 -5.24 2.50 8.22
C CYS B 298 -5.09 3.35 6.97
N LYS B 299 -5.25 4.65 7.16
CA LYS B 299 -5.06 5.71 6.15
C LYS B 299 -4.22 6.85 6.73
N PRO B 300 -3.47 7.61 5.92
CA PRO B 300 -2.71 8.76 6.39
C PRO B 300 -3.60 9.75 7.15
N CYS B 301 -3.15 10.23 8.31
CA CYS B 301 -3.92 11.13 9.16
C CYS B 301 -3.74 12.60 8.74
N THR B 302 -4.70 13.45 9.09
CA THR B 302 -4.71 14.90 8.76
C THR B 302 -3.97 15.74 9.83
N ASP B 303 -4.14 17.06 9.84
CA ASP B 303 -3.41 17.97 10.74
C ASP B 303 -3.62 17.67 12.24
N ILE B 304 -4.73 17.03 12.59
CA ILE B 304 -4.99 16.48 13.92
C ILE B 304 -5.02 14.94 13.83
N CYS B 305 -4.13 14.27 14.56
CA CYS B 305 -4.00 12.80 14.58
C CYS B 305 -4.25 12.31 16.02
N PRO B 306 -4.84 11.12 16.24
CA PRO B 306 -5.06 10.58 17.58
C PRO B 306 -3.79 10.46 18.41
N LYS B 307 -3.87 10.65 19.72
CA LYS B 307 -2.74 10.51 20.66
C LYS B 307 -2.44 9.03 20.93
N ALA B 308 -1.96 8.34 19.90
CA ALA B 308 -1.49 6.97 20.00
C ALA B 308 -0.28 6.94 20.95
N CYS B 309 -0.20 5.91 21.77
CA CYS B 309 0.71 5.88 22.90
C CYS B 309 1.30 4.47 23.09
N ASP B 310 2.60 4.37 23.37
CA ASP B 310 3.26 3.08 23.55
C ASP B 310 2.91 2.42 24.90
N GLY B 311 2.41 1.20 24.88
CA GLY B 311 2.16 0.41 26.08
C GLY B 311 3.37 -0.40 26.54
N ILE B 312 3.20 -1.20 27.58
CA ILE B 312 4.25 -2.06 28.11
C ILE B 312 4.44 -3.27 27.20
N GLY B 313 5.67 -3.53 26.73
CA GLY B 313 5.97 -4.62 25.82
C GLY B 313 5.96 -4.27 24.33
N THR B 314 5.76 -3.00 23.96
CA THR B 314 5.81 -2.56 22.55
C THR B 314 6.45 -1.18 22.37
N GLY B 315 6.89 -0.86 21.15
CA GLY B 315 7.44 0.46 20.81
C GLY B 315 8.65 0.84 21.66
N SER B 316 8.68 2.07 22.16
CA SER B 316 9.76 2.58 23.02
C SER B 316 9.85 1.90 24.40
N LEU B 317 8.82 1.16 24.81
CA LEU B 317 8.74 0.40 26.07
C LEU B 317 8.77 -1.12 25.85
N MET B 318 9.24 -1.61 24.71
CA MET B 318 9.36 -3.06 24.44
C MET B 318 10.20 -3.81 25.49
N SER B 319 11.22 -3.16 26.05
CA SER B 319 12.07 -3.71 27.10
C SER B 319 11.43 -3.71 28.49
N ALA B 320 10.30 -3.03 28.70
CA ALA B 320 9.68 -2.89 30.02
C ALA B 320 8.80 -4.09 30.41
N GLN B 321 8.84 -4.48 31.69
CA GLN B 321 7.96 -5.51 32.27
C GLN B 321 6.74 -4.92 32.98
N THR B 322 6.76 -3.66 33.42
CA THR B 322 5.67 -3.04 34.19
C THR B 322 5.61 -1.54 34.01
N VAL B 323 4.43 -0.95 34.23
CA VAL B 323 4.38 0.49 34.49
C VAL B 323 5.19 0.74 35.77
N ASP B 324 6.09 1.71 35.80
CA ASP B 324 6.90 2.03 36.97
C ASP B 324 7.27 3.51 37.05
N SER B 325 7.97 3.92 38.11
CA SER B 325 8.35 5.32 38.36
C SER B 325 9.30 5.94 37.33
N SER B 326 10.00 5.16 36.50
CA SER B 326 10.90 5.65 35.46
C SER B 326 10.20 5.86 34.12
N ASN B 327 9.01 5.32 33.89
CA ASN B 327 8.30 5.40 32.60
C ASN B 327 6.87 5.94 32.67
N ILE B 328 6.30 6.13 33.87
CA ILE B 328 4.93 6.59 34.06
C ILE B 328 4.65 7.97 33.44
N ASP B 329 5.65 8.85 33.36
CA ASP B 329 5.52 10.16 32.72
C ASP B 329 5.24 10.10 31.21
N LYS B 330 5.55 8.98 30.53
CA LYS B 330 5.31 8.84 29.09
C LYS B 330 3.83 8.74 28.73
N PHE B 331 2.96 8.54 29.71
CA PHE B 331 1.52 8.38 29.55
C PHE B 331 0.70 9.67 29.80
N ILE B 332 1.31 10.84 30.08
CA ILE B 332 0.57 12.03 30.57
C ILE B 332 -0.54 12.56 29.63
N ASN B 333 -0.34 12.64 28.32
CA ASN B 333 -1.35 13.16 27.37
C ASN B 333 -1.83 12.07 26.39
N CYS B 334 -1.69 10.81 26.77
CA CYS B 334 -2.04 9.64 25.98
C CYS B 334 -3.54 9.34 26.03
N THR B 335 -4.20 9.01 24.91
CA THR B 335 -5.63 8.61 24.93
C THR B 335 -5.91 7.22 24.37
N LYS B 336 -5.04 6.67 23.53
CA LYS B 336 -5.17 5.31 22.97
C LYS B 336 -3.84 4.60 23.11
N ILE B 337 -3.78 3.51 23.85
CA ILE B 337 -2.51 2.83 24.13
C ILE B 337 -2.42 1.57 23.30
N ASN B 338 -1.34 1.45 22.56
CA ASN B 338 -0.98 0.29 21.78
C ASN B 338 -0.25 -0.70 22.69
N GLY B 339 -0.76 -1.92 22.86
CA GLY B 339 -0.19 -2.91 23.78
C GLY B 339 -0.86 -2.89 25.15
N ASN B 340 -0.10 -3.18 26.21
CA ASN B 340 -0.65 -3.53 27.52
C ASN B 340 -0.40 -2.47 28.59
N LEU B 341 -1.21 -2.47 29.64
CA LEU B 341 -0.88 -1.87 30.93
C LEU B 341 -0.73 -2.96 31.97
N ILE B 342 0.47 -3.14 32.51
CA ILE B 342 0.77 -4.20 33.46
C ILE B 342 1.31 -3.59 34.74
N PHE B 343 0.73 -3.90 35.89
CA PHE B 343 1.13 -3.34 37.19
C PHE B 343 1.66 -4.43 38.11
N LEU B 344 2.97 -4.61 38.18
CA LEU B 344 3.60 -5.61 39.06
C LEU B 344 4.13 -4.97 40.35
N VAL B 345 4.57 -5.78 41.31
CA VAL B 345 5.14 -5.35 42.60
C VAL B 345 6.29 -4.34 42.44
N THR B 346 7.17 -4.56 41.47
CA THR B 346 8.28 -3.65 41.16
C THR B 346 7.81 -2.29 40.67
N GLY B 347 6.71 -2.24 39.92
CA GLY B 347 6.18 -1.00 39.39
C GLY B 347 5.56 -0.10 40.46
N ILE B 348 4.90 -0.69 41.47
CA ILE B 348 4.20 0.07 42.51
C ILE B 348 5.09 0.31 43.73
N HIS B 349 5.73 -0.72 44.26
CA HIS B 349 6.48 -0.68 45.52
C HIS B 349 7.99 -0.44 45.34
N GLY B 350 8.48 -0.34 44.10
CA GLY B 350 9.88 -0.10 43.77
C GLY B 350 10.72 -1.36 43.55
N ASP B 351 11.94 -1.19 43.07
CA ASP B 351 12.88 -2.24 42.71
C ASP B 351 14.32 -1.82 43.02
N PRO B 352 14.77 -1.92 44.29
CA PRO B 352 16.11 -1.53 44.71
C PRO B 352 17.25 -2.17 43.90
N TYR B 353 17.07 -3.38 43.36
CA TYR B 353 18.08 -4.04 42.53
C TYR B 353 18.51 -3.19 41.31
N ASN B 354 17.59 -2.41 40.74
CA ASN B 354 17.85 -1.52 39.61
C ASN B 354 17.79 -0.03 39.98
N ALA B 355 17.78 0.30 41.27
CA ALA B 355 17.62 1.65 41.83
C ALA B 355 16.34 2.42 41.40
N ILE B 356 15.22 1.73 41.16
CA ILE B 356 13.96 2.33 40.71
C ILE B 356 13.07 2.54 41.93
N GLU B 357 12.67 3.77 42.19
CA GLU B 357 11.86 4.11 43.37
C GLU B 357 10.36 3.76 43.20
N ALA B 358 9.62 3.62 44.30
CA ALA B 358 8.19 3.37 44.25
C ALA B 358 7.41 4.53 43.62
N ILE B 359 6.23 4.27 43.05
CA ILE B 359 5.38 5.32 42.48
C ILE B 359 4.64 6.07 43.60
N ASP B 360 4.73 7.40 43.59
CA ASP B 360 3.94 8.24 44.47
C ASP B 360 2.45 8.15 44.05
N PRO B 361 1.53 7.61 44.86
CA PRO B 361 0.19 7.23 44.37
C PRO B 361 -0.50 8.27 43.49
N GLU B 362 -0.27 9.55 43.75
CA GLU B 362 -0.87 10.64 42.98
C GLU B 362 -0.47 10.62 41.50
N LYS B 363 0.72 10.11 41.18
CA LYS B 363 1.25 10.04 39.82
C LYS B 363 0.40 9.15 38.91
N LEU B 364 -0.35 8.21 39.46
CA LEU B 364 -1.18 7.30 38.66
C LEU B 364 -2.31 8.03 37.91
N ASN B 365 -2.62 9.28 38.25
CA ASN B 365 -3.63 10.07 37.54
C ASN B 365 -3.28 10.34 36.07
N VAL B 366 -2.07 10.06 35.57
CA VAL B 366 -1.78 10.19 34.14
C VAL B 366 -2.69 9.33 33.27
N PHE B 367 -3.31 8.27 33.81
CA PHE B 367 -4.22 7.38 33.06
C PHE B 367 -5.68 7.85 32.98
N ARG B 368 -6.05 9.00 33.58
CA ARG B 368 -7.43 9.52 33.53
C ARG B 368 -7.92 9.81 32.11
N THR B 369 -7.02 10.11 31.18
CA THR B 369 -7.32 10.45 29.78
C THR B 369 -7.40 9.25 28.83
N VAL B 370 -7.15 8.02 29.27
CA VAL B 370 -7.12 6.84 28.38
C VAL B 370 -8.53 6.34 28.04
N ARG B 371 -8.88 6.26 26.75
CA ARG B 371 -10.17 5.72 26.29
C ARG B 371 -10.09 4.29 25.79
N GLU B 372 -8.98 3.86 25.23
CA GLU B 372 -8.86 2.50 24.69
C GLU B 372 -7.49 1.88 24.98
N ILE B 373 -7.48 0.62 25.36
CA ILE B 373 -6.27 -0.20 25.51
C ILE B 373 -6.35 -1.28 24.44
N THR B 374 -5.39 -1.39 23.52
CA THR B 374 -5.53 -2.35 22.41
C THR B 374 -5.15 -3.77 22.81
N GLY B 375 -4.38 -3.97 23.88
CA GLY B 375 -3.98 -5.28 24.39
C GLY B 375 -4.81 -5.70 25.61
N PHE B 376 -4.15 -6.01 26.72
CA PHE B 376 -4.78 -6.44 27.97
C PHE B 376 -4.42 -5.54 29.15
N LEU B 377 -5.27 -5.56 30.17
CA LEU B 377 -5.06 -4.89 31.45
C LEU B 377 -4.75 -5.93 32.52
N ASN B 378 -3.65 -5.80 33.25
CA ASN B 378 -3.19 -6.81 34.19
C ASN B 378 -2.75 -6.15 35.49
N ILE B 379 -3.56 -6.25 36.54
CA ILE B 379 -3.33 -5.57 37.82
C ILE B 379 -2.98 -6.60 38.89
N GLN B 380 -1.74 -6.60 39.37
CA GLN B 380 -1.27 -7.52 40.42
C GLN B 380 -0.71 -6.79 41.64
N SER B 381 -0.68 -5.47 41.61
CA SER B 381 -0.27 -4.62 42.72
C SER B 381 -0.90 -3.25 42.56
N TRP B 382 -1.27 -2.61 43.67
CA TRP B 382 -1.90 -1.30 43.70
C TRP B 382 -1.53 -0.62 45.03
N PRO B 383 -1.36 0.72 45.11
CA PRO B 383 -0.99 1.35 46.37
C PRO B 383 -2.01 1.00 47.47
N PRO B 384 -1.61 0.67 48.71
CA PRO B 384 -2.55 0.36 49.79
C PRO B 384 -3.54 1.48 50.10
N ASN B 385 -3.18 2.73 49.78
CA ASN B 385 -3.98 3.92 50.04
C ASN B 385 -5.20 4.10 49.10
N MET B 386 -5.34 3.35 48.01
CA MET B 386 -6.48 3.43 47.11
C MET B 386 -7.43 2.24 47.30
N THR B 387 -8.72 2.52 47.36
CA THR B 387 -9.81 1.53 47.53
C THR B 387 -10.56 1.16 46.26
N ASP B 388 -10.16 1.69 45.10
CA ASP B 388 -10.88 1.48 43.84
C ASP B 388 -9.94 1.69 42.65
N PHE B 389 -10.45 1.49 41.43
CA PHE B 389 -9.72 1.77 40.20
C PHE B 389 -10.29 2.97 39.45
N SER B 390 -10.84 3.98 40.13
CA SER B 390 -11.50 5.12 39.47
C SER B 390 -10.59 5.91 38.54
N VAL B 391 -9.27 5.77 38.64
CA VAL B 391 -8.29 6.34 37.70
C VAL B 391 -8.48 5.89 36.26
N PHE B 392 -9.14 4.75 36.02
CA PHE B 392 -9.51 4.23 34.71
C PHE B 392 -10.98 4.47 34.33
N SER B 393 -11.75 5.30 35.02
CA SER B 393 -13.19 5.44 34.78
C SER B 393 -13.58 5.86 33.36
N ASN B 394 -12.70 6.56 32.62
CA ASN B 394 -12.89 6.96 31.23
C ASN B 394 -12.60 5.86 30.18
N LEU B 395 -12.06 4.70 30.56
CA LEU B 395 -11.76 3.60 29.63
C LEU B 395 -13.06 3.07 29.01
N VAL B 396 -13.11 2.97 27.68
CA VAL B 396 -14.27 2.50 26.91
C VAL B 396 -14.08 1.07 26.41
N THR B 397 -12.93 0.75 25.83
CA THR B 397 -12.71 -0.57 25.20
C THR B 397 -11.39 -1.20 25.55
N ILE B 398 -11.40 -2.51 25.80
CA ILE B 398 -10.22 -3.36 25.87
C ILE B 398 -10.15 -4.19 24.59
N GLY B 399 -9.12 -4.00 23.77
CA GLY B 399 -9.05 -4.60 22.44
C GLY B 399 -8.74 -6.10 22.44
N GLY B 400 -7.80 -6.57 23.27
CA GLY B 400 -7.42 -7.98 23.30
C GLY B 400 -6.63 -8.45 22.07
N ARG B 401 -5.88 -7.58 21.37
CA ARG B 401 -5.05 -7.97 20.21
C ARG B 401 -3.87 -8.87 20.63
N VAL B 402 -3.47 -8.75 21.89
CA VAL B 402 -2.57 -9.66 22.60
C VAL B 402 -3.22 -10.09 23.91
N LEU B 403 -3.04 -11.34 24.32
CA LEU B 403 -3.63 -11.93 25.52
C LEU B 403 -2.57 -12.50 26.45
N TYR B 404 -2.84 -12.48 27.76
CA TYR B 404 -1.99 -13.10 28.79
C TYR B 404 -2.51 -14.50 29.11
N SER B 405 -1.96 -15.54 28.50
CA SER B 405 -2.48 -16.92 28.59
C SER B 405 -3.99 -17.05 28.32
N GLY B 406 -4.49 -16.33 27.32
CA GLY B 406 -5.91 -16.26 26.94
C GLY B 406 -6.74 -15.18 27.64
N LEU B 407 -6.19 -14.49 28.64
CA LEU B 407 -6.88 -13.45 29.40
C LEU B 407 -6.67 -12.05 28.82
N SER B 408 -7.70 -11.20 28.87
CA SER B 408 -7.63 -9.80 28.47
C SER B 408 -7.89 -8.82 29.62
N LEU B 409 -8.54 -9.25 30.70
CA LEU B 409 -8.72 -8.48 31.92
C LEU B 409 -8.39 -9.36 33.12
N LEU B 410 -7.38 -8.99 33.89
CA LEU B 410 -6.84 -9.85 34.94
C LEU B 410 -6.61 -9.06 36.22
N ILE B 411 -7.27 -9.41 37.32
CA ILE B 411 -7.15 -8.72 38.62
C ILE B 411 -6.92 -9.75 39.72
N LEU B 412 -5.72 -9.74 40.32
CA LEU B 412 -5.27 -10.73 41.28
C LEU B 412 -4.90 -10.11 42.62
N LYS B 413 -5.41 -10.65 43.72
CA LYS B 413 -4.94 -10.40 45.09
C LYS B 413 -4.87 -8.91 45.52
N GLN B 414 -5.91 -8.10 45.29
CA GLN B 414 -5.94 -6.72 45.77
C GLN B 414 -6.90 -6.54 46.95
N GLN B 415 -6.36 -6.54 48.18
CA GLN B 415 -7.14 -6.47 49.41
C GLN B 415 -7.60 -5.04 49.74
N GLY B 416 -6.94 -4.01 49.24
CA GLY B 416 -7.36 -2.62 49.49
C GLY B 416 -8.62 -2.21 48.73
N ILE B 417 -8.98 -2.94 47.67
CA ILE B 417 -10.09 -2.58 46.78
C ILE B 417 -11.43 -3.01 47.37
N THR B 418 -12.40 -2.09 47.44
CA THR B 418 -13.78 -2.38 47.89
C THR B 418 -14.80 -2.28 46.75
N SER B 419 -14.49 -1.54 45.69
CA SER B 419 -15.33 -1.37 44.50
C SER B 419 -14.45 -1.09 43.30
N LEU B 420 -14.93 -1.40 42.09
CA LEU B 420 -14.14 -1.17 40.88
C LEU B 420 -14.31 0.25 40.32
N GLN B 421 -15.54 0.74 40.24
CA GLN B 421 -15.84 2.11 39.82
C GLN B 421 -15.46 2.47 38.37
N PHE B 422 -15.47 1.54 37.43
CA PHE B 422 -15.45 1.93 36.01
C PHE B 422 -16.77 2.63 35.66
N GLN B 423 -16.77 3.57 34.71
CA GLN B 423 -17.99 4.24 34.23
C GLN B 423 -18.17 4.02 32.75
N SER B 424 -17.12 4.26 31.96
CA SER B 424 -17.17 4.26 30.51
C SER B 424 -16.95 2.89 29.86
N LEU B 425 -16.52 1.84 30.56
CA LEU B 425 -16.17 0.55 29.95
C LEU B 425 -17.42 -0.17 29.43
N LYS B 426 -17.53 -0.32 28.10
CA LYS B 426 -18.68 -0.95 27.43
C LYS B 426 -18.33 -2.24 26.67
N GLU B 427 -17.09 -2.41 26.22
CA GLU B 427 -16.71 -3.58 25.44
C GLU B 427 -15.34 -4.17 25.81
N ILE B 428 -15.27 -5.49 25.86
CA ILE B 428 -14.05 -6.28 25.95
C ILE B 428 -14.03 -7.15 24.68
N SER B 429 -13.30 -6.73 23.66
CA SER B 429 -13.45 -7.25 22.30
C SER B 429 -12.95 -8.68 22.09
N ALA B 430 -12.00 -9.13 22.92
CA ALA B 430 -11.45 -10.48 22.86
C ALA B 430 -10.87 -10.91 24.22
N GLY B 431 -10.76 -12.21 24.46
CA GLY B 431 -10.16 -12.79 25.66
C GLY B 431 -11.12 -13.00 26.82
N ASN B 432 -10.67 -13.76 27.83
CA ASN B 432 -11.41 -14.06 29.04
C ASN B 432 -11.10 -13.11 30.20
N ILE B 433 -11.96 -13.12 31.22
CA ILE B 433 -11.88 -12.28 32.42
C ILE B 433 -11.52 -13.14 33.62
N TYR B 434 -10.53 -12.76 34.42
CA TYR B 434 -10.09 -13.54 35.57
C TYR B 434 -9.93 -12.66 36.80
N ILE B 435 -10.84 -12.77 37.78
CA ILE B 435 -10.88 -11.87 38.96
C ILE B 435 -10.90 -12.68 40.24
N THR B 436 -9.80 -12.73 40.99
CA THR B 436 -9.71 -13.58 42.19
C THR B 436 -8.95 -12.97 43.36
N ASP B 437 -9.21 -13.51 44.55
CA ASP B 437 -8.54 -13.18 45.80
C ASP B 437 -8.78 -11.75 46.30
N ASN B 438 -9.77 -11.05 45.75
CA ASN B 438 -10.11 -9.71 46.17
C ASN B 438 -11.07 -9.79 47.36
N SER B 439 -10.56 -10.16 48.53
CA SER B 439 -11.37 -10.55 49.68
C SER B 439 -12.25 -9.43 50.24
N ASN B 440 -12.02 -8.17 49.86
CA ASN B 440 -12.82 -7.02 50.30
C ASN B 440 -13.70 -6.40 49.19
N LEU B 441 -13.72 -6.97 47.98
CA LEU B 441 -14.45 -6.43 46.83
C LEU B 441 -15.91 -6.90 46.79
N CYS B 442 -16.90 -6.01 46.78
CA CYS B 442 -18.32 -6.39 46.87
C CYS B 442 -19.22 -6.18 45.64
N TYR B 443 -18.69 -5.78 44.49
CA TYR B 443 -19.49 -5.53 43.27
C TYR B 443 -19.11 -6.43 42.09
N TYR B 444 -18.43 -7.55 42.35
CA TYR B 444 -18.02 -8.50 41.33
C TYR B 444 -19.17 -9.44 40.88
N HIS B 445 -20.11 -9.77 41.76
CA HIS B 445 -21.17 -10.76 41.53
C HIS B 445 -22.46 -10.17 40.97
N THR B 446 -22.65 -8.85 41.03
CA THR B 446 -23.87 -8.18 40.55
C THR B 446 -23.81 -7.80 39.06
N ILE B 447 -22.63 -7.86 38.46
CA ILE B 447 -22.39 -7.44 37.08
C ILE B 447 -22.74 -8.54 36.07
N ASN B 448 -23.55 -8.21 35.06
CA ASN B 448 -23.94 -9.11 33.98
C ASN B 448 -22.81 -9.23 32.93
N TRP B 449 -21.73 -9.90 33.29
CA TRP B 449 -20.46 -9.90 32.53
C TRP B 449 -20.56 -10.35 31.07
N THR B 450 -21.55 -11.15 30.69
CA THR B 450 -21.76 -11.58 29.30
C THR B 450 -22.01 -10.39 28.36
N THR B 451 -22.56 -9.30 28.88
CA THR B 451 -22.92 -8.11 28.09
C THR B 451 -21.72 -7.32 27.57
N LEU B 452 -20.53 -7.53 28.13
CA LEU B 452 -19.31 -6.84 27.70
C LEU B 452 -18.57 -7.58 26.58
N PHE B 453 -19.00 -8.80 26.25
CA PHE B 453 -18.33 -9.65 25.26
C PHE B 453 -18.79 -9.37 23.83
N SER B 454 -17.88 -9.60 22.87
CA SER B 454 -18.14 -9.44 21.43
C SER B 454 -18.12 -10.77 20.66
N THR B 455 -18.12 -11.90 21.37
CA THR B 455 -18.26 -13.24 20.78
C THR B 455 -18.77 -14.23 21.84
N ILE B 456 -19.48 -15.28 21.42
CA ILE B 456 -20.00 -16.33 22.33
C ILE B 456 -18.87 -17.12 23.00
N ASN B 457 -17.63 -17.05 22.51
CA ASN B 457 -16.49 -17.82 23.02
C ASN B 457 -15.83 -17.23 24.27
N GLN B 458 -16.22 -16.03 24.74
CA GLN B 458 -15.63 -15.40 25.93
C GLN B 458 -16.30 -15.83 27.25
N ARG B 459 -15.50 -16.02 28.30
CA ARG B 459 -15.90 -16.51 29.64
C ARG B 459 -15.27 -15.65 30.74
N ILE B 460 -15.86 -15.68 31.93
CA ILE B 460 -15.30 -15.08 33.15
C ILE B 460 -15.08 -16.14 34.24
N VAL B 461 -13.92 -16.10 34.91
CA VAL B 461 -13.56 -16.98 36.03
C VAL B 461 -13.45 -16.18 37.31
N ILE B 462 -14.20 -16.55 38.33
CA ILE B 462 -14.15 -15.94 39.66
C ILE B 462 -14.07 -17.05 40.71
N ARG B 463 -12.85 -17.39 41.16
CA ARG B 463 -12.63 -18.51 42.09
C ARG B 463 -12.97 -18.18 43.54
N ASP B 464 -12.71 -16.95 43.96
CA ASP B 464 -12.89 -16.50 45.35
C ASP B 464 -12.78 -14.98 45.40
N ASN B 465 -13.71 -14.28 46.06
CA ASN B 465 -13.71 -12.86 46.41
C ASN B 465 -14.54 -12.73 47.72
N ARG B 466 -15.09 -11.57 48.10
CA ARG B 466 -15.92 -11.48 49.34
C ARG B 466 -17.27 -12.19 49.13
N LYS B 467 -17.72 -13.03 50.08
CA LYS B 467 -19.00 -13.76 49.95
C LYS B 467 -20.16 -12.82 49.66
N ALA B 468 -21.03 -13.16 48.70
CA ALA B 468 -22.19 -12.35 48.36
C ALA B 468 -23.15 -12.11 49.55
N GLU B 469 -23.30 -13.10 50.42
CA GLU B 469 -24.12 -12.99 51.63
C GLU B 469 -23.54 -11.98 52.63
N ASN B 470 -22.21 -11.90 52.77
CA ASN B 470 -21.56 -10.89 53.60
C ASN B 470 -21.69 -9.49 53.00
N CYS B 471 -21.53 -9.34 51.67
CA CYS B 471 -21.68 -8.05 51.02
C CYS B 471 -23.12 -7.53 51.14
N THR B 472 -24.12 -8.42 51.00
CA THR B 472 -25.53 -8.08 51.17
C THR B 472 -25.82 -7.62 52.61
N ALA B 473 -25.30 -8.34 53.61
CA ALA B 473 -25.46 -8.01 55.03
C ALA B 473 -24.95 -6.59 55.37
N GLU B 474 -23.88 -6.14 54.72
CA GLU B 474 -23.31 -4.80 54.89
C GLU B 474 -24.04 -3.71 54.06
N GLY B 475 -25.01 -4.07 53.22
CA GLY B 475 -25.74 -3.13 52.37
C GLY B 475 -24.99 -2.70 51.10
N MET B 476 -24.03 -3.52 50.66
CA MET B 476 -23.17 -3.26 49.51
C MET B 476 -23.91 -3.58 48.20
N VAL B 477 -24.90 -2.76 47.88
CA VAL B 477 -25.78 -2.89 46.71
C VAL B 477 -25.78 -1.56 45.95
N CYS B 478 -26.17 -1.58 44.68
CA CYS B 478 -26.19 -0.37 43.86
C CYS B 478 -27.47 0.45 44.08
N ASN B 479 -27.44 1.70 43.63
CA ASN B 479 -28.59 2.60 43.65
C ASN B 479 -29.84 1.94 43.03
N HIS B 480 -31.01 2.23 43.61
CA HIS B 480 -32.31 1.68 43.23
C HIS B 480 -32.68 1.85 41.74
N LEU B 481 -32.12 2.84 41.03
CA LEU B 481 -32.41 3.11 39.62
C LEU B 481 -31.77 2.11 38.65
N CYS B 482 -30.78 1.34 39.12
CA CYS B 482 -29.96 0.50 38.27
C CYS B 482 -30.68 -0.76 37.77
N SER B 483 -30.56 -1.06 36.47
CA SER B 483 -31.21 -2.24 35.87
C SER B 483 -30.50 -3.55 36.23
N SER B 484 -31.08 -4.66 35.81
CA SER B 484 -30.58 -6.02 36.07
C SER B 484 -29.16 -6.30 35.52
N ASP B 485 -28.63 -5.45 34.63
CA ASP B 485 -27.27 -5.59 34.10
C ASP B 485 -26.15 -5.35 35.11
N GLY B 486 -26.45 -4.75 36.27
CA GLY B 486 -25.48 -4.59 37.36
C GLY B 486 -24.74 -3.26 37.37
N CYS B 487 -23.76 -3.14 38.26
CA CYS B 487 -23.22 -1.84 38.64
C CYS B 487 -21.75 -1.94 39.11
N TRP B 488 -20.90 -0.98 38.74
CA TRP B 488 -19.47 -0.97 39.07
C TRP B 488 -19.12 -0.53 40.49
N GLY B 489 -20.06 0.06 41.22
CA GLY B 489 -19.83 0.62 42.55
C GLY B 489 -21.11 1.16 43.19
N PRO B 490 -21.07 1.81 44.37
CA PRO B 490 -22.31 2.21 45.02
C PRO B 490 -23.06 3.37 44.36
N GLY B 491 -22.41 4.20 43.52
CA GLY B 491 -23.04 5.42 43.00
C GLY B 491 -24.09 5.20 41.89
N PRO B 492 -25.12 6.06 41.75
CA PRO B 492 -26.11 5.96 40.68
C PRO B 492 -25.51 6.13 39.28
N ASP B 493 -24.35 6.77 39.19
CA ASP B 493 -23.58 7.00 37.95
C ASP B 493 -22.64 5.83 37.58
N GLN B 494 -22.44 4.87 38.48
CA GLN B 494 -21.54 3.72 38.25
C GLN B 494 -22.28 2.47 37.76
N CYS B 495 -23.60 2.55 37.61
CA CYS B 495 -24.45 1.52 37.05
C CYS B 495 -24.18 1.27 35.56
N LEU B 496 -24.18 0.02 35.08
CA LEU B 496 -23.95 -0.29 33.66
C LEU B 496 -25.07 0.29 32.77
N SER B 497 -26.32 0.24 33.22
CA SER B 497 -27.49 0.78 32.53
C SER B 497 -28.64 0.93 33.51
N CYS B 498 -29.38 2.05 33.44
CA CYS B 498 -30.45 2.42 34.37
C CYS B 498 -31.85 2.28 33.76
N ARG B 499 -32.85 1.93 34.60
CA ARG B 499 -34.22 1.66 34.13
C ARG B 499 -34.94 2.93 33.66
N ARG B 500 -34.69 4.02 34.38
CA ARG B 500 -35.18 5.38 34.10
C ARG B 500 -34.15 6.18 33.27
N PHE B 501 -34.54 7.36 32.80
CA PHE B 501 -33.67 8.23 32.00
C PHE B 501 -32.38 8.63 32.73
N SER B 502 -31.32 8.85 31.97
CA SER B 502 -30.07 9.43 32.47
C SER B 502 -29.83 10.84 31.95
N ARG B 503 -29.46 11.75 32.84
CA ARG B 503 -28.92 13.08 32.53
C ARG B 503 -27.41 12.96 32.35
N GLY B 504 -26.97 12.70 31.12
CA GLY B 504 -25.60 12.28 30.86
C GLY B 504 -25.27 10.98 31.60
N ARG B 505 -24.20 10.96 32.39
CA ARG B 505 -23.81 9.83 33.26
C ARG B 505 -24.68 9.65 34.50
N ILE B 506 -25.55 10.61 34.86
CA ILE B 506 -26.30 10.59 36.13
C ILE B 506 -27.72 10.06 35.91
N CYS B 507 -28.07 8.94 36.53
CA CYS B 507 -29.39 8.34 36.49
C CYS B 507 -30.40 9.05 37.41
N ILE B 508 -31.62 9.32 36.92
CA ILE B 508 -32.64 10.11 37.65
C ILE B 508 -34.04 9.49 37.54
N GLU B 509 -34.92 9.74 38.52
CA GLU B 509 -36.28 9.18 38.56
C GLU B 509 -37.19 9.75 37.47
N SER B 510 -37.12 11.05 37.24
CA SER B 510 -37.94 11.79 36.28
C SER B 510 -37.16 13.01 35.80
N CYS B 511 -37.49 13.50 34.60
CA CYS B 511 -36.77 14.62 33.96
C CYS B 511 -37.45 15.99 34.20
N ASN B 512 -36.70 17.07 33.99
CA ASN B 512 -37.20 18.44 34.09
C ASN B 512 -37.93 18.85 32.80
N LEU B 513 -39.02 18.16 32.45
CA LEU B 513 -39.80 18.44 31.24
C LEU B 513 -40.70 19.68 31.42
N TYR B 514 -41.28 19.85 32.60
CA TYR B 514 -42.31 20.85 32.93
C TYR B 514 -42.19 21.38 34.37
N ASP B 515 -41.05 21.14 35.02
CA ASP B 515 -40.75 21.57 36.38
C ASP B 515 -39.25 21.90 36.52
N GLY B 516 -38.89 22.71 37.52
CA GLY B 516 -37.51 23.15 37.76
C GLY B 516 -37.12 24.43 37.02
N GLU B 517 -35.92 24.92 37.31
CA GLU B 517 -35.33 26.17 36.80
C GLU B 517 -34.73 26.06 35.38
N PHE B 518 -34.65 24.86 34.81
CA PHE B 518 -34.21 24.58 33.45
C PHE B 518 -35.11 23.48 32.87
N ARG B 519 -35.17 23.34 31.54
CA ARG B 519 -36.10 22.39 30.90
C ARG B 519 -35.44 21.49 29.88
N GLU B 520 -36.03 20.32 29.69
CA GLU B 520 -35.49 19.19 28.94
C GLU B 520 -36.54 18.57 28.01
N PHE B 521 -36.08 17.81 27.02
CA PHE B 521 -36.89 16.92 26.19
C PHE B 521 -36.45 15.46 26.36
N GLU B 522 -37.38 14.53 26.18
CA GLU B 522 -37.15 13.10 26.26
C GLU B 522 -36.41 12.56 25.04
N ASN B 523 -35.48 11.63 25.25
CA ASN B 523 -34.95 10.73 24.22
C ASN B 523 -34.80 9.31 24.82
N GLY B 524 -34.54 8.29 24.01
CA GLY B 524 -34.88 6.89 24.29
C GLY B 524 -34.45 6.32 25.65
N SER B 525 -33.35 6.82 26.24
CA SER B 525 -32.96 6.52 27.63
C SER B 525 -32.33 7.73 28.34
N ILE B 526 -32.48 8.94 27.81
CA ILE B 526 -31.79 10.15 28.30
C ILE B 526 -32.69 11.38 28.22
N CYS B 527 -32.35 12.42 28.99
CA CYS B 527 -33.02 13.72 28.92
C CYS B 527 -32.00 14.83 28.71
N VAL B 528 -32.32 15.76 27.82
CA VAL B 528 -31.40 16.77 27.28
C VAL B 528 -32.06 18.14 27.28
N GLU B 529 -31.32 19.20 27.60
CA GLU B 529 -31.90 20.54 27.77
C GLU B 529 -32.39 21.18 26.46
N CYS B 530 -33.50 21.92 26.56
CA CYS B 530 -34.07 22.74 25.50
C CYS B 530 -33.42 24.14 25.41
N ASP B 531 -33.66 24.84 24.30
CA ASP B 531 -33.22 26.22 24.07
C ASP B 531 -33.67 27.18 25.21
N PRO B 532 -32.77 28.02 25.77
CA PRO B 532 -33.10 28.90 26.89
C PRO B 532 -34.15 29.98 26.60
N GLN B 533 -34.53 30.24 25.36
CA GLN B 533 -35.57 31.25 25.06
C GLN B 533 -36.98 30.77 25.42
N CYS B 534 -37.18 29.45 25.54
CA CYS B 534 -38.51 28.86 25.60
C CYS B 534 -39.15 28.97 26.99
N GLU B 535 -40.43 29.32 27.03
CA GLU B 535 -41.17 29.61 28.25
C GLU B 535 -41.31 28.37 29.16
N LYS B 536 -40.98 28.55 30.44
CA LYS B 536 -40.92 27.51 31.48
C LYS B 536 -42.30 27.33 32.14
N MET B 537 -43.23 26.76 31.37
CA MET B 537 -44.64 26.53 31.76
C MET B 537 -44.82 25.44 32.82
N GLU B 538 -45.85 25.61 33.65
CA GLU B 538 -46.22 24.72 34.76
C GLU B 538 -47.22 23.60 34.39
N ASP B 539 -47.56 22.75 35.35
CA ASP B 539 -48.67 21.78 35.31
C ASP B 539 -48.65 20.82 34.10
N GLY B 540 -47.49 20.23 33.81
CA GLY B 540 -47.33 19.25 32.74
C GLY B 540 -47.07 19.83 31.34
N LEU B 541 -47.00 21.15 31.18
CA LEU B 541 -46.84 21.81 29.88
C LEU B 541 -45.37 21.83 29.40
N LEU B 542 -44.92 20.70 28.84
CA LEU B 542 -43.65 20.62 28.10
C LEU B 542 -43.74 21.43 26.78
N THR B 543 -42.89 22.45 26.63
CA THR B 543 -42.94 23.39 25.49
C THR B 543 -41.92 23.12 24.38
N CYS B 544 -41.17 22.02 24.45
CA CYS B 544 -40.15 21.68 23.47
C CYS B 544 -40.11 20.16 23.22
N HIS B 545 -39.74 19.76 22.01
CA HIS B 545 -39.81 18.38 21.52
C HIS B 545 -38.47 17.92 20.93
N GLY B 546 -37.39 18.62 21.30
CA GLY B 546 -36.03 18.43 20.80
C GLY B 546 -35.22 19.73 20.86
N PRO B 547 -33.99 19.71 20.32
CA PRO B 547 -33.09 20.86 20.33
C PRO B 547 -33.59 22.02 19.46
N GLY B 548 -33.11 23.23 19.76
CA GLY B 548 -33.16 24.39 18.87
C GLY B 548 -34.31 25.39 19.16
N PRO B 549 -34.12 26.69 18.86
CA PRO B 549 -35.14 27.73 19.05
C PRO B 549 -36.38 27.59 18.15
N ASP B 550 -36.31 26.73 17.14
CA ASP B 550 -37.41 26.35 16.24
C ASP B 550 -38.36 25.33 16.87
N ASN B 551 -37.93 24.61 17.89
CA ASN B 551 -38.67 23.51 18.52
C ASN B 551 -39.64 23.98 19.62
N CYS B 552 -39.44 25.21 20.10
CA CYS B 552 -40.23 25.81 21.16
C CYS B 552 -41.65 26.19 20.71
N THR B 553 -42.67 25.91 21.52
CA THR B 553 -44.06 26.30 21.23
C THR B 553 -44.37 27.76 21.57
N LYS B 554 -43.66 28.38 22.52
CA LYS B 554 -43.85 29.77 22.94
C LYS B 554 -42.62 30.28 23.69
N CYS B 555 -42.05 31.40 23.26
CA CYS B 555 -40.82 31.96 23.84
C CYS B 555 -40.99 33.41 24.31
N SER B 556 -40.17 33.84 25.28
CA SER B 556 -40.16 35.21 25.80
C SER B 556 -39.49 36.22 24.86
N HIS B 557 -38.76 35.74 23.86
CA HIS B 557 -38.04 36.56 22.90
C HIS B 557 -38.82 36.71 21.57
N PHE B 558 -38.19 37.28 20.54
CA PHE B 558 -38.82 37.48 19.23
C PHE B 558 -39.05 36.17 18.49
N LYS B 559 -40.20 36.05 17.84
CA LYS B 559 -40.57 34.92 16.99
C LYS B 559 -40.43 35.32 15.53
N ASP B 560 -39.40 34.81 14.87
CA ASP B 560 -39.23 34.96 13.43
C ASP B 560 -39.83 33.74 12.71
N GLY B 561 -39.78 33.69 11.38
CA GLY B 561 -40.27 32.59 10.56
C GLY B 561 -39.80 31.20 11.02
N PRO B 562 -38.50 30.87 10.95
CA PRO B 562 -38.03 29.53 11.28
C PRO B 562 -37.92 29.28 12.80
N ASN B 563 -37.75 30.32 13.63
CA ASN B 563 -37.38 30.15 15.04
C ASN B 563 -37.54 31.39 15.94
N CYS B 564 -37.42 31.18 17.25
CA CYS B 564 -37.28 32.27 18.22
C CYS B 564 -35.86 32.83 18.21
N VAL B 565 -35.71 34.16 18.26
CA VAL B 565 -34.41 34.85 18.33
C VAL B 565 -34.42 35.98 19.36
N GLU B 566 -33.25 36.28 19.94
CA GLU B 566 -33.06 37.39 20.88
C GLU B 566 -33.32 38.76 20.25
N LYS B 567 -33.01 38.93 18.96
CA LYS B 567 -33.31 40.11 18.14
C LYS B 567 -33.42 39.74 16.66
N CYS B 568 -34.32 40.38 15.92
CA CYS B 568 -34.49 40.19 14.47
C CYS B 568 -33.53 41.10 13.64
N PRO B 569 -33.16 40.72 12.41
CA PRO B 569 -32.17 41.46 11.61
C PRO B 569 -32.53 42.92 11.36
N ASP B 570 -31.51 43.77 11.26
CA ASP B 570 -31.61 45.20 10.90
C ASP B 570 -31.59 45.41 9.38
N ILE B 579 -32.84 41.29 4.57
CA ILE B 579 -33.63 42.52 4.66
C ILE B 579 -33.87 42.92 6.13
N PHE B 580 -34.18 44.20 6.36
CA PHE B 580 -34.57 44.73 7.67
C PHE B 580 -35.96 44.20 8.08
N LYS B 581 -36.17 43.85 9.35
CA LYS B 581 -37.47 43.43 9.88
C LYS B 581 -37.93 44.30 11.05
N TYR B 582 -39.25 44.48 11.16
CA TYR B 582 -39.92 45.06 12.32
C TYR B 582 -40.67 43.95 13.08
N ALA B 583 -41.31 44.28 14.19
CA ALA B 583 -42.09 43.32 14.98
C ALA B 583 -43.36 43.94 15.58
N ASP B 584 -44.41 43.12 15.74
CA ASP B 584 -45.67 43.53 16.36
C ASP B 584 -45.62 43.48 17.92
N PRO B 585 -46.70 43.86 18.63
CA PRO B 585 -46.75 43.81 20.10
C PRO B 585 -46.61 42.41 20.73
N ASP B 586 -46.72 41.34 19.95
CA ASP B 586 -46.49 39.95 20.39
C ASP B 586 -45.06 39.47 20.04
N ARG B 587 -44.20 40.38 19.57
CA ARG B 587 -42.81 40.15 19.15
C ARG B 587 -42.69 39.24 17.93
N GLU B 588 -43.69 39.23 17.04
CA GLU B 588 -43.65 38.50 15.77
C GLU B 588 -43.00 39.37 14.68
N CYS B 589 -41.92 38.88 14.07
CA CYS B 589 -41.12 39.64 13.12
C CYS B 589 -41.60 39.54 11.65
N HIS B 590 -41.57 40.67 10.94
CA HIS B 590 -42.00 40.82 9.55
C HIS B 590 -41.04 41.72 8.75
N PRO B 591 -40.84 41.49 7.43
CA PRO B 591 -40.01 42.34 6.58
C PRO B 591 -40.46 43.80 6.50
N CYS B 592 -39.50 44.70 6.49
CA CYS B 592 -39.66 46.13 6.22
C CYS B 592 -39.49 46.47 4.74
N HIS B 593 -39.76 47.72 4.38
CA HIS B 593 -39.30 48.27 3.10
C HIS B 593 -37.77 48.10 2.96
N PRO B 594 -37.22 47.72 1.79
CA PRO B 594 -35.79 47.51 1.63
C PRO B 594 -34.90 48.68 2.09
N ASN B 595 -35.38 49.92 2.02
CA ASN B 595 -34.60 51.13 2.33
C ASN B 595 -34.61 51.48 3.83
N CYS B 596 -34.23 50.54 4.70
CA CYS B 596 -34.16 50.74 6.15
C CYS B 596 -32.80 50.34 6.74
N THR B 597 -32.27 51.19 7.64
CA THR B 597 -30.96 51.04 8.29
C THR B 597 -30.99 51.30 9.80
N GLN B 598 -31.67 52.37 10.25
CA GLN B 598 -31.66 52.80 11.65
C GLN B 598 -32.88 52.32 12.45
N GLY B 599 -34.04 52.12 11.81
CA GLY B 599 -35.29 51.72 12.46
C GLY B 599 -36.45 51.47 11.48
N CYS B 600 -37.53 50.86 11.98
CA CYS B 600 -38.70 50.45 11.19
C CYS B 600 -39.85 49.98 12.10
N ASN B 601 -41.11 50.27 11.73
CA ASN B 601 -42.32 49.74 12.37
C ASN B 601 -43.39 49.19 11.39
N GLY B 602 -43.03 48.87 10.13
CA GLY B 602 -43.98 48.39 9.14
C GLY B 602 -43.37 48.04 7.76
N PRO B 603 -44.16 47.44 6.86
CA PRO B 603 -43.70 46.90 5.57
C PRO B 603 -43.48 47.92 4.44
N THR B 604 -43.87 49.20 4.57
CA THR B 604 -43.78 50.19 3.46
C THR B 604 -42.82 51.35 3.76
N SER B 605 -42.51 52.19 2.77
CA SER B 605 -41.48 53.25 2.89
C SER B 605 -41.78 54.31 3.96
N HIS B 606 -43.03 54.70 4.17
CA HIS B 606 -43.39 55.65 5.24
C HIS B 606 -43.38 55.02 6.65
N ASP B 607 -43.17 53.71 6.76
CA ASP B 607 -43.03 52.97 8.02
C ASP B 607 -41.58 52.90 8.51
N CYS B 608 -40.62 53.36 7.70
CA CYS B 608 -39.20 53.33 8.00
C CYS B 608 -38.79 54.53 8.88
N ILE B 609 -37.95 54.30 9.89
CA ILE B 609 -37.60 55.29 10.91
C ILE B 609 -36.09 55.63 10.87
N TYR B 610 -35.76 56.92 10.96
CA TYR B 610 -34.40 57.45 10.90
C TYR B 610 -34.07 58.32 12.13
N GLY C 1 -2.59 -13.95 -58.41
CA GLY C 1 -1.92 -13.81 -57.13
C GLY C 1 -2.65 -14.53 -56.00
N HIS C 2 -2.40 -14.11 -54.75
CA HIS C 2 -3.01 -14.71 -53.55
C HIS C 2 -4.30 -13.99 -53.09
N PHE C 3 -4.77 -12.97 -53.82
CA PHE C 3 -5.93 -12.15 -53.46
C PHE C 3 -6.78 -11.67 -54.64
N SER C 4 -8.02 -11.29 -54.33
CA SER C 4 -9.05 -10.79 -55.25
C SER C 4 -9.73 -9.51 -54.71
N ARG C 5 -10.78 -9.03 -55.39
CA ARG C 5 -11.52 -7.82 -55.02
C ARG C 5 -12.25 -7.98 -53.69
N CYS C 6 -12.32 -6.93 -52.87
CA CYS C 6 -12.97 -7.01 -51.57
C CYS C 6 -14.49 -7.27 -51.66
N PRO C 7 -15.05 -8.21 -50.86
CA PRO C 7 -16.49 -8.40 -50.70
C PRO C 7 -17.22 -7.14 -50.22
N LYS C 8 -18.50 -7.00 -50.57
CA LYS C 8 -19.27 -5.77 -50.31
C LYS C 8 -19.29 -5.31 -48.85
N GLN C 9 -19.30 -6.20 -47.85
CA GLN C 9 -19.27 -5.79 -46.45
C GLN C 9 -17.97 -5.07 -46.05
N TYR C 10 -16.95 -5.09 -46.92
CA TYR C 10 -15.66 -4.41 -46.75
C TYR C 10 -15.50 -3.17 -47.67
N LYS C 11 -16.55 -2.69 -48.36
CA LYS C 11 -16.48 -1.56 -49.32
C LYS C 11 -15.69 -0.35 -48.79
N HIS C 12 -15.89 -0.03 -47.52
CA HIS C 12 -15.28 1.10 -46.80
C HIS C 12 -14.23 0.65 -45.76
N TYR C 13 -13.73 -0.59 -45.86
CA TYR C 13 -12.76 -1.16 -44.92
C TYR C 13 -11.49 -0.36 -44.79
N CYS C 14 -10.97 0.13 -45.91
CA CYS C 14 -9.70 0.84 -45.97
C CYS C 14 -9.93 2.33 -46.25
N ILE C 15 -9.14 3.19 -45.62
CA ILE C 15 -9.25 4.66 -45.75
C ILE C 15 -7.97 5.22 -46.34
N LYS C 16 -8.06 5.94 -47.46
CA LYS C 16 -6.89 6.47 -48.20
C LYS C 16 -5.92 5.35 -48.64
N GLY C 17 -6.51 4.33 -49.28
CA GLY C 17 -5.84 3.16 -49.85
C GLY C 17 -6.79 2.28 -50.65
N ARG C 18 -6.27 1.23 -51.29
CA ARG C 18 -7.00 0.27 -52.11
C ARG C 18 -7.09 -1.07 -51.40
N CYS C 19 -8.31 -1.57 -51.18
CA CYS C 19 -8.56 -2.82 -50.47
C CYS C 19 -8.25 -4.07 -51.33
N ARG C 20 -7.62 -5.11 -50.77
CA ARG C 20 -7.43 -6.41 -51.43
C ARG C 20 -7.84 -7.56 -50.51
N PHE C 21 -8.41 -8.64 -51.03
CA PHE C 21 -8.94 -9.73 -50.19
C PHE C 21 -8.13 -11.01 -50.37
N VAL C 22 -7.45 -11.45 -49.30
CA VAL C 22 -6.55 -12.59 -49.27
C VAL C 22 -7.36 -13.87 -49.17
N VAL C 23 -7.46 -14.64 -50.25
CA VAL C 23 -8.45 -15.72 -50.38
C VAL C 23 -8.12 -16.92 -49.48
N ALA C 24 -6.87 -17.37 -49.44
CA ALA C 24 -6.42 -18.51 -48.64
C ALA C 24 -6.63 -18.33 -47.11
N GLU C 25 -6.70 -17.11 -46.62
CA GLU C 25 -6.99 -16.73 -45.22
C GLU C 25 -8.33 -16.00 -45.06
N GLN C 26 -9.11 -15.84 -46.14
CA GLN C 26 -10.37 -15.10 -46.18
C GLN C 26 -10.34 -13.74 -45.44
N THR C 27 -9.25 -12.97 -45.59
CA THR C 27 -8.98 -11.77 -44.78
C THR C 27 -8.62 -10.56 -45.63
N PRO C 28 -9.26 -9.39 -45.48
CA PRO C 28 -8.87 -8.20 -46.22
C PRO C 28 -7.56 -7.62 -45.69
N SER C 29 -6.80 -7.01 -46.59
CA SER C 29 -5.64 -6.17 -46.33
C SER C 29 -5.69 -4.98 -47.28
N CYS C 30 -4.92 -3.92 -47.04
CA CYS C 30 -4.99 -2.75 -47.90
C CYS C 30 -3.60 -2.29 -48.34
N VAL C 31 -3.48 -1.80 -49.57
CA VAL C 31 -2.27 -1.16 -50.08
C VAL C 31 -2.44 0.34 -49.96
N CYS C 32 -1.66 0.99 -49.12
CA CYS C 32 -1.94 2.37 -48.74
C CYS C 32 -1.54 3.41 -49.80
N ASP C 33 -2.23 4.55 -49.83
CA ASP C 33 -1.75 5.69 -50.58
C ASP C 33 -0.43 6.24 -50.00
N GLU C 34 0.32 6.99 -50.79
CA GLU C 34 1.62 7.53 -50.41
C GLU C 34 1.56 8.31 -49.08
N GLY C 35 2.41 7.94 -48.12
CA GLY C 35 2.51 8.60 -46.82
C GLY C 35 1.56 8.08 -45.73
N TYR C 36 0.83 6.99 -45.94
CA TYR C 36 -0.10 6.39 -44.98
C TYR C 36 0.29 4.96 -44.57
N ILE C 37 0.11 4.61 -43.30
CA ILE C 37 0.38 3.28 -42.70
C ILE C 37 -0.75 2.83 -41.78
N GLY C 38 -0.66 1.60 -41.25
CA GLY C 38 -1.65 1.02 -40.34
C GLY C 38 -2.58 0.03 -41.04
N ALA C 39 -3.25 -0.85 -40.29
CA ALA C 39 -4.04 -1.94 -40.87
C ALA C 39 -5.10 -1.50 -41.90
N ARG C 40 -5.75 -0.35 -41.70
CA ARG C 40 -6.73 0.24 -42.64
C ARG C 40 -6.20 1.50 -43.34
N CYS C 41 -4.89 1.71 -43.32
CA CYS C 41 -4.18 2.90 -43.83
C CYS C 41 -4.65 4.23 -43.22
N GLU C 42 -5.21 4.21 -42.01
CA GLU C 42 -5.85 5.37 -41.39
C GLU C 42 -4.88 6.38 -40.73
N ARG C 43 -3.58 6.08 -40.59
CA ARG C 43 -2.58 6.94 -39.92
C ARG C 43 -1.54 7.48 -40.91
N VAL C 44 -1.06 8.69 -40.67
CA VAL C 44 0.01 9.32 -41.47
C VAL C 44 1.39 8.80 -41.06
N ASP C 45 2.25 8.51 -42.03
CA ASP C 45 3.59 7.94 -41.79
C ASP C 45 4.64 9.00 -41.44
N LEU C 46 5.15 8.96 -40.20
CA LEU C 46 6.18 9.89 -39.74
C LEU C 46 7.53 9.75 -40.46
N PHE C 47 7.82 8.60 -41.09
CA PHE C 47 9.11 8.38 -41.74
C PHE C 47 9.15 8.87 -43.19
N TYR C 48 8.03 9.38 -43.71
CA TYR C 48 7.92 9.88 -45.08
C TYR C 48 8.76 11.14 -45.31
N GLY D 1 25.27 -29.85 47.44
CA GLY D 1 24.60 -29.68 46.16
C GLY D 1 25.31 -28.69 45.22
N HIS D 2 24.59 -28.17 44.23
CA HIS D 2 25.12 -27.21 43.24
C HIS D 2 25.04 -25.73 43.64
N PHE D 3 24.46 -25.42 44.80
CA PHE D 3 24.08 -24.07 45.18
C PHE D 3 24.90 -23.49 46.33
N SER D 4 25.06 -22.16 46.36
CA SER D 4 25.65 -21.41 47.49
C SER D 4 24.88 -20.13 47.81
N ARG D 5 25.28 -19.45 48.88
CA ARG D 5 24.71 -18.16 49.33
C ARG D 5 24.94 -17.06 48.28
N CYS D 6 23.92 -16.27 48.00
CA CYS D 6 23.99 -15.21 46.98
C CYS D 6 24.96 -14.07 47.37
N PRO D 7 25.88 -13.66 46.48
CA PRO D 7 26.76 -12.49 46.68
C PRO D 7 26.00 -11.18 46.91
N LYS D 8 26.61 -10.23 47.62
CA LYS D 8 25.96 -8.98 48.05
C LYS D 8 25.23 -8.24 46.94
N GLN D 9 25.75 -8.17 45.72
CA GLN D 9 25.09 -7.45 44.63
C GLN D 9 23.75 -8.08 44.19
N TYR D 10 23.40 -9.27 44.69
CA TYR D 10 22.11 -9.92 44.44
C TYR D 10 21.12 -9.82 45.62
N LYS D 11 21.43 -9.05 46.67
CA LYS D 11 20.59 -8.94 47.91
C LYS D 11 19.10 -8.78 47.58
N HIS D 12 18.74 -7.91 46.64
CA HIS D 12 17.36 -7.60 46.25
C HIS D 12 16.97 -8.21 44.88
N TYR D 13 17.70 -9.23 44.43
CA TYR D 13 17.40 -9.93 43.18
C TYR D 13 16.03 -10.62 43.23
N CYS D 14 15.77 -11.38 44.29
CA CYS D 14 14.49 -12.05 44.51
C CYS D 14 13.46 -11.17 45.19
N ILE D 15 12.21 -11.21 44.69
CA ILE D 15 11.03 -10.55 45.25
C ILE D 15 10.00 -11.64 45.59
N LYS D 16 9.52 -11.72 46.84
CA LYS D 16 8.64 -12.82 47.32
C LYS D 16 9.22 -14.22 47.08
N GLY D 17 10.46 -14.45 47.48
CA GLY D 17 11.15 -15.74 47.34
C GLY D 17 12.54 -15.73 47.96
N ARG D 18 13.23 -16.87 47.96
CA ARG D 18 14.58 -17.04 48.53
C ARG D 18 15.65 -17.17 47.45
N CYS D 19 16.72 -16.41 47.55
CA CYS D 19 17.82 -16.42 46.58
C CYS D 19 18.79 -17.59 46.82
N ARG D 20 19.19 -18.29 45.77
CA ARG D 20 20.32 -19.25 45.74
C ARG D 20 21.23 -18.88 44.58
N PHE D 21 22.52 -19.21 44.67
CA PHE D 21 23.47 -18.95 43.60
C PHE D 21 23.97 -20.27 43.00
N VAL D 22 23.90 -20.40 41.67
CA VAL D 22 24.33 -21.58 40.93
C VAL D 22 25.80 -21.40 40.59
N VAL D 23 26.68 -22.10 41.32
CA VAL D 23 28.12 -21.78 41.34
C VAL D 23 28.82 -22.08 40.01
N ALA D 24 28.55 -23.23 39.40
CA ALA D 24 29.20 -23.62 38.15
C ALA D 24 28.95 -22.64 36.99
N GLU D 25 27.79 -21.99 36.95
CA GLU D 25 27.41 -21.00 35.94
C GLU D 25 27.48 -19.56 36.43
N GLN D 26 27.93 -19.32 37.67
CA GLN D 26 28.03 -17.99 38.27
C GLN D 26 26.76 -17.15 38.00
N THR D 27 25.59 -17.71 38.29
CA THR D 27 24.27 -17.09 38.05
C THR D 27 23.30 -17.39 39.18
N PRO D 28 22.38 -16.49 39.56
CA PRO D 28 21.39 -16.77 40.58
C PRO D 28 20.27 -17.70 40.10
N SER D 29 19.68 -18.46 41.02
CA SER D 29 18.43 -19.20 40.86
C SER D 29 17.50 -18.87 42.03
N CYS D 30 16.33 -18.31 41.76
CA CYS D 30 15.44 -17.83 42.81
C CYS D 30 14.35 -18.86 43.10
N VAL D 31 14.09 -19.19 44.38
CA VAL D 31 13.02 -20.14 44.76
C VAL D 31 11.80 -19.37 45.23
N CYS D 32 10.67 -19.51 44.54
CA CYS D 32 9.49 -18.68 44.78
C CYS D 32 8.65 -19.12 45.98
N ASP D 33 8.02 -18.14 46.60
CA ASP D 33 7.02 -18.32 47.66
C ASP D 33 5.68 -18.82 47.10
N GLU D 34 4.70 -19.06 47.96
CA GLU D 34 3.38 -19.61 47.62
C GLU D 34 2.62 -18.78 46.56
N GLY D 35 2.36 -19.38 45.40
CA GLY D 35 1.60 -18.74 44.33
C GLY D 35 2.37 -17.75 43.46
N TYR D 36 3.71 -17.75 43.51
CA TYR D 36 4.56 -16.85 42.73
C TYR D 36 5.47 -17.57 41.71
N ILE D 37 5.69 -16.95 40.56
CA ILE D 37 6.44 -17.44 39.41
C ILE D 37 7.25 -16.32 38.76
N GLY D 38 8.28 -16.66 38.01
CA GLY D 38 9.03 -15.70 37.19
C GLY D 38 10.51 -15.74 37.50
N ALA D 39 11.34 -15.18 36.62
CA ALA D 39 12.78 -15.27 36.80
C ALA D 39 13.24 -14.69 38.14
N ARG D 40 12.57 -13.66 38.67
CA ARG D 40 12.80 -13.07 40.01
C ARG D 40 11.63 -13.29 40.98
N CYS D 41 10.73 -14.23 40.71
CA CYS D 41 9.49 -14.47 41.47
C CYS D 41 8.51 -13.29 41.54
N GLU D 42 8.53 -12.37 40.58
CA GLU D 42 7.75 -11.14 40.63
C GLU D 42 6.27 -11.25 40.17
N ARG D 43 5.79 -12.34 39.58
CA ARG D 43 4.40 -12.47 39.06
C ARG D 43 3.61 -13.52 39.82
N VAL D 44 2.29 -13.34 39.92
CA VAL D 44 1.37 -14.29 40.55
C VAL D 44 0.99 -15.41 39.59
N ASP D 45 0.95 -16.65 40.07
CA ASP D 45 0.59 -17.86 39.30
C ASP D 45 -0.92 -18.01 39.08
N LEU D 46 -1.39 -18.03 37.83
CA LEU D 46 -2.81 -18.21 37.49
C LEU D 46 -3.37 -19.59 37.83
N PHE D 47 -2.56 -20.64 37.92
CA PHE D 47 -3.04 -22.00 38.25
C PHE D 47 -3.31 -22.16 39.75
N TYR D 48 -2.57 -21.43 40.60
CA TYR D 48 -2.73 -21.44 42.06
C TYR D 48 -2.44 -20.07 42.69
C1 NAG E . 4.40 42.96 -7.86
C2 NAG E . 3.44 42.32 -8.87
C3 NAG E . 2.74 41.12 -8.23
C4 NAG E . 3.74 40.09 -7.71
C5 NAG E . 4.82 40.80 -6.90
C6 NAG E . 6.02 39.93 -6.61
C7 NAG E . 1.57 43.96 -8.76
C8 NAG E . 0.96 45.12 -9.49
N2 NAG E . 2.54 43.33 -9.41
O3 NAG E . 1.86 40.53 -9.19
O4 NAG E . 3.01 39.16 -6.90
O5 NAG E . 5.33 41.92 -7.63
O6 NAG E . 7.02 40.67 -5.91
O7 NAG E . 1.20 43.64 -7.63
H1 NAG E . 3.89 43.29 -6.95
H2 NAG E . 4.04 41.94 -9.69
H3 NAG E . 2.14 41.47 -7.39
H4 NAG E . 4.19 39.56 -8.55
H5 NAG E . 4.40 41.14 -5.96
H61 NAG E . 5.71 39.09 -5.99
H62 NAG E . 6.43 39.56 -7.55
H81 NAG E . 0.24 45.63 -8.83
H82 NAG E . 0.45 44.76 -10.37
H83 NAG E . 1.74 45.83 -9.77
HN2 NAG E . 2.68 43.58 -10.38
HO3 NAG E . 1.42 39.78 -8.79
HO6 NAG E . 7.78 40.10 -5.74
C1 NAG E . 3.59 37.89 -6.47
C2 NAG E . 2.48 36.91 -6.12
C3 NAG E . 3.06 35.64 -5.50
C4 NAG E . 4.12 35.00 -6.40
C5 NAG E . 5.11 36.09 -6.82
C6 NAG E . 6.09 35.61 -7.86
C7 NAG E . 0.27 37.85 -5.57
C8 NAG E . -0.57 38.42 -4.47
N2 NAG E . 1.52 37.51 -5.22
O3 NAG E . 1.99 34.72 -5.25
O4 NAG E . 4.81 33.97 -5.69
O5 NAG E . 4.41 37.21 -7.40
O6 NAG E . 7.00 36.64 -8.22
O7 NAG E . -0.16 37.71 -6.71
H1 NAG E . 4.18 38.08 -5.57
H2 NAG E . 1.96 36.63 -7.04
H3 NAG E . 3.52 35.89 -4.55
H4 NAG E . 3.64 34.58 -7.28
H5 NAG E . 5.66 36.42 -5.94
H61 NAG E . 6.65 34.76 -7.46
H62 NAG E . 5.55 35.29 -8.75
H81 NAG E . -1.56 38.66 -4.86
H82 NAG E . -0.67 37.68 -3.67
H83 NAG E . -0.11 39.32 -4.08
HN2 NAG E . 1.80 37.68 -4.27
HO3 NAG E . 2.16 33.91 -5.73
HO6 NAG E . 7.62 36.32 -8.88
C1 BMA E . 4.50 32.58 -6.08
C2 BMA E . 5.57 31.61 -5.55
C3 BMA E . 5.19 30.17 -5.93
C4 BMA E . 3.77 29.80 -5.46
C5 BMA E . 2.73 30.83 -5.92
C6 BMA E . 1.35 30.62 -5.29
O2 BMA E . 5.68 31.70 -4.11
O3 BMA E . 6.16 29.26 -5.34
O4 BMA E . 3.46 28.50 -6.01
O5 BMA E . 3.18 32.19 -5.56
O6 BMA E . 0.82 29.33 -5.67
H1 BMA E . 4.47 32.53 -7.17
H2 BMA E . 6.53 31.85 -6.00
H3 BMA E . 5.24 30.07 -7.01
H4 BMA E . 3.76 29.73 -4.36
H5 BMA E . 2.64 30.76 -7.00
H61 BMA E . 0.67 31.40 -5.64
H62 BMA E . 1.44 30.67 -4.21
HO2 BMA E . 5.91 32.59 -3.86
HO3 BMA E . 7.04 29.47 -5.68
HO4 BMA E . 2.50 28.38 -6.03
HO6 BMA E . 0.31 28.97 -4.94
C1 NAG F . 2.08 48.97 1.23
C2 NAG F . 1.64 47.57 1.63
C3 NAG F . 2.81 46.86 2.35
C4 NAG F . 4.07 46.86 1.50
C5 NAG F . 4.31 48.22 0.87
C6 NAG F . 5.35 48.20 -0.22
C7 NAG F . -0.39 46.66 2.73
C8 NAG F . -1.63 47.04 3.48
N2 NAG F . 0.43 47.67 2.41
O3 NAG F . 2.44 45.54 2.70
O4 NAG F . 5.23 46.56 2.28
O5 NAG F . 3.09 48.70 0.27
O6 NAG F . 5.53 49.50 -0.78
O7 NAG F . -0.16 45.50 2.41
H1 NAG F . 2.44 49.55 2.07
H2 NAG F . 1.42 47.00 0.73
H3 NAG F . 3.02 47.42 3.27
H4 NAG F . 3.97 46.10 0.71
H5 NAG F . 4.62 48.92 1.65
H61 NAG F . 6.30 47.85 0.19
H62 NAG F . 5.03 47.52 -1.01
H81 NAG F . -2.12 46.14 3.84
H82 NAG F . -2.30 47.58 2.81
H83 NAG F . -1.37 47.67 4.32
HN2 NAG F . 0.18 48.58 2.76
HO3 NAG F . 1.69 45.26 2.17
HO6 NAG F . 6.20 49.46 -1.48
C1 NAG F . 5.59 45.18 2.59
C2 NAG F . 7.11 45.03 2.43
C3 NAG F . 7.54 43.61 2.81
C4 NAG F . 7.02 43.22 4.19
C5 NAG F . 5.51 43.46 4.22
C6 NAG F . 4.91 43.20 5.59
C7 NAG F . 8.29 46.42 0.77
C8 NAG F . 8.65 46.54 -0.67
N2 NAG F . 7.56 45.34 1.10
O3 NAG F . 8.97 43.54 2.78
O4 NAG F . 7.28 41.83 4.41
O5 NAG F . 5.25 44.84 3.92
O6 NAG F . 3.51 43.45 5.58
O7 NAG F . 8.64 47.24 1.61
H1 NAG F . 5.08 44.51 1.90
H2 NAG F . 7.59 45.72 3.12
H3 NAG F . 7.14 42.91 2.07
H4 NAG F . 7.51 43.81 4.95
H5 NAG F . 5.02 42.83 3.48
H61 NAG F . 5.38 43.85 6.32
H62 NAG F . 5.09 42.16 5.86
H81 NAG F . 9.24 47.44 -0.82
H82 NAG F . 9.23 45.67 -0.99
H83 NAG F . 7.74 46.60 -1.27
HN2 NAG F . 7.31 44.70 0.35
HO3 NAG F . 9.30 43.58 3.67
HO6 NAG F . 3.15 43.27 6.45
C1 BMA F . 8.05 41.59 5.62
C2 BMA F . 8.23 40.07 5.80
C3 BMA F . 9.05 39.75 7.05
C4 BMA F . 10.37 40.56 7.09
C5 BMA F . 10.15 42.05 6.81
C6 BMA F . 11.43 42.88 6.66
O2 BMA F . 8.91 39.52 4.65
O3 BMA F . 9.26 38.27 7.04
O4 BMA F . 10.96 40.47 8.42
O5 BMA F . 9.37 42.21 5.57
O6 BMA F . 12.37 42.22 5.73
H1 BMA F . 7.50 41.98 6.48
H2 BMA F . 7.25 39.60 5.89
H3 BMA F . 8.47 40.00 7.93
H4 BMA F . 11.08 40.15 6.37
H5 BMA F . 9.57 42.48 7.63
H61 BMA F . 11.19 43.86 6.27
H62 BMA F . 11.91 42.99 7.63
HO2 BMA F . 8.41 39.72 3.85
HO4 BMA F . 11.78 40.94 8.44
C1 MAN F . 9.54 37.63 8.32
C2 MAN F . 9.82 36.13 8.12
C3 MAN F . 8.53 35.37 7.78
C4 MAN F . 7.40 35.64 8.79
C5 MAN F . 7.15 37.16 8.97
C6 MAN F . 6.18 37.48 10.10
O2 MAN F . 10.39 35.57 9.32
O3 MAN F . 8.82 33.95 7.74
O4 MAN F . 6.20 35.01 8.29
O5 MAN F . 8.44 37.86 9.26
O6 MAN F . 4.89 36.91 9.83
H1 MAN F . 10.45 38.09 8.74
H2 MAN F . 10.53 36.01 7.30
H3 MAN F . 8.19 35.68 6.79
H4 MAN F . 7.66 35.21 9.75
H5 MAN F . 6.76 37.56 8.04
H61 MAN F . 6.56 37.08 11.03
H62 MAN F . 6.08 38.57 10.19
HO2 MAN F . 11.19 36.03 9.54
HO3 MAN F . 8.02 33.45 7.53
HO4 MAN F . 5.43 35.44 8.67
HO6 MAN F . 4.48 36.63 10.65
C1 MAN F . 12.35 42.74 4.36
C2 MAN F . 13.16 41.81 3.45
C3 MAN F . 14.65 41.89 3.78
C4 MAN F . 15.18 43.33 3.73
C5 MAN F . 14.33 44.26 4.64
C6 MAN F . 14.69 45.74 4.49
O2 MAN F . 12.97 42.17 2.06
O3 MAN F . 15.39 41.07 2.83
O4 MAN F . 16.55 43.32 4.18
O5 MAN F . 12.89 44.11 4.32
O6 MAN F . 16.06 45.97 4.87
H1 MAN F . 11.32 42.77 4.01
H2 MAN F . 12.82 40.78 3.59
H3 MAN F . 14.81 41.50 4.78
H4 MAN F . 15.14 43.70 2.70
H5 MAN F . 14.50 43.95 5.68
H61 MAN F . 14.04 46.33 5.15
H62 MAN F . 14.54 46.05 3.46
HO2 MAN F . 12.04 42.12 1.84
HO3 MAN F . 15.25 41.39 1.95
HO4 MAN F . 16.80 44.18 4.50
HO6 MAN F . 16.43 46.67 4.33
C1 NAG G . 14.62 32.10 -26.46
C2 NAG G . 15.37 33.41 -26.68
C3 NAG G . 16.79 33.33 -26.10
C4 NAG G . 16.80 32.85 -24.65
C5 NAG G . 15.83 31.68 -24.47
C6 NAG G . 15.57 31.34 -23.03
C7 NAG G . 14.63 34.64 -28.65
C8 NAG G . 15.20 35.34 -29.84
N2 NAG G . 15.40 33.70 -28.09
O3 NAG G . 17.39 34.61 -26.21
O4 NAG G . 18.12 32.41 -24.29
O5 NAG G . 14.55 32.01 -25.05
O6 NAG G . 14.99 32.43 -22.33
O7 NAG G . 13.50 34.89 -28.23
H1 NAG G . 15.14 31.26 -26.90
H2 NAG G . 14.84 34.21 -26.17
H3 NAG G . 17.37 32.63 -26.69
H4 NAG G . 16.50 33.66 -23.99
H5 NAG G . 16.24 30.81 -24.98
H61 NAG G . 14.90 30.48 -22.98
H62 NAG G . 16.52 31.08 -22.55
H81 NAG G . 14.49 36.08 -30.22
H82 NAG G . 16.12 35.85 -29.55
H83 NAG G . 15.41 34.62 -30.62
HN2 NAG G . 16.03 33.19 -28.69
HO3 NAG G . 18.30 34.56 -25.92
HO6 NAG G . 14.83 32.18 -21.41
C1 NAG G . 18.96 33.38 -23.58
C2 NAG G . 19.77 32.69 -22.48
C3 NAG G . 20.56 33.73 -21.67
C4 NAG G . 21.41 34.60 -22.58
C5 NAG G . 20.56 35.12 -23.73
C6 NAG G . 21.38 35.84 -24.79
C7 NAG G . 18.91 30.57 -21.55
C8 NAG G . 18.03 29.97 -20.51
N2 NAG G . 18.93 31.91 -21.60
O3 NAG G . 21.36 33.06 -20.72
O4 NAG G . 21.92 35.71 -21.82
O5 NAG G . 19.93 34.02 -24.40
O6 NAG G . 22.35 34.98 -25.37
O7 NAG G . 19.59 29.88 -22.32
H1 NAG G . 18.32 34.14 -23.13
H2 NAG G . 20.49 32.02 -22.95
H3 NAG G . 19.84 34.36 -21.15
H4 NAG G . 22.25 34.02 -22.96
H5 NAG G . 19.81 35.80 -23.35
H61 NAG G . 21.89 36.68 -24.32
H62 NAG G . 20.72 36.21 -25.57
H81 NAG G . 18.10 28.88 -20.56
H82 NAG G . 18.35 30.30 -19.52
H83 NAG G . 17.00 30.28 -20.68
HN2 NAG G . 18.30 32.40 -20.97
HO3 NAG G . 22.28 33.10 -20.98
HO6 NAG G . 22.86 35.46 -26.03
C1 BMA G . 23.36 35.88 -21.88
C2 BMA G . 23.75 37.21 -21.19
C3 BMA G . 25.28 37.35 -21.15
C4 BMA G . 25.95 36.13 -20.50
C5 BMA G . 25.51 34.83 -21.19
C6 BMA G . 25.99 33.56 -20.48
O2 BMA G . 23.27 37.24 -19.82
O3 BMA G . 25.63 38.55 -20.42
O4 BMA G . 27.39 36.29 -20.63
O5 BMA G . 24.04 34.77 -21.22
O6 BMA G . 27.43 33.49 -20.50
H1 BMA G . 23.67 35.93 -22.92
H2 BMA G . 23.33 38.05 -21.74
H3 BMA G . 25.65 37.46 -22.17
H4 BMA G . 25.69 36.09 -19.44
H5 BMA G . 25.89 34.83 -22.22
H61 BMA G . 25.64 33.56 -19.46
H62 BMA G . 25.60 32.68 -21.00
HO2 BMA G . 22.31 37.15 -19.82
HO3 BMA G . 25.29 38.50 -19.52
HO4 BMA G . 27.81 35.43 -20.59
HO6 BMA G . 27.74 33.07 -19.69
C1 NAG H . 19.03 -9.54 -17.02
C2 NAG H . 19.26 -10.06 -18.44
C3 NAG H . 20.65 -9.69 -18.97
C4 NAG H . 20.86 -8.18 -18.91
C5 NAG H . 20.62 -7.76 -17.47
C6 NAG H . 20.71 -6.26 -17.26
C7 NAG H . 18.03 -12.12 -19.05
C8 NAG H . 18.05 -13.61 -19.00
N2 NAG H . 19.07 -11.50 -18.48
O3 NAG H . 20.78 -10.18 -20.31
O4 NAG H . 22.19 -7.79 -19.29
O5 NAG H . 19.29 -8.14 -17.07
O6 NAG H . 20.47 -5.91 -15.90
O7 NAG H . 17.10 -11.49 -19.57
H1 NAG H . 19.64 -10.06 -16.27
H2 NAG H . 18.51 -9.60 -19.09
H3 NAG H . 21.40 -10.17 -18.36
H4 NAG H . 20.14 -7.68 -19.56
H5 NAG H . 21.34 -8.25 -16.82
H61 NAG H . 21.71 -5.93 -17.54
H62 NAG H . 19.98 -5.76 -17.90
H81 NAG H . 19.09 -13.96 -19.04
H82 NAG H . 17.49 -14.01 -19.85
H83 NAG H . 17.58 -13.95 -18.07
HN2 NAG H . 19.78 -12.07 -18.05
HO3 NAG H . 21.70 -10.34 -20.50
HO6 NAG H . 20.54 -4.96 -15.80
C1 NAG H . 22.50 -7.66 -20.71
C2 NAG H . 23.04 -6.31 -21.18
C3 NAG H . 23.28 -6.33 -22.68
C4 NAG H . 24.23 -7.45 -23.06
C5 NAG H . 23.68 -8.76 -22.49
C6 NAG H . 24.60 -9.93 -22.70
C7 NAG H . 22.36 -4.35 -19.84
C8 NAG H . 21.22 -3.44 -19.52
N2 NAG H . 22.12 -5.26 -20.79
O3 NAG H . 23.78 -5.07 -23.11
O4 NAG H . 24.34 -7.55 -24.49
O5 NAG H . 23.49 -8.62 -21.07
O6 NAG H . 24.04 -11.12 -22.15
O7 NAG H . 23.44 -4.29 -19.25
H1 NAG H . 21.59 -7.89 -21.29
H2 NAG H . 23.99 -6.14 -20.68
H3 NAG H . 22.32 -6.51 -23.18
H4 NAG H . 25.21 -7.25 -22.63
H5 NAG H . 22.72 -8.97 -22.96
H61 NAG H . 25.55 -9.73 -22.20
H62 NAG H . 24.77 -10.07 -23.77
H81 NAG H . 21.51 -2.75 -18.72
H82 NAG H . 20.95 -2.87 -20.40
H83 NAG H . 20.36 -4.03 -19.18
HN2 NAG H . 21.24 -5.19 -21.28
HO3 NAG H . 24.23 -5.18 -23.95
HO6 NAG H . 24.64 -11.85 -22.29
C1 BMA H . 25.65 -7.47 -25.16
C2 BMA H . 25.51 -6.46 -26.31
C3 BMA H . 26.80 -6.37 -27.12
C4 BMA H . 27.98 -5.98 -26.21
C5 BMA H . 28.05 -6.85 -24.94
C6 BMA H . 29.03 -6.31 -23.88
O2 BMA H . 25.20 -5.15 -25.74
O3 BMA H . 26.59 -5.32 -28.14
O4 BMA H . 29.21 -6.15 -26.96
O5 BMA H . 26.72 -6.94 -24.30
O6 BMA H . 28.82 -4.86 -23.70
H1 BMA H . 25.94 -8.45 -25.56
H2 BMA H . 24.69 -6.78 -26.97
H3 BMA H . 27.01 -7.32 -27.60
H4 BMA H . 27.88 -4.93 -25.92
H5 BMA H . 28.37 -7.85 -25.22
H61 BMA H . 28.86 -6.82 -22.94
H62 BMA H . 30.06 -6.48 -24.22
HO2 BMA H . 24.64 -4.67 -26.34
HO4 BMA H . 29.18 -5.57 -27.74
C1 MAN H . 27.10 -5.62 -29.48
C2 MAN H . 27.35 -4.30 -30.22
C3 MAN H . 26.01 -3.61 -30.52
C4 MAN H . 25.07 -4.53 -31.32
C5 MAN H . 24.84 -5.85 -30.57
C6 MAN H . 24.03 -6.86 -31.38
O2 MAN H . 28.06 -4.54 -31.45
O3 MAN H . 26.26 -2.40 -31.29
O4 MAN H . 23.80 -3.85 -31.46
O5 MAN H . 26.15 -6.47 -30.21
O6 MAN H . 23.88 -8.06 -30.61
H1 MAN H . 28.05 -6.16 -29.37
H2 MAN H . 27.95 -3.63 -29.58
H3 MAN H . 25.53 -3.33 -29.59
H4 MAN H . 25.50 -4.72 -32.30
H5 MAN H . 24.30 -5.63 -29.65
H61 MAN H . 23.05 -6.44 -31.61
H62 MAN H . 24.56 -7.08 -32.32
HO2 MAN H . 28.90 -4.98 -31.26
HO3 MAN H . 26.67 -2.64 -32.13
HO4 MAN H . 23.20 -4.41 -31.95
HO6 MAN H . 24.16 -8.82 -31.14
C1 MAN H . 27.92 -4.52 -22.60
C2 MAN H . 27.31 -3.12 -22.86
C3 MAN H . 28.33 -2.00 -22.62
C4 MAN H . 29.01 -2.11 -21.24
C5 MAN H . 29.66 -3.49 -21.09
C6 MAN H . 30.28 -3.72 -19.70
O2 MAN H . 26.18 -2.91 -21.98
O3 MAN H . 27.65 -0.73 -22.73
O4 MAN H . 30.02 -1.09 -21.15
O5 MAN H . 28.64 -4.55 -21.31
O6 MAN H . 30.67 -5.09 -19.58
H1 MAN H . 27.11 -5.25 -22.56
H2 MAN H . 26.97 -3.08 -23.89
H3 MAN H . 29.10 -2.05 -23.39
H4 MAN H . 28.26 -1.96 -20.46
H5 MAN H . 30.44 -3.60 -21.85
H61 MAN H . 31.14 -3.07 -19.59
H62 MAN H . 29.54 -3.48 -18.93
HO2 MAN H . 25.56 -3.64 -22.08
HO3 MAN H . 28.26 -0.01 -22.58
HO4 MAN H . 30.46 -1.14 -20.31
HO6 MAN H . 31.06 -5.23 -18.71
C1 NAG I . -20.16 20.37 -14.83
C2 NAG I . -21.48 19.60 -14.75
C3 NAG I . -22.66 20.56 -14.61
C4 NAG I . -22.49 21.50 -13.41
C5 NAG I . -21.08 22.07 -13.42
C6 NAG I . -20.75 22.81 -12.15
C7 NAG I . -21.60 17.41 -15.87
C8 NAG I . -22.02 16.71 -17.13
N2 NAG I . -21.67 18.75 -15.90
O3 NAG I . -23.86 19.80 -14.49
O4 NAG I . -23.44 22.55 -13.52
O5 NAG I . -20.11 21.02 -13.55
O6 NAG I . -19.43 23.35 -12.19
O7 NAG I . -21.21 16.79 -14.89
H1 NAG I . -20.15 21.09 -15.64
H2 NAG I . -21.45 18.96 -13.86
H3 NAG I . -22.73 21.16 -15.52
H4 NAG I . -22.66 20.95 -12.49
H5 NAG I . -20.98 22.76 -14.26
H61 NAG I . -20.82 22.10 -11.31
H62 NAG I . -21.46 23.61 -12.00
H81 NAG I . -22.87 16.06 -16.91
H82 NAG I . -22.32 17.45 -17.88
H83 NAG I . -21.19 16.11 -17.51
HN2 NAG I . -21.86 19.19 -16.78
HO3 NAG I . -24.30 20.04 -13.67
HO6 NAG I . -19.25 23.81 -11.36
C1 NAG I . -24.44 22.62 -12.44
C2 NAG I . -25.04 24.02 -12.43
C3 NAG I . -26.13 24.14 -11.36
C4 NAG I . -27.14 23.01 -11.47
C5 NAG I . -26.39 21.67 -11.48
C6 NAG I . -27.29 20.47 -11.65
C7 NAG I . -23.57 25.86 -13.17
C8 NAG I . -22.40 26.70 -12.79
N2 NAG I . -24.02 25.01 -12.23
O3 NAG I . -26.76 25.41 -11.50
O4 NAG I . -28.04 23.06 -10.35
O5 NAG I . -25.48 21.68 -12.58
O6 NAG I . -28.16 20.27 -10.54
O7 NAG I . -24.10 25.93 -14.28
H1 NAG I . -23.94 22.46 -11.50
H2 NAG I . -25.51 24.21 -13.41
H3 NAG I . -25.65 24.09 -10.38
H4 NAG I . -27.70 23.11 -12.39
H5 NAG I . -25.83 21.57 -10.54
H61 NAG I . -27.88 20.59 -12.55
H62 NAG I . -26.66 19.58 -11.75
H81 NAG I . -22.12 27.35 -13.62
H82 NAG I . -21.56 26.06 -12.52
H83 NAG I . -22.66 27.32 -11.92
HN2 NAG I . -23.60 25.07 -11.31
HO3 NAG I . -27.60 25.30 -11.95
HO6 NAG I . -28.17 21.06 -9.99
C1 BMA I . -29.40 23.41 -10.76
C2 BMA I . -30.38 23.35 -9.56
C3 BMA I . -31.78 23.80 -9.99
C4 BMA I . -31.74 25.22 -10.59
C5 BMA I . -30.76 25.27 -11.77
C6 BMA I . -30.51 26.68 -12.32
O2 BMA I . -29.90 24.20 -8.50
O3 BMA I . -32.68 23.80 -8.82
O4 BMA I . -33.07 25.57 -11.05
O5 BMA I . -29.44 24.74 -11.35
O6 BMA I . -29.75 27.44 -11.32
H1 BMA I . -29.73 22.68 -11.51
H2 BMA I . -30.44 22.31 -9.19
H3 BMA I . -32.16 23.12 -10.74
H4 BMA I . -31.42 25.93 -9.82
H5 BMA I . -31.14 24.65 -12.57
H61 BMA I . -31.46 27.17 -12.51
H62 BMA I . -29.94 26.62 -13.24
HO2 BMA I . -29.03 23.93 -8.22
HO4 BMA I . -33.05 26.45 -11.42
C1 MAN I . -33.64 22.68 -8.82
C2 MAN I . -34.74 22.92 -7.77
C3 MAN I . -34.20 22.73 -6.35
C4 MAN I . -33.51 21.37 -6.17
C5 MAN I . -32.39 21.19 -7.21
C6 MAN I . -31.76 19.79 -7.18
O2 MAN I . -35.84 22.02 -7.98
O3 MAN I . -35.30 22.84 -5.41
O4 MAN I . -32.95 21.35 -4.83
O5 MAN I . -32.93 21.41 -8.57
O6 MAN I . -31.11 19.57 -5.92
H1 MAN I . -34.11 22.63 -9.81
H2 MAN I . -35.10 23.95 -7.87
H3 MAN I . -33.47 23.52 -6.13
H4 MAN I . -34.24 20.57 -6.27
H5 MAN I . -31.61 21.93 -7.02
H61 MAN I . -31.02 19.72 -7.99
H62 MAN I . -32.53 19.05 -7.34
HO2 MAN I . -36.18 22.12 -8.87
HO3 MAN I . -35.95 22.16 -5.60
HO4 MAN I . -32.20 20.74 -4.81
HO6 MAN I . -31.16 18.64 -5.69
C1 MAN I . -29.09 28.62 -11.85
C2 MAN I . -27.99 29.09 -10.88
C3 MAN I . -28.61 29.65 -9.59
C4 MAN I . -29.65 30.75 -9.88
C5 MAN I . -30.72 30.26 -10.87
C6 MAN I . -31.67 31.37 -11.33
O2 MAN I . -27.16 30.11 -11.50
O3 MAN I . -27.54 30.20 -8.77
O4 MAN I . -30.26 31.10 -8.62
O5 MAN I . -30.08 29.69 -12.08
O6 MAN I . -32.35 31.97 -10.21
H1 MAN I . -28.63 28.37 -12.81
H2 MAN I . -27.37 28.23 -10.62
H3 MAN I . -29.08 28.85 -9.04
H4 MAN I . -29.14 31.63 -10.30
H5 MAN I . -31.30 29.48 -10.38
H61 MAN I . -31.10 32.13 -11.85
H62 MAN I . -32.41 30.95 -12.01
HO2 MAN I . -26.78 29.76 -12.30
HO3 MAN I . -26.91 29.51 -8.55
HO4 MAN I . -31.10 31.52 -8.78
HO6 MAN I . -32.46 32.90 -10.36
C1 NAG J . -17.97 24.97 -43.67
C2 NAG J . -19.00 23.87 -43.95
C3 NAG J . -19.80 24.19 -45.21
C4 NAG J . -20.53 25.52 -45.04
C5 NAG J . -19.49 26.58 -44.71
C6 NAG J . -20.09 27.91 -44.35
C7 NAG J . -18.42 21.62 -43.15
C8 NAG J . -17.68 20.35 -43.47
N2 NAG J . -18.34 22.58 -44.06
O3 NAG J . -20.72 23.14 -45.48
O4 NAG J . -21.28 25.86 -46.23
O5 NAG J . -18.74 26.16 -43.54
O6 NAG J . -19.08 28.88 -44.07
O7 NAG J . -19.05 21.75 -42.11
H1 NAG J . -17.23 25.05 -44.47
H2 NAG J . -19.69 23.82 -43.11
H3 NAG J . -19.11 24.27 -46.05
H4 NAG J . -21.23 25.44 -44.21
H5 NAG J . -18.81 26.70 -45.55
H61 NAG J . -20.69 28.27 -45.19
H62 NAG J . -20.73 27.79 -43.47
H81 NAG J . -17.81 19.63 -42.66
H82 NAG J . -16.62 20.57 -43.59
H83 NAG J . -18.06 19.93 -44.40
HN2 NAG J . -17.78 22.41 -44.89
HO3 NAG J . -20.24 22.32 -45.61
HO6 NAG J . -19.48 29.71 -43.84
C1 NAG J . -20.65 26.39 -47.43
C2 NAG J . -21.35 25.85 -48.70
C3 NAG J . -20.72 26.46 -49.96
C4 NAG J . -20.74 28.00 -49.90
C5 NAG J . -20.03 28.51 -48.62
C6 NAG J . -20.15 30.03 -48.42
C7 NAG J . -22.24 23.57 -49.03
C8 NAG J . -21.92 22.07 -49.02
N2 NAG J . -21.22 24.39 -48.75
O3 NAG J . -21.44 26.04 -51.15
O4 NAG J . -20.04 28.49 -51.06
O5 NAG J . -20.64 27.86 -47.45
O6 NAG J . -19.39 30.71 -49.44
O7 NAG J . -23.36 24.00 -49.27
H1 NAG J . -19.61 26.05 -47.45
H2 NAG J . -22.41 26.11 -48.65
H3 NAG J . -19.68 26.13 -50.03
H4 NAG J . -21.78 28.35 -49.91
H5 NAG J . -18.99 28.24 -48.67
H61 NAG J . -21.20 30.32 -48.51
H62 NAG J . -19.78 30.30 -47.44
H81 NAG J . -22.81 21.51 -49.26
H82 NAG J . -21.15 21.87 -49.78
H83 NAG J . -21.54 21.78 -48.05
HN2 NAG J . -20.32 23.97 -48.58
HO3 NAG J . -21.43 25.08 -51.20
HO4 NAG J . -19.64 29.33 -50.86
HO6 NAG J . -19.78 31.57 -49.62
C1 NAG K . 22.15 -20.40 -30.23
C2 NAG K . 22.20 -18.85 -30.38
C3 NAG K . 23.42 -18.21 -29.66
C4 NAG K . 23.74 -18.82 -28.29
C5 NAG K . 23.76 -20.35 -28.38
C6 NAG K . 24.06 -21.07 -27.07
C7 NAG K . 23.29 -18.69 -32.60
C8 NAG K . 23.28 -17.97 -33.94
N2 NAG K . 22.26 -18.46 -31.79
O3 NAG K . 23.12 -16.80 -29.46
O4 NAG K . 25.13 -18.47 -27.92
O5 NAG K . 22.45 -20.78 -28.86
O6 NAG K . 24.02 -22.49 -27.28
O7 NAG K . 24.23 -19.40 -32.25
H1 NAG K . 22.90 -20.84 -30.89
H2 NAG K . 21.29 -18.44 -29.95
H3 NAG K . 24.28 -18.30 -30.30
H4 NAG K . 23.04 -18.49 -27.53
H5 NAG K . 24.51 -20.64 -29.13
H61 NAG K . 25.05 -20.78 -26.71
H62 NAG K . 23.32 -20.79 -26.33
H81 NAG K . 24.29 -17.97 -34.36
H82 NAG K . 22.94 -16.95 -33.81
H83 NAG K . 22.60 -18.50 -34.62
HN2 NAG K . 21.46 -17.98 -32.18
HO3 NAG K . 22.48 -16.51 -30.12
HO6 NAG K . 24.21 -22.94 -26.45
C1 NAG K . 25.46 -17.16 -27.36
C2 NAG K . 26.00 -17.41 -25.96
C3 NAG K . 26.76 -16.19 -25.42
C4 NAG K . 27.75 -15.67 -26.44
C5 NAG K . 26.97 -15.32 -27.70
C6 NAG K . 27.83 -14.74 -28.80
C7 NAG K . 24.78 -18.96 -24.48
C8 NAG K . 23.44 -19.23 -23.86
N2 NAG K . 24.95 -17.76 -25.03
O3 NAG K . 27.42 -16.55 -24.21
O4 NAG K . 28.43 -14.52 -25.92
O5 NAG K . 26.39 -16.53 -28.23
O6 NAG K . 27.06 -14.44 -29.95
O7 NAG K . 25.68 -19.80 -24.46
H1 NAG K . 24.55 -16.56 -27.30
H2 NAG K . 26.70 -18.25 -26.00
H3 NAG K . 26.04 -15.41 -25.19
H4 NAG K . 28.48 -16.44 -26.67
H5 NAG K . 26.18 -14.62 -27.45
H61 NAG K . 28.29 -13.82 -28.43
H62 NAG K . 28.62 -15.45 -29.05
H81 NAG K . 23.43 -20.24 -23.44
H82 NAG K . 23.27 -18.50 -23.07
H83 NAG K . 22.67 -19.13 -24.62
HN2 NAG K . 24.28 -17.04 -24.79
HO3 NAG K . 28.27 -16.12 -24.17
HO6 NAG K . 27.63 -14.07 -30.63
C1 BMA K . 29.89 -14.68 -25.85
C2 BMA K . 30.59 -13.45 -25.24
C3 BMA K . 32.11 -13.67 -25.15
C4 BMA K . 32.43 -14.97 -24.38
C5 BMA K . 31.66 -16.19 -24.93
C6 BMA K . 31.70 -17.43 -24.04
O2 BMA K . 30.06 -13.22 -23.90
O3 BMA K . 32.70 -12.49 -24.49
O4 BMA K . 33.85 -15.25 -24.50
O5 BMA K . 30.23 -15.86 -25.05
O6 BMA K . 33.09 -17.75 -23.66
H1 BMA K . 30.27 -14.82 -26.86
H2 BMA K . 30.39 -12.58 -25.85
H3 BMA K . 32.50 -13.76 -26.16
H4 BMA K . 32.18 -14.84 -23.32
H5 BMA K . 32.05 -16.44 -25.92
H61 BMA K . 31.28 -18.28 -24.60
H62 BMA K . 31.12 -17.26 -23.14
HO2 BMA K . 30.24 -13.98 -23.34
HO4 BMA K . 34.11 -15.90 -23.84
C1 MAN K . 34.03 -12.11 -24.96
C2 MAN K . 34.64 -11.09 -23.98
C3 MAN K . 33.93 -9.73 -24.07
C4 MAN K . 33.90 -9.19 -25.51
C5 MAN K . 33.30 -10.22 -26.48
C6 MAN K . 33.44 -9.81 -27.96
O2 MAN K . 36.06 -10.89 -24.27
O3 MAN K . 34.61 -8.79 -23.20
O4 MAN K . 33.10 -7.98 -25.50
O5 MAN K . 33.95 -11.53 -26.32
O6 MAN K . 32.79 -8.56 -28.20
H1 MAN K . 34.67 -12.99 -24.99
H2 MAN K . 34.54 -11.47 -22.96
H3 MAN K . 32.90 -9.85 -23.72
H4 MAN K . 34.92 -8.95 -25.83
H5 MAN K . 32.23 -10.32 -26.25
H61 MAN K . 34.51 -9.72 -28.19
H62 MAN K . 33.00 -10.59 -28.59
HO2 MAN K . 36.52 -11.73 -24.22
HO3 MAN K . 34.58 -9.10 -22.30
HO4 MAN K . 32.81 -7.80 -26.40
HO6 MAN K . 33.29 -8.06 -28.84
C1 MAN K . 33.40 -18.95 -22.86
C2 MAN K . 32.77 -20.27 -23.41
C3 MAN K . 31.35 -20.54 -22.87
C4 MAN K . 31.25 -20.38 -21.35
C5 MAN K . 31.73 -19.00 -20.91
C6 MAN K . 31.81 -18.84 -19.38
O2 MAN K . 33.61 -21.38 -23.01
O3 MAN K . 30.96 -21.88 -23.26
O4 MAN K . 29.85 -20.56 -21.00
O5 MAN K . 33.11 -18.78 -21.42
O6 MAN K . 30.49 -18.99 -18.81
H1 MAN K . 34.48 -19.09 -22.94
H2 MAN K . 32.73 -20.22 -24.50
H3 MAN K . 30.66 -19.83 -23.34
H4 MAN K . 31.85 -21.15 -20.86
H5 MAN K . 31.07 -18.23 -21.33
H61 MAN K . 32.46 -19.59 -18.97
H62 MAN K . 32.18 -17.85 -19.14
HO2 MAN K . 34.50 -21.24 -23.33
HO3 MAN K . 30.97 -21.95 -24.22
HO4 MAN K . 29.68 -20.11 -20.16
HO6 MAN K . 30.56 -19.40 -17.94
C1 NAG L . 10.37 -38.33 12.97
C2 NAG L . 8.96 -38.64 13.49
C3 NAG L . 8.14 -39.48 12.49
C4 NAG L . 8.16 -38.90 11.09
C5 NAG L . 9.61 -38.67 10.69
C6 NAG L . 9.78 -38.01 9.35
C7 NAG L . 8.26 -39.49 15.71
C8 NAG L . 8.75 -40.19 16.95
N2 NAG L . 9.18 -39.28 14.77
O3 NAG L . 6.80 -39.62 12.94
O4 NAG L . 7.56 -39.77 10.13
O5 NAG L . 10.22 -37.79 11.66
O6 NAG L . 9.16 -36.73 9.31
O7 NAG L . 7.09 -39.13 15.60
H1 NAG L . 11.00 -39.22 12.95
H2 NAG L . 8.44 -37.70 13.65
H3 NAG L . 8.59 -40.48 12.46
H4 NAG L . 7.64 -37.94 11.09
H5 NAG L . 10.14 -39.63 10.70
H61 NAG L . 10.84 -37.90 9.13
H62 NAG L . 9.33 -38.64 8.58
H81 NAG L . 7.93 -40.32 17.65
H82 NAG L . 9.54 -39.60 17.41
H83 NAG L . 9.15 -41.17 16.68
HN2 NAG L . 10.12 -39.58 14.97
HO3 NAG L . 6.64 -39.03 13.67
HO6 NAG L . 9.28 -36.34 8.44
C1 NAG L . 6.07 -39.85 10.11
C2 NAG L . 5.48 -39.53 8.73
C3 NAG L . 3.96 -39.45 8.84
C4 NAG L . 3.38 -40.77 9.34
C5 NAG L . 4.13 -41.17 10.61
C6 NAG L . 3.79 -42.56 11.07
C7 NAG L . 6.85 -38.29 7.11
C8 NAG L . 7.10 -36.93 6.52
N2 NAG L . 6.02 -38.31 8.16
O3 NAG L . 3.40 -39.09 7.59
O4 NAG L . 1.99 -40.62 9.61
O5 NAG L . 5.56 -41.13 10.42
O6 NAG L . 4.16 -43.53 10.09
O7 NAG L . 7.37 -39.29 6.66
H1 NAG L . 5.69 -39.12 10.84
H2 NAG L . 5.73 -40.35 8.07
H3 NAG L . 3.70 -38.67 9.56
H4 NAG L . 3.53 -41.54 8.58
H5 NAG L . 3.86 -40.47 11.41
H61 NAG L . 4.32 -42.77 12.00
H62 NAG L . 2.71 -42.64 11.25
H81 NAG L . 6.16 -36.40 6.42
H82 NAG L . 7.55 -37.05 5.53
H83 NAG L . 7.77 -36.37 7.17
HN2 NAG L . 5.76 -37.43 8.58
HO3 NAG L . 2.49 -39.43 7.53
HO6 NAG L . 3.94 -44.41 10.40
C1 BMA L . 1.04 -41.48 8.91
C2 BMA L . -0.40 -41.12 9.34
C3 BMA L . -1.42 -41.97 8.58
C4 BMA L . -1.25 -41.82 7.07
C5 BMA L . 0.20 -42.17 6.65
C6 BMA L . 0.45 -41.90 5.16
O2 BMA L . -0.64 -39.72 9.06
O3 BMA L . -2.80 -41.55 8.95
O4 BMA L . -2.16 -42.72 6.40
O5 BMA L . 1.12 -41.33 7.44
O6 BMA L . 1.64 -42.63 4.66
H1 BMA L . 1.24 -42.53 9.17
H2 BMA L . -0.50 -41.29 10.41
H3 BMA L . -1.29 -43.02 8.85
H4 BMA L . -1.46 -40.80 6.78
H5 BMA L . 0.38 -43.22 6.87
H61 BMA L . -0.42 -42.22 4.59
H62 BMA L . 0.60 -40.84 5.01
HO2 BMA L . 0.01 -39.18 9.53
HO4 BMA L . -2.06 -42.63 5.44
C1 MAN L . -3.55 -42.59 9.68
C2 MAN L . -5.05 -42.22 9.74
C3 MAN L . -5.33 -41.11 10.78
C4 MAN L . -4.70 -41.41 12.16
C5 MAN L . -3.21 -41.71 12.02
C6 MAN L . -2.54 -42.17 13.33
O2 MAN L . -5.82 -43.39 10.10
O3 MAN L . -6.76 -40.98 10.94
O4 MAN L . -4.91 -40.23 12.97
O5 MAN L . -2.98 -42.79 11.02
O6 MAN L . -2.63 -41.13 14.31
H1 MAN L . -3.45 -43.52 9.12
H2 MAN L . -5.37 -41.86 8.77
H3 MAN L . -4.92 -40.17 10.41
H4 MAN L . -5.21 -42.27 12.61
H5 MAN L . -2.70 -40.80 11.67
H61 MAN L . -1.49 -42.40 13.14
H62 MAN L . -3.05 -43.06 13.70
HO2 MAN L . -5.66 -44.08 9.46
HO3 MAN L . -7.13 -41.79 11.29
HO4 MAN L . -4.24 -40.20 13.66
HO6 MAN L . -2.72 -41.51 15.19
C1 MAN L . 2.96 -42.04 4.88
C2 MAN L . 3.15 -40.75 4.06
C3 MAN L . 3.31 -41.06 2.56
C4 MAN L . 4.42 -42.10 2.30
C5 MAN L . 4.18 -43.37 3.12
C6 MAN L . 5.32 -44.37 3.00
O2 MAN L . 4.34 -40.05 4.51
O3 MAN L . 3.62 -39.82 1.87
O4 MAN L . 4.39 -42.42 0.88
O5 MAN L . 4.02 -43.01 4.56
O6 MAN L . 5.09 -45.46 3.91
H1 MAN L . 3.05 -41.79 5.93
H2 MAN L . 2.29 -40.10 4.20
H3 MAN L . 2.37 -41.44 2.19
H4 MAN L . 5.39 -41.67 2.55
H5 MAN L . 3.25 -43.84 2.77
H61 MAN L . 6.27 -43.88 3.26
H62 MAN L . 5.38 -44.74 1.98
HO2 MAN L . 4.26 -39.87 5.45
HO3 MAN L . 3.73 -39.99 0.94
HO4 MAN L . 5.07 -43.07 0.70
HO6 MAN L . 5.81 -46.09 3.85
C1 NAG M . 0.70 -25.44 6.46
C2 NAG M . 1.64 -26.44 7.11
C3 NAG M . 0.95 -27.79 7.27
C4 NAG M . -0.33 -27.63 8.07
C5 NAG M . -1.21 -26.58 7.38
C6 NAG M . -2.45 -26.24 8.16
C7 NAG M . 4.07 -26.34 6.83
C8 NAG M . 4.79 -27.50 7.42
N2 NAG M . 2.86 -26.59 6.33
O3 NAG M . 1.85 -28.68 7.91
O4 NAG M . -0.99 -28.89 8.06
O5 NAG M . -0.49 -25.35 7.23
O6 NAG M . -2.80 -24.87 8.01
O7 NAG M . 4.56 -25.21 6.80
H1 NAG M . 0.52 -25.61 5.39
H2 NAG M . 1.91 -26.06 8.10
H3 NAG M . 0.72 -28.17 6.28
H4 NAG M . -0.10 -27.32 9.09
H5 NAG M . -1.49 -26.95 6.40
H61 NAG M . -3.27 -26.86 7.81
H62 NAG M . -2.28 -26.45 9.22
H81 NAG M . 5.76 -27.18 7.79
H82 NAG M . 4.92 -28.27 6.66
H83 NAG M . 4.21 -27.91 8.25
HN2 NAG M . 2.78 -26.90 5.38
HO3 NAG M . 2.46 -29.05 7.27
HO6 NAG M . -3.70 -24.73 8.32
C1 NAG M . -1.55 -29.22 9.33
C2 NAG M . -2.83 -29.99 9.04
C3 NAG M . -3.49 -30.38 10.35
C4 NAG M . -2.51 -31.20 11.17
C5 NAG M . -1.25 -30.38 11.40
C6 NAG M . -0.18 -31.16 12.14
C7 NAG M . -3.90 -29.56 6.90
C8 NAG M . -4.49 -30.90 6.58
N2 NAG M . -3.76 -29.28 8.19
O3 NAG M . -4.68 -31.12 10.09
O4 NAG M . -3.13 -31.51 12.43
O5 NAG M . -0.68 -30.01 10.12
O6 NAG M . 0.20 -32.33 11.43
O7 NAG M . -3.56 -28.77 6.02
H1 NAG M . -1.80 -28.30 9.87
H2 NAG M . -2.55 -30.92 8.53
H3 NAG M . -3.76 -29.47 10.90
H4 NAG M . -2.27 -32.12 10.65
H5 NAG M . -1.49 -29.48 11.96
H61 NAG M . 0.69 -30.51 12.26
H62 NAG M . -0.55 -31.44 13.12
H81 NAG M . -5.07 -30.83 5.66
H82 NAG M . -5.14 -31.21 7.40
H83 NAG M . -3.69 -31.63 6.45
HN2 NAG M . -4.32 -28.54 8.60
HO3 NAG M . -5.04 -31.45 10.91
HO6 NAG M . 0.89 -32.79 11.92
C1 BMA M . -3.76 -32.81 12.74
C2 BMA M . -3.50 -33.34 14.10
C3 BMA M . -4.23 -34.68 14.28
C4 BMA M . -5.68 -34.66 13.84
C5 BMA M . -5.71 -34.06 12.46
C6 BMA M . -7.06 -33.95 11.83
O2 BMA M . -3.90 -32.39 15.09
O3 BMA M . -4.16 -35.09 15.64
O4 BMA M . -6.21 -35.98 13.80
O5 BMA M . -5.18 -32.77 12.67
O6 BMA M . -7.23 -34.94 10.81
H1 BMA M . -3.39 -33.54 12.01
H2 BMA M . -2.43 -33.52 14.21
H3 BMA M . -3.71 -35.42 13.68
H4 BMA M . -6.27 -34.04 14.51
H5 BMA M . -5.04 -34.64 11.81
H61 BMA M . -7.84 -34.08 12.60
H62 BMA M . -7.18 -32.95 11.40
HO2 BMA M . -3.73 -32.74 15.97
HO4 BMA M . -6.21 -36.35 14.67
C1 MAN M . -3.26 -36.22 15.69
C2 MAN M . -3.17 -36.82 17.09
C3 MAN M . -2.20 -36.08 18.01
C4 MAN M . -0.91 -35.74 17.31
C5 MAN M . -1.25 -35.00 16.05
C6 MAN M . -0.05 -34.53 15.26
O2 MAN M . -2.78 -38.18 16.99
O3 MAN M . -1.94 -36.90 19.15
O4 MAN M . -0.10 -34.92 18.14
O5 MAN M . -1.96 -35.90 15.20
O6 MAN M . 0.29 -33.21 15.60
H1 MAN M . -3.67 -36.99 15.04
H2 MAN M . -4.16 -36.78 17.53
H3 MAN M . -2.68 -35.16 18.35
H4 MAN M . -0.36 -36.66 17.07
H5 MAN M . -1.88 -34.15 16.28
H61 MAN M . 0.79 -35.19 15.46
H62 MAN M . -0.29 -34.57 14.19
HO2 MAN M . -1.93 -38.24 16.55
HO3 MAN M . -2.76 -37.07 19.61
HO4 MAN M . 0.12 -35.39 18.95
HO6 MAN M . 0.49 -32.71 14.80
C1 MAN M . -7.29 -34.43 9.44
C2 MAN M . -7.76 -35.49 8.49
C3 MAN M . -6.72 -36.57 8.33
C4 MAN M . -5.39 -35.97 7.90
C5 MAN M . -4.97 -34.84 8.84
C6 MAN M . -3.79 -34.09 8.30
O2 MAN M . -8.07 -34.90 7.23
O3 MAN M . -7.16 -37.52 7.38
O4 MAN M . -4.39 -36.98 7.93
O5 MAN M . -6.03 -33.88 8.98
O6 MAN M . -2.66 -34.21 9.15
H1 MAN M . -8.01 -33.62 9.42
H2 MAN M . -8.66 -35.93 8.89
H3 MAN M . -6.58 -37.07 9.30
H4 MAN M . -5.48 -35.58 6.89
H5 MAN M . -4.72 -35.26 9.81
H61 MAN M . -3.52 -34.47 7.31
H62 MAN M . -4.05 -33.03 8.19
HO2 MAN M . -8.37 -35.58 6.62
HO3 MAN M . -6.50 -38.21 7.29
HO4 MAN M . -3.55 -36.61 7.64
HO6 MAN M . -1.92 -33.71 8.79
C1 NAG N . -0.72 18.14 27.77
C2 NAG N . 0.64 18.80 28.01
C3 NAG N . 0.48 20.28 28.33
C4 NAG N . -0.27 20.97 27.20
C5 NAG N . -1.63 20.28 27.12
C6 NAG N . -2.54 20.86 26.05
C7 NAG N . 2.47 17.37 28.84
C8 NAG N . 3.23 16.96 30.06
N2 NAG N . 1.39 18.13 29.06
O3 NAG N . 1.76 20.87 28.53
O4 NAG N . -0.40 22.38 27.38
O5 NAG N . -1.40 18.89 26.78
O6 NAG N . -3.78 20.16 26.01
O7 NAG N . 2.82 17.04 27.71
H1 NAG N . -1.29 18.07 28.69
H2 NAG N . 1.22 18.72 27.09
H3 NAG N . -0.09 20.39 29.25
H4 NAG N . 0.27 20.79 26.27
H5 NAG N . -2.13 20.34 28.09
H61 NAG N . -2.71 21.91 26.27
H62 NAG N . -2.04 20.77 25.08
H81 NAG N . 4.14 17.55 30.14
H82 NAG N . 2.61 17.13 30.94
H83 NAG N . 3.48 15.89 29.99
HN2 NAG N . 1.07 18.24 30.00
HO3 NAG N . 1.66 21.81 28.74
HO6 NAG N . -4.33 20.55 25.32
C1 NAG N . -0.99 23.05 28.54
C2 NAG N . -0.23 24.37 28.66
C3 NAG N . -0.82 25.28 29.75
C4 NAG N . -2.31 25.47 29.54
C5 NAG N . -2.96 24.09 29.46
C6 NAG N . -4.44 24.15 29.18
C7 NAG N . 2.16 24.35 28.04
C8 NAG N . 3.53 23.98 28.51
N2 NAG N . 1.18 24.14 28.93
O3 NAG N . -0.14 26.52 29.73
O4 NAG N . -2.86 26.23 30.62
O5 NAG N . -2.37 23.32 28.39
O6 NAG N . -5.00 22.84 29.11
O7 NAG N . 1.95 24.81 26.93
H1 NAG N . -0.83 22.45 29.44
H2 NAG N . -0.31 24.90 27.71
H3 NAG N . -0.67 24.80 30.72
H4 NAG N . -2.49 25.99 28.60
H5 NAG N . -2.80 23.56 30.41
H61 NAG N . -4.61 24.66 28.24
H62 NAG N . -4.94 24.71 29.98
H81 NAG N . 4.25 24.19 27.72
H82 NAG N . 3.79 24.57 29.39
H83 NAG N . 3.57 22.92 28.75
HN2 NAG N . 1.43 23.80 29.85
HO3 NAG N . -0.67 27.17 29.28
HO6 NAG N . -5.95 22.90 28.93
C1 BMA N . -3.58 27.45 30.24
C2 BMA N . -4.21 28.10 31.49
C3 BMA N . -4.99 29.37 31.12
C4 BMA N . -4.14 30.34 30.29
C5 BMA N . -3.41 29.65 29.11
C6 BMA N . -2.39 30.60 28.50
O2 BMA N . -3.18 28.43 32.45
O3 BMA N . -5.46 30.15 32.31
O4 BMA N . -4.99 31.38 29.78
O5 BMA N . -2.71 28.45 29.60
O6 BMA N . -1.80 30.00 27.29
H1 BMA N . -4.38 27.19 29.55
H2 BMA N . -4.90 27.39 31.95
H3 BMA N . -5.86 29.08 30.53
H4 BMA N . -3.38 30.78 30.94
H5 BMA N . -4.15 29.37 28.36
H61 BMA N . -2.89 31.54 28.22
H62 BMA N . -1.60 30.81 29.21
HO2 BMA N . -3.57 28.52 33.33
HO4 BMA N . -5.40 31.84 30.52
C1 MAN N . -6.04 29.43 33.45
C2 MAN N . -7.22 30.22 34.03
C3 MAN N . -6.74 31.52 34.71
C4 MAN N . -5.65 31.25 35.75
C5 MAN N . -4.48 30.47 35.13
C6 MAN N . -3.42 30.03 36.17
O2 MAN N . -7.94 29.41 34.99
O3 MAN N . -7.89 32.14 35.35
O4 MAN N . -5.17 32.54 36.22
O5 MAN N . -4.98 29.24 34.47
O6 MAN N . -2.83 31.18 36.79
H1 MAN N . -6.38 28.46 33.11
H2 MAN N . -7.90 30.49 33.21
H3 MAN N . -6.35 32.19 33.95
H4 MAN N . -6.06 30.69 36.59
H5 MAN N . -3.99 31.09 34.39
H61 MAN N . -3.90 29.42 36.92
H62 MAN N . -2.66 29.44 35.66
HO2 MAN N . -8.24 28.60 34.56
HO3 MAN N . -8.55 32.36 34.69
HO4 MAN N . -4.29 32.45 36.56
HO6 MAN N . -2.61 30.99 37.69
C1 MAN N . -1.15 31.00 26.45
C2 MAN N . -0.78 30.38 25.09
C3 MAN N . 0.43 29.44 25.19
C4 MAN N . 1.62 30.11 25.90
C5 MAN N . 1.19 30.61 27.29
C6 MAN N . 2.30 31.38 28.03
O2 MAN N . -0.48 31.42 24.14
O3 MAN N . 0.82 29.05 23.85
O4 MAN N . 2.67 29.12 26.03
O5 MAN N . 0.04 31.54 27.13
O6 MAN N . 3.42 30.51 28.29
H1 MAN N . -1.85 31.82 26.28
H2 MAN N . -1.64 29.81 24.73
H3 MAN N . 0.14 28.55 25.74
H4 MAN N . 1.97 30.95 25.30
H5 MAN N . 0.88 29.76 27.90
H61 MAN N . 2.63 32.22 27.42
H62 MAN N . 1.90 31.75 28.98
HO2 MAN N . -1.23 32.01 24.06
HO3 MAN N . 0.11 28.59 23.42
HO4 MAN N . 3.20 29.32 26.80
HO6 MAN N . 4.23 31.02 28.28
C1 NAG O . -3.79 6.64 53.45
C2 NAG O . -3.54 5.50 54.44
C3 NAG O . -3.63 6.02 55.87
C4 NAG O . -2.65 7.16 56.11
C5 NAG O . -2.76 8.18 54.96
C6 NAG O . -1.65 9.19 54.98
C7 NAG O . -4.07 3.21 53.72
C8 NAG O . -5.17 2.21 53.55
N2 NAG O . -4.44 4.40 54.22
O3 NAG O . -3.40 4.95 56.77
O4 NAG O . -2.96 7.83 57.34
O5 NAG O . -2.68 7.50 53.69
O6 NAG O . -1.79 10.13 53.93
O7 NAG O . -2.91 2.96 53.41
H1 NAG O . -4.73 7.14 53.67
H2 NAG O . -2.51 5.15 54.28
H3 NAG O . -4.64 6.39 56.04
H4 NAG O . -1.64 6.77 56.15
H5 NAG O . -3.72 8.69 55.04
H61 NAG O . -1.66 9.72 55.93
H62 NAG O . -0.69 8.68 54.87
H81 NAG O . -5.76 2.16 54.46
H82 NAG O . -4.74 1.23 53.34
H83 NAG O . -5.82 2.51 52.72
HN2 NAG O . -5.41 4.52 54.46
HO3 NAG O . -2.77 5.23 57.44
HO6 NAG O . -1.07 10.76 53.96
C1 NAG O . -1.95 7.78 58.37
C2 NAG O . -2.11 9.05 59.22
C3 NAG O . -1.14 9.03 60.39
C4 NAG O . -1.23 7.73 61.17
C5 NAG O . -1.09 6.55 60.22
C6 NAG O . -1.27 5.20 60.89
C7 NAG O . -2.94 11.04 58.03
C8 NAG O . -2.54 12.17 57.13
N2 NAG O . -1.95 10.22 58.39
O3 NAG O . -1.39 10.15 61.24
O4 NAG O . -0.19 7.71 62.14
O5 NAG O . -2.10 6.63 59.20
O6 NAG O . -0.29 4.96 61.90
O7 NAG O . -4.08 10.89 58.41
H1 NAG O . -0.96 7.78 57.92
H2 NAG O . -3.13 9.05 59.62
H3 NAG O . -0.12 9.13 59.99
H4 NAG O . -2.20 7.67 61.67
H5 NAG O . -0.10 6.58 59.75
H61 NAG O . -2.25 5.17 61.35
H62 NAG O . -1.20 4.41 60.13
H81 NAG O . -3.42 12.78 56.90
H82 NAG O . -1.79 12.79 57.62
H83 NAG O . -2.13 11.77 56.20
HN2 NAG O . -1.01 10.43 58.06
HO3 NAG O . -2.28 10.09 61.57
HO4 NAG O . 0.04 6.80 62.33
HO6 NAG O . -0.68 4.44 62.60
C1 NAG P . -27.64 -10.30 30.89
C2 NAG P . -29.12 -9.97 30.78
C3 NAG P . -29.81 -11.03 29.91
C4 NAG P . -29.17 -11.11 28.53
C5 NAG P . -27.66 -11.14 28.66
C6 NAG P . -26.96 -10.90 27.34
C7 NAG P . -29.95 -10.83 32.93
C8 NAG P . -30.86 -10.52 34.09
N2 NAG P . -29.75 -9.83 32.07
O3 NAG P . -31.20 -10.73 29.82
O4 NAG P . -29.62 -12.30 27.87
O5 NAG P . -27.20 -10.09 29.55
O6 NAG P . -27.28 -9.62 26.79
O7 NAG P . -29.44 -11.93 32.81
H1 NAG P . -27.47 -11.32 31.22
H2 NAG P . -29.22 -9.02 30.25
H3 NAG P . -29.70 -11.99 30.40
H4 NAG P . -29.47 -10.24 27.95
H5 NAG P . -27.35 -12.10 29.06
H61 NAG P . -25.87 -10.95 27.50
H62 NAG P . -27.26 -11.67 26.63
H81 NAG P . -30.96 -11.40 34.73
H82 NAG P . -30.44 -9.69 34.67
H83 NAG P . -31.83 -10.22 33.71
HN2 NAG P . -30.05 -8.91 32.35
HO3 NAG P . -31.62 -11.37 29.26
HO6 NAG P . -26.82 -9.50 25.96
C1 NAG P . -30.70 -12.11 26.88
C2 NAG P . -30.45 -12.89 25.59
C3 NAG P . -31.52 -12.52 24.55
C4 NAG P . -32.92 -12.80 25.11
C5 NAG P . -33.03 -12.05 26.43
C6 NAG P . -34.34 -12.27 27.17
C7 NAG P . -28.14 -13.58 25.10
C8 NAG P . -26.83 -13.14 24.51
N2 NAG P . -29.11 -12.67 25.09
O3 NAG P . -31.29 -13.21 23.33
O4 NAG P . -33.88 -12.37 24.15
O5 NAG P . -31.98 -12.52 27.31
O6 NAG P . -35.44 -11.64 26.54
O7 NAG P . -28.30 -14.70 25.55
H1 NAG P . -30.75 -11.04 26.63
H2 NAG P . -30.55 -13.95 25.81
H3 NAG P . -31.44 -11.45 24.36
H4 NAG P . -33.02 -13.86 25.27
H5 NAG P . -32.90 -10.99 26.26
H61 NAG P . -34.23 -11.87 28.18
H62 NAG P . -34.54 -13.34 27.23
H81 NAG P . -26.12 -13.96 24.56
H82 NAG P . -26.44 -12.29 25.07
H83 NAG P . -26.98 -12.86 23.46
HN2 NAG P . -28.90 -11.75 24.71
HO3 NAG P . -31.76 -14.05 23.35
HO6 NAG P . -35.88 -12.26 25.96
C1 BMA P . -34.96 -13.26 23.67
C2 BMA P . -34.52 -14.43 22.76
C3 BMA P . -35.76 -15.18 22.26
C4 BMA P . -36.66 -15.64 23.44
C5 BMA P . -37.02 -14.46 24.36
C6 BMA P . -37.76 -14.91 25.63
O2 BMA P . -33.69 -15.38 23.48
O3 BMA P . -35.32 -16.33 21.51
O4 BMA P . -37.87 -16.21 22.90
O5 BMA P . -35.79 -13.74 24.78
O6 BMA P . -39.09 -15.33 25.27
H1 BMA P . -35.61 -12.64 23.05
H2 BMA P . -33.96 -14.04 21.90
H3 BMA P . -36.34 -14.52 21.61
H4 BMA P . -36.13 -16.39 24.03
H5 BMA P . -37.66 -13.76 23.81
H61 BMA P . -37.21 -15.73 26.09
H62 BMA P . -37.81 -14.07 26.33
HO2 BMA P . -34.09 -15.56 24.34
HO3 BMA P . -36.09 -16.82 21.19
HO4 BMA P . -38.59 -16.06 23.52
HO6 BMA P . -39.40 -15.96 25.92
C1 NAG Q . -31.38 10.56 20.69
C2 NAG Q . -30.29 11.51 20.22
C3 NAG Q . -29.46 10.90 19.08
C4 NAG Q . -28.91 9.53 19.44
C5 NAG Q . -30.05 8.69 19.98
C6 NAG Q . -29.58 7.36 20.52
C7 NAG Q . -30.79 13.92 20.49
C8 NAG Q . -31.64 15.04 19.99
N2 NAG Q . -30.88 12.77 19.80
O3 NAG Q . -28.41 11.81 18.76
O4 NAG Q . -28.37 8.84 18.30
O5 NAG Q . -30.69 9.38 21.08
O6 NAG Q . -30.68 6.57 20.95
O7 NAG Q . -30.05 14.05 21.47
H1 NAG Q . -32.13 10.37 19.92
H2 NAG Q . -29.61 11.71 21.05
H3 NAG Q . -30.10 10.80 18.20
H4 NAG Q . -28.14 9.63 20.19
H5 NAG Q . -30.79 8.52 19.20
H61 NAG Q . -29.06 6.82 19.72
H62 NAG Q . -28.90 7.53 21.35
H81 NAG Q . -31.64 15.05 18.90
H82 NAG Q . -32.66 14.91 20.36
H83 NAG Q . -31.24 15.99 20.36
HN2 NAG Q . -31.40 12.79 18.95
HO3 NAG Q . -27.90 11.47 18.02
HO6 NAG Q . -30.35 5.73 21.29
C1 NAG Q . -26.96 8.99 17.95
C2 NAG Q . -26.42 7.71 17.31
C3 NAG Q . -24.95 7.86 16.91
C4 NAG Q . -24.70 9.11 16.08
C5 NAG Q . -25.33 10.29 16.82
C6 NAG Q . -25.22 11.61 16.09
C7 NAG Q . -27.50 5.61 18.01
C8 NAG Q . -27.52 4.54 19.06
N2 NAG Q . -26.62 6.60 18.20
O3 NAG Q . -24.54 6.70 16.20
O4 NAG Q . -23.30 9.34 15.91
O5 NAG Q . -26.73 10.01 16.98
O6 NAG Q . -23.87 12.08 16.03
O7 NAG Q . -28.25 5.59 17.04
H1 NAG Q . -26.39 9.22 18.84
H2 NAG Q . -26.99 7.52 16.40
H3 NAG Q . -24.35 7.92 17.83
H4 NAG Q . -25.18 9.00 15.11
H5 NAG Q . -24.86 10.38 17.80
H61 NAG Q . -25.61 11.49 15.08
H62 NAG Q . -25.83 12.35 16.61
H81 NAG Q . -28.27 3.80 18.80
H82 NAG Q . -26.54 4.07 19.10
H83 NAG Q . -27.76 4.98 20.02
HN2 NAG Q . -26.04 6.55 19.04
HO3 NAG Q . -25.08 6.61 15.41
HO6 NAG Q . -23.43 11.64 15.29
C1 BMA Q . -22.66 8.88 14.67
C2 BMA Q . -23.21 9.58 13.42
C3 BMA Q . -22.38 9.26 12.17
C4 BMA Q . -20.88 9.54 12.39
C5 BMA Q . -20.37 8.80 13.63
C6 BMA Q . -18.92 9.15 14.01
O2 BMA Q . -23.23 11.02 13.61
O3 BMA Q . -22.87 10.06 11.07
O4 BMA Q . -20.17 9.08 11.22
O5 BMA Q . -21.21 9.17 14.79
O6 BMA Q . -18.03 8.74 12.94
H1 BMA Q . -22.80 7.80 14.58
H2 BMA Q . -24.24 9.24 13.25
H3 BMA Q . -22.50 8.21 11.92
H4 BMA Q . -20.72 10.61 12.51
H5 BMA Q . -20.44 7.72 13.47
H61 BMA Q . -18.84 10.22 14.16
H62 BMA Q . -18.65 8.63 14.93
HO2 BMA Q . -23.86 11.42 13.00
HO3 BMA Q . -22.36 9.87 10.28
HO4 BMA Q . -19.27 8.86 11.45
HO6 BMA Q . -17.29 9.35 12.89
C1 NAG R . -37.72 19.02 17.51
C2 NAG R . -38.64 19.09 16.29
C3 NAG R . -38.88 17.71 15.66
C4 NAG R . -37.55 17.01 15.37
C5 NAG R . -36.72 17.03 16.64
C6 NAG R . -35.36 16.41 16.46
C7 NAG R . -40.27 20.94 16.30
C8 NAG R . -41.51 21.45 16.98
N2 NAG R . -39.89 19.71 16.66
O3 NAG R . -39.64 17.84 14.47
O4 NAG R . -37.76 15.64 15.00
O5 NAG R . -36.53 18.40 17.05
O6 NAG R . -34.70 16.21 17.70
O7 NAG R . -39.66 21.60 15.48
H1 NAG R . -38.18 18.44 18.32
H2 NAG R . -38.16 19.72 15.54
H3 NAG R . -39.44 17.10 16.37
H4 NAG R . -37.02 17.53 14.57
H5 NAG R . -37.26 16.50 17.43
H61 NAG R . -34.75 17.06 15.83
H62 NAG R . -35.47 15.44 15.96
H81 NAG R . -41.73 22.45 16.61
H82 NAG R . -42.35 20.79 16.77
H83 NAG R . -41.35 21.49 18.06
HN2 NAG R . -40.52 19.17 17.25
HO3 NAG R . -39.17 18.39 13.85
HO6 NAG R . -33.85 15.82 17.56
C1 NAG R . -37.78 15.19 13.58
C2 NAG R . -36.43 15.19 12.85
C3 NAG R . -36.54 14.59 11.46
C4 NAG R . -37.20 13.22 11.48
C5 NAG R . -38.51 13.33 12.24
C6 NAG R . -39.20 12.00 12.42
C7 NAG R . -34.74 16.93 13.29
C8 NAG R . -34.61 18.41 13.47
N2 NAG R . -35.87 16.52 12.70
O3 NAG R . -35.23 14.50 10.90
O4 NAG R . -37.45 12.78 10.13
O5 NAG R . -38.26 13.85 13.57
O6 NAG R . -40.42 12.15 13.14
O7 NAG R . -33.87 16.16 13.66
H1 NAG R . -38.47 15.82 13.04
H2 NAG R . -35.73 14.59 13.44
H3 NAG R . -37.14 15.25 10.84
H4 NAG R . -36.54 12.50 11.97
H5 NAG R . -39.18 14.01 11.71
H61 NAG R . -39.41 11.57 11.44
H62 NAG R . -38.55 11.32 12.97
H81 NAG R . -33.67 18.64 13.96
H82 NAG R . -34.64 18.90 12.49
H83 NAG R . -35.44 18.78 14.08
HN2 NAG R . -36.34 17.16 12.09
HO3 NAG R . -34.96 13.58 10.87
HO6 NAG R . -40.85 11.30 13.24
C1 BMA R . -36.85 11.53 9.66
C2 BMA R . -37.36 11.28 8.22
C3 BMA R . -36.73 10.00 7.65
C4 BMA R . -35.20 10.05 7.71
C5 BMA R . -34.70 10.34 9.14
C6 BMA R . -33.20 10.57 9.25
O2 BMA R . -37.01 12.39 7.36
O3 BMA R . -37.16 9.82 6.24
O4 BMA R . -34.67 8.78 7.27
O5 BMA R . -35.38 11.56 9.65
O6 BMA R . -32.78 11.59 8.27
H1 BMA R . -37.18 10.71 10.30
H2 BMA R . -38.45 11.16 8.25
H3 BMA R . -37.08 9.15 8.23
H4 BMA R . -34.84 10.84 7.04
H5 BMA R . -34.98 9.50 9.77
H61 BMA R . -32.96 10.91 10.25
H62 BMA R . -32.67 9.63 9.04
HO2 BMA R . -37.41 13.20 7.71
HO4 BMA R . -33.71 8.80 7.30
C1 MAN R . -38.21 8.82 6.07
C2 MAN R . -38.30 8.42 4.59
C3 MAN R . -38.91 9.56 3.75
C4 MAN R . -40.26 10.02 4.30
C5 MAN R . -40.14 10.42 5.78
C6 MAN R . -41.50 10.73 6.43
O2 MAN R . -39.13 7.24 4.43
O3 MAN R . -39.07 9.09 2.38
O4 MAN R . -40.67 11.18 3.53
O5 MAN R . -39.50 9.34 6.57
O6 MAN R . -42.10 11.87 5.79
H1 MAN R . -37.95 7.93 6.65
H2 MAN R . -37.31 8.20 4.21
H3 MAN R . -38.21 10.40 3.75
H4 MAN R . -41.00 9.24 4.19
H5 MAN R . -39.52 11.32 5.85
H61 MAN R . -42.16 9.86 6.32
H62 MAN R . -41.36 10.94 7.49
HO2 MAN R . -38.77 6.52 4.95
HO3 MAN R . -39.44 9.80 1.85
HO4 MAN R . -41.28 11.72 4.04
HO6 MAN R . -43.06 11.77 5.79
C1 MAN R . -31.52 12.24 8.58
C2 MAN R . -31.33 13.42 7.59
C3 MAN R . -31.08 12.90 6.17
C4 MAN R . -29.89 11.92 6.12
C5 MAN R . -30.06 10.77 7.12
C6 MAN R . -28.80 9.92 7.28
O2 MAN R . -30.22 14.25 8.00
O3 MAN R . -30.82 14.03 5.30
O4 MAN R . -29.81 11.40 4.77
O5 MAN R . -30.40 11.29 8.46
O6 MAN R . -28.41 9.35 6.01
H1 MAN R . -31.56 12.63 9.60
H2 MAN R . -32.24 14.03 7.59
H3 MAN R . -31.97 12.38 5.82
H4 MAN R . -28.97 12.47 6.35
H5 MAN R . -30.88 10.13 6.78
H61 MAN R . -27.99 10.54 7.64
H62 MAN R . -28.99 9.11 7.99
HO2 MAN R . -30.38 14.58 8.89
HO3 MAN R . -30.05 14.51 5.62
HO4 MAN R . -29.28 10.61 4.77
HO6 MAN R . -27.45 9.33 5.95
C1 NAG S . 4.55 33.94 -52.28
C2 NAG S . 3.89 32.66 -52.78
C3 NAG S . 4.22 32.43 -54.25
C4 NAG S . 3.81 33.65 -55.08
C5 NAG S . 4.37 34.91 -54.45
C6 NAG S . 3.86 36.17 -55.11
C7 NAG S . 3.43 30.94 -51.08
C8 NAG S . 4.05 29.87 -50.22
N2 NAG S . 4.26 31.53 -51.95
O3 NAG S . 3.58 31.26 -54.72
O4 NAG S . 4.32 33.50 -56.40
O5 NAG S . 3.98 34.98 -53.07
O6 NAG S . 4.42 37.33 -54.50
O7 NAG S . 2.26 31.25 -50.98
H1 NAG S . 5.65 33.91 -52.36
H2 NAG S . 2.80 32.80 -52.69
H3 NAG S . 5.29 32.30 -54.34
H4 NAG S . 2.72 33.71 -55.11
H5 NAG S . 5.46 34.89 -54.51
H61 NAG S . 4.13 36.17 -56.16
H62 NAG S . 2.78 36.21 -55.02
H81 NAG S . 3.29 29.46 -49.56
H82 NAG S . 4.45 29.08 -50.86
H83 NAG S . 4.85 30.30 -49.63
HN2 NAG S . 5.20 31.18 -52.02
HO3 NAG S . 2.62 31.35 -54.63
HO4 NAG S . 4.06 34.26 -56.92
HO6 NAG S . 4.08 38.12 -54.93
C1 NAG T . -19.70 -12.46 57.46
C2 NAG T . -18.19 -12.67 57.62
C3 NAG T . -17.90 -13.41 58.91
C4 NAG T . -18.50 -12.66 60.10
C5 NAG T . -19.97 -12.36 59.82
C6 NAG T . -20.60 -11.45 60.86
C7 NAG T . -16.87 -12.75 55.54
C8 NAG T . -16.71 -13.48 54.25
N2 NAG T . -17.64 -13.34 56.46
O3 NAG T . -16.50 -13.57 59.09
O4 NAG T . -18.41 -13.49 61.26
O5 NAG T . -20.08 -11.65 58.57
O6 NAG T . -21.96 -11.19 60.56
O7 NAG T . -16.33 -11.66 55.75
H1 NAG T . -20.26 -13.40 57.41
H2 NAG T . -17.73 -11.68 57.69
H3 NAG T . -18.36 -14.40 58.86
H4 NAG T . -17.96 -11.74 60.27
H5 NAG T . -20.54 -13.29 59.77
H61 NAG T . -20.53 -11.95 61.84
H62 NAG T . -20.04 -10.51 60.90
H81 NAG T . -16.06 -12.91 53.58
H82 NAG T . -17.69 -13.61 53.78
H83 NAG T . -16.27 -14.46 54.44
HN2 NAG T . -17.87 -14.32 56.33
HO3 NAG T . -16.08 -12.71 59.13
HO4 NAG T . -18.79 -13.02 62.01
HO6 NAG T . -22.34 -10.63 61.24
#